data_4AU3
#
_entry.id   4AU3
#
_cell.length_a   101.260
_cell.length_b   101.260
_cell.length_c   366.980
_cell.angle_alpha   90.00
_cell.angle_beta   90.00
_cell.angle_gamma   90.00
#
_symmetry.space_group_name_H-M   'P 41 2 2'
#
loop_
_entity.id
_entity.type
_entity.pdbx_description
1 polymer 'SERPIN PEPTIDASE INHIBITOR, CLADE H (HEAT SHOCK PROTEIN 47 ), MEMBER 1, (COLLAGEN BINDING PROTEIN 1)'
2 polymer 'SERPYIN PEPTIDASE INHIBITOR, CLADE H (HEAT SHOCK PROTEIN 47 ), MEMBER 1, (COLLAGEN BINDING PROTEIN 1)'
3 polymer '18ER COLLAGEN MODEL PEPTIDE 15-R8'
#
loop_
_entity_poly.entity_id
_entity_poly.type
_entity_poly.pdbx_seq_one_letter_code
_entity_poly.pdbx_strand_id
1 'polypeptide(L)'
;(MSE)LSPKAATLAERSAGLAFSLYQA(MSE)AKDQAVENILLSPVVVASSLGLVSLGGKATTASQAKAVLSAEQLRDEE
VHAGLGELLRSLSNSTARNVTWKLGSRLYGPSSVSFAEDFVRSSKQHYNCEHSKINFRDKRSALQSINEWAAQTTDGKLP
EVTKDVERTDGALLVNA(MSE)FFKPHWDEKFHHK(MSE)VDNRGF(MSE)VTRSYTVGVT(MSE)(MSE)HRTGLYNYY
DDEKEKLQIVE(MSE)PLAHKLSSLIIL(MSE)PHHVEPLERLEKLLTKEQLKIW(MSE)GK(MSE)QKKAVAISLPKGV
VEVTHDLQKHLAGLGLTEAIDKNKADLSR(MSE)SGKKDLYLASVFHATAFEWDTEGNPFDQDIYGREELRSPKLFYADH
PFIFLVRDTQSGSLLFIGRLVRPKGDK(MSE)RDELLEHHHHHH
;
A,C,D
2 'polypeptide(L)'
;(MSE)LSPKAATLAERSAGLAFSLYQA(MSE)AKDQAVENILLSPVVVASSLGLVSLGGKATTASQAKAVLSAEQLRDEE
VHAGLGELLRSLSNSTARNVTWKLGSRLYGPSSVSFAEDFVRSSKQHYNCEHSKINFRDKRSALQSINEWAAQTTDGKLP
EVTKDVERTDGALLVNA(MSE)FFKPHWDEKFHHK(MSE)VDNRGF(MSE)VTRSYTVGVT(MSE)(MSE)HRTGLYNYY
DDEKEKLQIVE(MSE)PLAHKLSSLIIL(MSE)PHHVEPLERLEKLLTKEQLKIW(MSE)GK(MSE)QKKAVAISLPKGV
VEVTHDLQKHLAGLGLTEAIDKNKSDLSR(MSE)SGKKDLYLASVFHATAFEWDTEGNPFDQDIYGREELRSPKLFYADH
PFIFLVRDTQSGSLLFIGRLVRPKGDK(MSE)RDELLEHHHHHH
;
B
3 'polypeptide(L)' (ACE)PPGPPGPPGPRGPPGPPG(NH2) E,F,G,H,I,J
#
loop_
_chem_comp.id
_chem_comp.type
_chem_comp.name
_chem_comp.formula
ACE non-polymer 'ACETYL GROUP' 'C2 H4 O'
NH2 non-polymer 'AMINO GROUP' 'H2 N'
#
# COMPACT_ATOMS: atom_id res chain seq x y z
N MSE A 1 15.50 -59.64 37.11
CA MSE A 1 15.70 -60.20 35.77
C MSE A 1 15.15 -61.63 35.66
O MSE A 1 15.33 -62.43 36.57
CB MSE A 1 17.17 -60.17 35.38
CG MSE A 1 17.39 -60.43 33.89
SE MSE A 1 19.21 -61.01 33.50
CE MSE A 1 19.16 -62.92 34.32
N LEU A 2 14.51 -61.94 34.52
CA LEU A 2 13.94 -63.25 34.22
C LEU A 2 15.02 -64.32 34.11
N SER A 3 14.68 -65.55 34.53
CA SER A 3 15.53 -66.73 34.42
C SER A 3 15.62 -67.10 32.93
N PRO A 4 16.67 -67.79 32.46
CA PRO A 4 16.76 -68.10 31.01
C PRO A 4 15.55 -68.85 30.44
N LYS A 5 14.98 -69.77 31.22
CA LYS A 5 13.81 -70.52 30.79
C LYS A 5 12.57 -69.64 30.68
N ALA A 6 12.31 -68.78 31.70
CA ALA A 6 11.19 -67.82 31.67
C ALA A 6 11.30 -66.87 30.45
N ALA A 7 12.54 -66.43 30.14
CA ALA A 7 12.87 -65.56 29.02
C ALA A 7 12.48 -66.19 27.69
N THR A 8 12.81 -67.47 27.51
CA THR A 8 12.46 -68.20 26.27
C THR A 8 10.94 -68.41 26.13
N LEU A 9 10.26 -68.68 27.25
CA LEU A 9 8.79 -68.85 27.30
C LEU A 9 8.12 -67.50 26.92
N ALA A 10 8.70 -66.37 27.41
CA ALA A 10 8.27 -65.00 27.15
C ALA A 10 8.32 -64.68 25.66
N GLU A 11 9.37 -65.15 24.96
CA GLU A 11 9.52 -64.94 23.55
C GLU A 11 8.40 -65.67 22.81
N ARG A 12 8.09 -66.91 23.24
CA ARG A 12 7.05 -67.73 22.63
C ARG A 12 5.69 -67.13 22.92
N SER A 13 5.49 -66.55 24.15
CA SER A 13 4.27 -65.88 24.62
C SER A 13 3.93 -64.72 23.73
N ALA A 14 4.94 -63.94 23.36
CA ALA A 14 4.86 -62.78 22.46
C ALA A 14 4.42 -63.25 21.05
N GLY A 15 5.15 -64.22 20.49
CA GLY A 15 4.88 -64.83 19.19
C GLY A 15 3.46 -65.38 19.09
N LEU A 16 3.01 -65.99 20.18
CA LEU A 16 1.70 -66.60 20.30
C LEU A 16 0.63 -65.51 20.29
N ALA A 17 0.86 -64.43 21.08
CA ALA A 17 -0.02 -63.26 21.14
C ALA A 17 -0.08 -62.55 19.77
N PHE A 18 1.03 -62.54 19.00
CA PHE A 18 1.00 -61.95 17.66
C PHE A 18 0.10 -62.81 16.78
N SER A 19 0.22 -64.15 16.87
CA SER A 19 -0.58 -65.11 16.09
C SER A 19 -2.05 -65.00 16.44
N LEU A 20 -2.35 -64.86 17.74
CA LEU A 20 -3.70 -64.69 18.25
C LEU A 20 -4.31 -63.40 17.76
N TYR A 21 -3.56 -62.28 17.88
CA TYR A 21 -3.98 -60.96 17.39
C TYR A 21 -4.32 -61.06 15.89
N GLN A 22 -3.42 -61.61 15.07
CA GLN A 22 -3.61 -61.75 13.62
C GLN A 22 -4.84 -62.52 13.26
N ALA A 23 -5.09 -63.62 13.96
CA ALA A 23 -6.24 -64.52 13.82
C ALA A 23 -7.53 -63.76 14.05
N MSE A 24 -7.57 -63.00 15.15
CA MSE A 24 -8.73 -62.22 15.55
C MSE A 24 -8.98 -61.01 14.63
O MSE A 24 -10.14 -60.71 14.32
CB MSE A 24 -8.60 -61.75 16.99
CG MSE A 24 -8.44 -62.86 17.98
SE MSE A 24 -8.57 -62.17 19.78
CE MSE A 24 -10.10 -63.22 20.20
N ALA A 25 -7.88 -60.31 14.21
CA ALA A 25 -7.94 -59.14 13.33
C ALA A 25 -8.58 -59.49 11.98
N LYS A 26 -8.43 -60.75 11.53
CA LYS A 26 -9.02 -61.26 10.28
C LYS A 26 -10.54 -61.42 10.41
N ASP A 27 -11.07 -61.54 11.63
CA ASP A 27 -12.51 -61.65 11.89
C ASP A 27 -13.15 -60.26 11.81
N GLN A 28 -14.10 -60.10 10.88
CA GLN A 28 -14.79 -58.83 10.64
C GLN A 28 -15.76 -58.48 11.78
N ALA A 29 -16.08 -59.47 12.64
CA ALA A 29 -16.94 -59.29 13.81
C ALA A 29 -16.13 -58.64 14.96
N VAL A 30 -14.80 -58.84 14.99
CA VAL A 30 -13.89 -58.30 16.01
C VAL A 30 -13.58 -56.82 15.74
N GLU A 31 -13.78 -55.99 16.76
CA GLU A 31 -13.48 -54.57 16.73
C GLU A 31 -12.21 -54.36 17.53
N ASN A 32 -12.32 -54.11 18.80
CA ASN A 32 -11.13 -53.92 19.62
C ASN A 32 -10.50 -55.24 20.01
N ILE A 33 -9.15 -55.23 20.14
CA ILE A 33 -8.39 -56.39 20.60
C ILE A 33 -7.56 -55.96 21.76
N LEU A 34 -7.45 -56.83 22.77
CA LEU A 34 -6.64 -56.65 23.96
C LEU A 34 -6.18 -58.00 24.45
N LEU A 35 -4.86 -58.23 24.34
CA LEU A 35 -4.21 -59.47 24.75
C LEU A 35 -2.98 -59.23 25.63
N SER A 36 -2.90 -60.02 26.71
CA SER A 36 -1.77 -60.09 27.62
C SER A 36 -1.04 -61.37 27.25
N PRO A 37 0.07 -61.32 26.51
CA PRO A 37 0.79 -62.57 26.14
C PRO A 37 0.98 -63.60 27.26
N VAL A 38 1.37 -63.12 28.44
CA VAL A 38 1.62 -63.95 29.62
C VAL A 38 0.39 -64.70 30.08
N VAL A 39 -0.74 -64.01 30.17
CA VAL A 39 -2.01 -64.59 30.61
C VAL A 39 -2.50 -65.60 29.57
N VAL A 40 -2.23 -65.32 28.27
CA VAL A 40 -2.61 -66.26 27.21
C VAL A 40 -1.77 -67.54 27.36
N ALA A 41 -0.45 -67.36 27.58
CA ALA A 41 0.48 -68.47 27.81
C ALA A 41 0.12 -69.21 29.11
N SER A 42 -0.26 -68.49 30.19
CA SER A 42 -0.62 -69.16 31.46
C SER A 42 -1.84 -70.08 31.30
N SER A 43 -2.73 -69.76 30.34
CA SER A 43 -3.92 -70.56 30.08
C SER A 43 -3.54 -71.91 29.50
N LEU A 44 -2.53 -71.95 28.61
CA LEU A 44 -2.02 -73.19 28.04
C LEU A 44 -1.29 -74.01 29.13
N GLY A 45 -0.59 -73.32 30.03
CA GLY A 45 0.04 -73.95 31.19
C GLY A 45 -0.94 -74.70 32.08
N LEU A 46 -2.17 -74.16 32.26
CA LEU A 46 -3.20 -74.84 33.06
C LEU A 46 -3.70 -76.08 32.37
N VAL A 47 -3.76 -76.05 31.03
CA VAL A 47 -4.19 -77.19 30.20
C VAL A 47 -3.17 -78.30 30.33
N SER A 48 -1.86 -77.95 30.29
CA SER A 48 -0.75 -78.91 30.46
C SER A 48 -0.85 -79.52 31.87
N LEU A 49 -1.05 -78.62 32.87
CA LEU A 49 -1.19 -78.95 34.28
C LEU A 49 -2.35 -79.91 34.57
N GLY A 50 -3.53 -79.59 34.06
CA GLY A 50 -4.74 -80.37 34.33
C GLY A 50 -4.96 -81.56 33.44
N GLY A 51 -4.28 -81.57 32.27
CA GLY A 51 -4.41 -82.60 31.25
C GLY A 51 -3.39 -83.74 31.26
N LYS A 52 -3.67 -84.73 30.40
CA LYS A 52 -2.92 -85.96 30.16
C LYS A 52 -2.87 -86.22 28.66
N ALA A 53 -1.99 -87.13 28.24
CA ALA A 53 -1.81 -87.57 26.85
C ALA A 53 -1.72 -86.41 25.85
N THR A 54 -2.50 -86.49 24.75
CA THR A 54 -2.50 -85.51 23.65
C THR A 54 -3.01 -84.13 24.08
N THR A 55 -4.06 -84.12 24.94
CA THR A 55 -4.63 -82.91 25.52
C THR A 55 -3.53 -81.97 26.09
N ALA A 56 -2.59 -82.54 26.87
CA ALA A 56 -1.48 -81.84 27.53
C ALA A 56 -0.29 -81.57 26.60
N SER A 57 0.05 -82.56 25.75
CA SER A 57 1.17 -82.48 24.81
C SER A 57 0.97 -81.34 23.80
N GLN A 58 -0.28 -81.11 23.38
CA GLN A 58 -0.64 -80.07 22.44
C GLN A 58 -0.38 -78.72 23.11
N ALA A 59 -0.79 -78.58 24.41
CA ALA A 59 -0.60 -77.34 25.18
C ALA A 59 0.89 -76.97 25.26
N LYS A 60 1.76 -77.94 25.55
CA LYS A 60 3.22 -77.76 25.59
C LYS A 60 3.75 -77.43 24.21
N ALA A 61 3.23 -78.10 23.16
CA ALA A 61 3.64 -77.86 21.78
C ALA A 61 3.26 -76.43 21.31
N VAL A 62 2.09 -75.90 21.71
CA VAL A 62 1.63 -74.56 21.34
C VAL A 62 2.60 -73.57 21.99
N LEU A 63 3.00 -73.87 23.23
CA LEU A 63 3.95 -73.14 24.07
C LEU A 63 5.42 -73.35 23.59
N SER A 64 5.63 -74.25 22.60
CA SER A 64 6.92 -74.65 22.00
C SER A 64 7.93 -75.09 23.08
N ALA A 65 7.39 -75.68 24.16
CA ALA A 65 8.12 -76.12 25.34
C ALA A 65 8.06 -77.63 25.53
N GLU A 66 7.84 -78.37 24.43
CA GLU A 66 7.76 -79.83 24.47
C GLU A 66 9.03 -80.53 25.01
N GLN A 67 10.21 -79.90 24.83
CA GLN A 67 11.48 -80.47 25.30
C GLN A 67 11.79 -80.16 26.78
N LEU A 68 10.91 -79.43 27.46
CA LEU A 68 11.04 -79.08 28.87
C LEU A 68 10.21 -79.99 29.73
N ARG A 69 10.59 -80.13 31.00
CA ARG A 69 9.82 -80.92 31.97
C ARG A 69 8.58 -80.06 32.29
N ASP A 70 7.49 -80.70 32.71
CA ASP A 70 6.25 -80.03 33.11
C ASP A 70 6.50 -79.01 34.21
N GLU A 71 7.35 -79.36 35.22
CA GLU A 71 7.73 -78.49 36.35
C GLU A 71 8.36 -77.20 35.84
N GLU A 72 9.27 -77.32 34.84
CA GLU A 72 10.00 -76.19 34.23
C GLU A 72 9.04 -75.23 33.54
N VAL A 73 7.99 -75.79 32.88
CA VAL A 73 6.95 -75.02 32.18
C VAL A 73 6.17 -74.21 33.20
N HIS A 74 5.57 -74.91 34.21
CA HIS A 74 4.79 -74.28 35.29
C HIS A 74 5.58 -73.22 36.09
N ALA A 75 6.87 -73.50 36.39
CA ALA A 75 7.74 -72.63 37.14
C ALA A 75 8.06 -71.36 36.35
N GLY A 76 8.38 -71.52 35.07
CA GLY A 76 8.69 -70.43 34.15
C GLY A 76 7.53 -69.50 33.92
N LEU A 77 6.34 -70.10 33.60
CA LEU A 77 5.11 -69.32 33.43
C LEU A 77 4.72 -68.60 34.75
N GLY A 78 4.89 -69.29 35.90
CA GLY A 78 4.66 -68.75 37.23
C GLY A 78 5.53 -67.54 37.46
N GLU A 79 6.81 -67.65 37.10
CA GLU A 79 7.80 -66.59 37.19
C GLU A 79 7.40 -65.39 36.30
N LEU A 80 6.90 -65.66 35.06
CA LEU A 80 6.46 -64.60 34.14
C LEU A 80 5.27 -63.85 34.72
N LEU A 81 4.24 -64.57 35.21
CA LEU A 81 3.07 -63.94 35.86
C LEU A 81 3.48 -63.06 37.01
N ARG A 82 4.41 -63.58 37.85
CA ARG A 82 4.95 -62.86 38.99
C ARG A 82 5.66 -61.60 38.54
N SER A 83 6.36 -61.67 37.40
CA SER A 83 7.10 -60.56 36.80
C SER A 83 6.21 -59.45 36.23
N LEU A 84 4.88 -59.69 36.05
CA LEU A 84 3.93 -58.68 35.58
C LEU A 84 3.67 -57.66 36.67
N SER A 85 3.87 -58.06 37.92
CA SER A 85 3.74 -57.23 39.11
C SER A 85 5.03 -56.42 39.35
N ASN A 86 5.09 -55.23 38.66
CA ASN A 86 6.09 -54.15 38.69
C ASN A 86 5.71 -52.98 37.75
N VAL A 92 -3.24 -51.78 42.33
CA VAL A 92 -3.42 -50.38 41.89
C VAL A 92 -3.57 -50.13 40.34
N THR A 93 -2.47 -50.17 39.52
CA THR A 93 -2.50 -49.92 38.07
C THR A 93 -2.45 -51.22 37.25
N TRP A 94 -2.44 -52.36 37.95
CA TRP A 94 -2.50 -53.70 37.36
C TRP A 94 -3.26 -54.61 38.30
N LYS A 95 -4.29 -55.31 37.77
CA LYS A 95 -5.14 -56.24 38.52
C LYS A 95 -5.44 -57.46 37.63
N LEU A 96 -5.18 -58.64 38.15
CA LEU A 96 -5.46 -59.88 37.45
C LEU A 96 -6.14 -60.89 38.36
N GLY A 97 -7.03 -61.67 37.80
CA GLY A 97 -7.73 -62.77 38.44
C GLY A 97 -7.95 -63.87 37.44
N SER A 98 -7.75 -65.12 37.83
CA SER A 98 -7.97 -66.31 37.00
C SER A 98 -8.83 -67.25 37.81
N ARG A 99 -9.93 -67.69 37.20
CA ARG A 99 -10.85 -68.61 37.86
C ARG A 99 -11.28 -69.68 36.92
N LEU A 100 -11.26 -70.91 37.40
CA LEU A 100 -11.77 -72.06 36.67
C LEU A 100 -13.13 -72.40 37.25
N TYR A 101 -14.10 -72.46 36.37
CA TYR A 101 -15.46 -72.82 36.64
C TYR A 101 -15.72 -74.19 36.03
N GLY A 102 -16.12 -75.10 36.89
CA GLY A 102 -16.52 -76.45 36.51
C GLY A 102 -17.97 -76.67 36.89
N PRO A 103 -18.68 -77.61 36.21
CA PRO A 103 -20.09 -77.92 36.57
C PRO A 103 -20.25 -78.39 38.01
N SER A 104 -21.44 -78.18 38.62
CA SER A 104 -21.70 -78.61 40.00
C SER A 104 -21.22 -80.05 40.29
N SER A 105 -21.55 -80.98 39.39
CA SER A 105 -21.26 -82.42 39.47
C SER A 105 -19.78 -82.77 39.65
N VAL A 106 -18.90 -82.04 38.97
CA VAL A 106 -17.47 -82.26 38.99
C VAL A 106 -16.79 -81.92 40.33
N SER A 107 -15.60 -82.51 40.59
CA SER A 107 -14.81 -82.26 41.80
C SER A 107 -13.37 -81.97 41.38
N PHE A 108 -12.80 -80.81 41.74
CA PHE A 108 -11.41 -80.61 41.38
C PHE A 108 -10.48 -81.41 42.27
N ALA A 109 -9.42 -81.96 41.65
CA ALA A 109 -8.37 -82.73 42.33
C ALA A 109 -7.44 -81.78 43.14
N GLU A 110 -7.13 -82.15 44.41
CA GLU A 110 -6.26 -81.51 45.42
C GLU A 110 -4.90 -81.10 44.87
N ASP A 111 -4.20 -82.08 44.25
CA ASP A 111 -2.91 -81.86 43.65
C ASP A 111 -3.06 -80.72 42.63
N PHE A 112 -4.04 -80.84 41.69
CA PHE A 112 -4.23 -79.78 40.67
C PHE A 112 -4.55 -78.44 41.30
N VAL A 113 -5.50 -78.45 42.24
CA VAL A 113 -5.94 -77.27 42.94
C VAL A 113 -4.73 -76.56 43.59
N ARG A 114 -3.83 -77.31 44.28
CA ARG A 114 -2.61 -76.79 44.91
C ARG A 114 -1.62 -76.22 43.89
N SER A 115 -1.38 -76.95 42.79
CA SER A 115 -0.43 -76.56 41.74
C SER A 115 -0.85 -75.36 40.96
N SER A 116 -2.13 -75.32 40.61
CA SER A 116 -2.69 -74.21 39.89
C SER A 116 -2.66 -72.91 40.77
N LYS A 117 -2.85 -73.06 42.12
CA LYS A 117 -2.81 -71.93 43.06
C LYS A 117 -1.40 -71.43 43.07
N GLN A 118 -0.44 -72.37 43.22
CA GLN A 118 0.98 -72.10 43.31
C GLN A 118 1.61 -71.38 42.12
N HIS A 119 1.52 -71.97 40.91
CA HIS A 119 2.11 -71.41 39.69
C HIS A 119 1.27 -70.36 38.98
N TYR A 120 -0.04 -70.59 38.85
CA TYR A 120 -0.92 -69.75 38.04
C TYR A 120 -1.88 -68.89 38.80
N ASN A 121 -1.79 -68.88 40.15
CA ASN A 121 -2.67 -68.13 41.06
C ASN A 121 -4.18 -68.39 40.84
N CYS A 122 -4.49 -69.59 40.27
CA CYS A 122 -5.80 -70.06 39.89
C CYS A 122 -6.77 -70.26 41.02
N GLU A 123 -7.92 -69.64 40.88
CA GLU A 123 -9.05 -69.77 41.79
C GLU A 123 -9.99 -70.79 41.17
N HIS A 124 -10.71 -71.53 42.00
CA HIS A 124 -11.62 -72.57 41.49
C HIS A 124 -13.00 -72.38 42.06
N SER A 125 -13.98 -72.57 41.20
CA SER A 125 -15.38 -72.43 41.56
C SER A 125 -16.27 -73.43 40.82
N LYS A 126 -17.45 -73.69 41.37
CA LYS A 126 -18.40 -74.55 40.68
C LYS A 126 -19.47 -73.64 40.13
N ILE A 127 -20.09 -74.02 39.03
CA ILE A 127 -21.10 -73.22 38.38
C ILE A 127 -22.26 -74.08 38.04
N ASN A 128 -23.49 -73.52 38.20
CA ASN A 128 -24.72 -74.22 37.84
C ASN A 128 -25.46 -73.46 36.75
N PHE A 129 -25.31 -73.91 35.50
CA PHE A 129 -26.00 -73.31 34.37
C PHE A 129 -27.48 -73.71 34.30
N ARG A 130 -27.98 -74.61 35.22
CA ARG A 130 -29.41 -74.93 35.30
C ARG A 130 -30.18 -73.66 35.68
N ASP A 131 -29.50 -72.73 36.42
CA ASP A 131 -29.93 -71.36 36.73
C ASP A 131 -28.85 -70.48 36.11
N LYS A 132 -29.01 -70.20 34.79
CA LYS A 132 -28.13 -69.40 33.92
C LYS A 132 -27.87 -67.95 34.45
N ARG A 133 -28.94 -67.26 34.89
CA ARG A 133 -28.88 -65.93 35.47
C ARG A 133 -27.83 -65.87 36.59
N SER A 134 -27.97 -66.74 37.62
CA SER A 134 -27.04 -66.79 38.75
C SER A 134 -25.62 -67.19 38.33
N ALA A 135 -25.49 -68.09 37.32
CA ALA A 135 -24.22 -68.53 36.73
C ALA A 135 -23.46 -67.33 36.13
N LEU A 136 -24.16 -66.54 35.29
CA LEU A 136 -23.58 -65.35 34.65
C LEU A 136 -23.25 -64.30 35.68
N GLN A 137 -24.20 -64.08 36.60
CA GLN A 137 -24.15 -63.10 37.68
C GLN A 137 -22.88 -63.29 38.48
N SER A 138 -22.58 -64.54 38.83
CA SER A 138 -21.41 -64.85 39.63
C SER A 138 -20.07 -64.64 38.92
N ILE A 139 -19.99 -64.98 37.61
CA ILE A 139 -18.80 -64.75 36.77
C ILE A 139 -18.57 -63.23 36.69
N ASN A 140 -19.60 -62.48 36.25
CA ASN A 140 -19.56 -61.04 36.07
C ASN A 140 -19.27 -60.28 37.34
N GLU A 141 -19.78 -60.78 38.49
CA GLU A 141 -19.50 -60.16 39.77
C GLU A 141 -18.07 -60.42 40.18
N TRP A 142 -17.59 -61.64 39.94
CA TRP A 142 -16.22 -61.99 40.28
C TRP A 142 -15.25 -61.06 39.50
N ALA A 143 -15.54 -60.83 38.21
CA ALA A 143 -14.78 -59.92 37.37
C ALA A 143 -14.91 -58.48 37.86
N ALA A 144 -16.14 -58.05 38.25
CA ALA A 144 -16.33 -56.69 38.75
C ALA A 144 -15.48 -56.47 39.99
N GLN A 145 -15.50 -57.44 40.95
CA GLN A 145 -14.72 -57.28 42.15
C GLN A 145 -13.20 -57.30 41.92
N THR A 146 -12.73 -58.18 41.01
CA THR A 146 -11.34 -58.38 40.67
C THR A 146 -10.74 -57.12 40.08
N THR A 147 -11.57 -56.31 39.41
CA THR A 147 -11.16 -55.09 38.72
C THR A 147 -11.78 -53.86 39.33
N ASP A 148 -12.38 -54.03 40.52
CA ASP A 148 -13.03 -52.96 41.28
C ASP A 148 -13.96 -52.13 40.39
N GLY A 149 -14.84 -52.85 39.72
CA GLY A 149 -15.88 -52.33 38.85
C GLY A 149 -15.46 -51.82 37.50
N LYS A 150 -14.15 -51.87 37.15
CA LYS A 150 -13.65 -51.35 35.88
C LYS A 150 -14.04 -52.25 34.71
N LEU A 151 -14.31 -53.54 35.01
CA LEU A 151 -14.75 -54.54 34.07
C LEU A 151 -16.04 -55.10 34.64
N PRO A 152 -17.18 -54.39 34.43
CA PRO A 152 -18.46 -54.80 35.08
C PRO A 152 -19.15 -56.06 34.56
N GLU A 153 -18.73 -56.53 33.38
CA GLU A 153 -19.30 -57.69 32.70
C GLU A 153 -18.27 -58.37 31.83
N VAL A 154 -18.18 -59.70 31.95
CA VAL A 154 -17.28 -60.49 31.11
C VAL A 154 -18.09 -60.78 29.83
N THR A 155 -19.14 -61.59 29.96
CA THR A 155 -20.00 -61.97 28.86
C THR A 155 -21.45 -61.79 29.19
N LYS A 156 -22.30 -61.64 28.16
CA LYS A 156 -23.76 -61.56 28.37
C LYS A 156 -24.33 -62.98 28.29
N ASP A 157 -23.58 -63.94 27.71
CA ASP A 157 -23.98 -65.33 27.54
C ASP A 157 -22.78 -66.30 27.44
N VAL A 158 -22.99 -67.54 27.90
CA VAL A 158 -22.03 -68.64 27.83
C VAL A 158 -22.62 -69.67 26.86
N GLU A 159 -21.98 -69.82 25.70
CA GLU A 159 -22.41 -70.75 24.64
C GLU A 159 -22.41 -72.21 25.09
N ARG A 160 -21.23 -72.71 25.53
CA ARG A 160 -20.91 -74.06 26.02
C ARG A 160 -20.95 -74.09 27.55
N THR A 161 -21.96 -74.82 28.14
CA THR A 161 -22.27 -74.90 29.59
C THR A 161 -21.86 -76.19 30.35
N ASP A 162 -21.50 -77.25 29.59
CA ASP A 162 -21.16 -78.61 30.06
C ASP A 162 -19.68 -78.84 30.38
N GLY A 163 -18.84 -77.84 30.20
CA GLY A 163 -17.41 -78.01 30.43
C GLY A 163 -16.79 -77.13 31.49
N ALA A 164 -15.46 -76.94 31.36
CA ALA A 164 -14.69 -76.07 32.21
C ALA A 164 -14.63 -74.72 31.57
N LEU A 165 -14.63 -73.66 32.39
CA LEU A 165 -14.61 -72.27 31.93
C LEU A 165 -13.44 -71.55 32.58
N LEU A 166 -12.48 -71.06 31.76
CA LEU A 166 -11.32 -70.35 32.29
C LEU A 166 -11.56 -68.90 32.07
N VAL A 167 -11.60 -68.16 33.16
CA VAL A 167 -11.87 -66.73 33.06
C VAL A 167 -10.69 -65.97 33.63
N ASN A 168 -10.17 -65.05 32.80
CA ASN A 168 -9.11 -64.14 33.18
C ASN A 168 -9.72 -62.76 33.10
N ALA A 169 -9.66 -62.05 34.22
CA ALA A 169 -10.22 -60.73 34.38
C ALA A 169 -9.05 -59.80 34.71
N MSE A 170 -8.84 -58.71 33.90
CA MSE A 170 -7.74 -57.77 34.06
C MSE A 170 -8.13 -56.35 34.04
O MSE A 170 -9.08 -55.97 33.36
CB MSE A 170 -6.72 -57.91 32.92
CG MSE A 170 -5.79 -59.07 33.09
SE MSE A 170 -5.33 -59.75 31.35
CE MSE A 170 -6.95 -60.79 30.93
N PHE A 171 -7.31 -55.53 34.72
CA PHE A 171 -7.41 -54.07 34.70
C PHE A 171 -5.98 -53.57 34.60
N PHE A 172 -5.72 -52.78 33.55
CA PHE A 172 -4.41 -52.19 33.34
C PHE A 172 -4.51 -50.74 33.05
N LYS A 173 -3.73 -49.94 33.76
CA LYS A 173 -3.71 -48.50 33.62
C LYS A 173 -2.27 -48.00 33.48
N PRO A 174 -1.79 -47.76 32.24
CA PRO A 174 -0.42 -47.26 32.08
C PRO A 174 -0.18 -45.96 32.83
N HIS A 175 0.87 -45.96 33.67
CA HIS A 175 1.29 -44.82 34.46
C HIS A 175 2.51 -44.23 33.77
N TRP A 176 2.35 -43.04 33.19
CA TRP A 176 3.37 -42.35 32.40
C TRP A 176 4.58 -41.89 33.20
N ASP A 177 5.76 -41.93 32.59
CA ASP A 177 7.00 -41.45 33.20
C ASP A 177 6.94 -39.93 33.34
N GLU A 178 6.23 -39.28 32.40
CA GLU A 178 5.95 -37.84 32.40
C GLU A 178 4.42 -37.71 32.22
N LYS A 179 3.73 -37.32 33.28
CA LYS A 179 2.26 -37.21 33.31
C LYS A 179 1.66 -36.16 32.39
N PHE A 180 0.35 -36.32 32.07
CA PHE A 180 -0.42 -35.36 31.32
C PHE A 180 -0.95 -34.38 32.37
N HIS A 181 -1.16 -33.14 31.97
CA HIS A 181 -1.69 -32.14 32.89
C HIS A 181 -3.16 -32.50 33.10
N HIS A 182 -3.65 -32.46 34.35
CA HIS A 182 -5.02 -32.84 34.62
C HIS A 182 -6.10 -32.01 33.89
N LYS A 183 -5.75 -30.81 33.43
CA LYS A 183 -6.68 -29.94 32.71
C LYS A 183 -6.55 -30.10 31.19
N MSE A 184 -5.55 -30.85 30.71
CA MSE A 184 -5.29 -31.05 29.27
C MSE A 184 -6.18 -32.13 28.68
O MSE A 184 -5.71 -33.05 28.01
CB MSE A 184 -3.81 -31.36 29.04
CG MSE A 184 -2.90 -30.16 29.21
SE MSE A 184 -2.97 -28.86 27.82
CE MSE A 184 -1.78 -29.76 26.50
N VAL A 185 -7.50 -32.00 28.93
CA VAL A 185 -8.57 -32.95 28.64
C VAL A 185 -9.80 -32.25 28.07
N ASP A 186 -10.29 -32.69 26.91
CA ASP A 186 -11.49 -32.07 26.28
C ASP A 186 -12.31 -33.07 25.45
N ASN A 187 -13.45 -32.62 24.93
CA ASN A 187 -14.29 -33.50 24.13
C ASN A 187 -13.99 -33.31 22.68
N ARG A 188 -13.73 -34.42 21.98
CA ARG A 188 -13.44 -34.44 20.54
C ARG A 188 -14.22 -35.57 19.86
N GLY A 189 -14.04 -35.70 18.56
CA GLY A 189 -14.64 -36.76 17.77
C GLY A 189 -13.60 -37.73 17.29
N PHE A 190 -13.83 -39.04 17.57
CA PHE A 190 -12.97 -40.14 17.11
C PHE A 190 -13.61 -40.73 15.86
N MSE A 191 -12.82 -40.83 14.78
CA MSE A 191 -13.30 -41.35 13.49
C MSE A 191 -13.09 -42.84 13.38
O MSE A 191 -11.98 -43.28 13.08
CB MSE A 191 -12.66 -40.62 12.32
CG MSE A 191 -12.94 -39.13 12.31
SE MSE A 191 -11.94 -38.28 10.85
CE MSE A 191 -10.04 -38.79 11.56
N VAL A 192 -14.15 -43.61 13.65
CA VAL A 192 -14.15 -45.07 13.57
C VAL A 192 -13.96 -45.46 12.10
N THR A 193 -14.65 -44.73 11.19
CA THR A 193 -14.54 -44.86 9.74
C THR A 193 -14.54 -43.44 9.15
N ARG A 194 -14.40 -43.30 7.82
CA ARG A 194 -14.46 -42.01 7.16
C ARG A 194 -15.88 -41.43 7.23
N SER A 195 -16.89 -42.30 7.43
CA SER A 195 -18.31 -41.94 7.49
C SER A 195 -18.89 -42.10 8.91
N TYR A 196 -18.09 -42.55 9.87
CA TYR A 196 -18.60 -42.74 11.22
C TYR A 196 -17.73 -42.17 12.34
N THR A 197 -18.23 -41.11 13.00
CA THR A 197 -17.58 -40.42 14.11
C THR A 197 -18.29 -40.63 15.44
N VAL A 198 -17.51 -40.81 16.49
CA VAL A 198 -17.99 -41.03 17.84
C VAL A 198 -17.38 -39.99 18.81
N GLY A 199 -18.22 -39.46 19.70
CA GLY A 199 -17.82 -38.47 20.71
C GLY A 199 -16.98 -39.09 21.80
N VAL A 200 -15.74 -38.60 21.95
CA VAL A 200 -14.80 -39.09 22.97
C VAL A 200 -14.19 -37.95 23.77
N THR A 201 -13.54 -38.30 24.85
CA THR A 201 -12.78 -37.39 25.68
C THR A 201 -11.35 -37.61 25.25
N MSE A 202 -10.63 -36.52 24.96
CA MSE A 202 -9.22 -36.63 24.62
C MSE A 202 -8.35 -35.92 25.62
O MSE A 202 -8.75 -34.91 26.19
CB MSE A 202 -8.93 -36.18 23.21
CG MSE A 202 -9.33 -37.22 22.19
SE MSE A 202 -8.82 -36.75 20.40
CE MSE A 202 -7.14 -37.68 20.39
N MSE A 203 -7.20 -36.50 25.85
CA MSE A 203 -6.16 -35.94 26.71
C MSE A 203 -4.98 -35.64 25.82
O MSE A 203 -4.83 -36.25 24.76
CB MSE A 203 -5.83 -36.90 27.84
CG MSE A 203 -5.36 -38.24 27.35
SE MSE A 203 -4.89 -39.37 28.82
CE MSE A 203 -4.26 -40.85 27.75
N HIS A 204 -4.18 -34.62 26.21
CA HIS A 204 -3.11 -34.02 25.40
C HIS A 204 -1.82 -33.68 26.15
N ARG A 205 -0.66 -33.98 25.55
CA ARG A 205 0.65 -33.64 26.08
C ARG A 205 1.69 -33.47 24.99
N THR A 206 2.52 -32.42 25.11
CA THR A 206 3.65 -32.21 24.23
C THR A 206 4.90 -32.46 25.07
N GLY A 207 5.80 -33.27 24.52
CA GLY A 207 7.08 -33.59 25.13
C GLY A 207 8.01 -34.21 24.11
N LEU A 208 9.20 -34.58 24.57
CA LEU A 208 10.18 -35.26 23.77
C LEU A 208 9.82 -36.74 23.84
N TYR A 209 9.58 -37.33 22.67
CA TYR A 209 9.22 -38.74 22.55
C TYR A 209 9.98 -39.36 21.40
N ASN A 210 10.24 -40.69 21.49
CA ASN A 210 10.84 -41.42 20.40
C ASN A 210 9.76 -41.53 19.36
N TYR A 211 10.06 -41.07 18.16
CA TYR A 211 9.07 -40.95 17.12
C TYR A 211 9.62 -41.33 15.76
N TYR A 212 8.76 -41.90 14.91
CA TYR A 212 9.08 -42.20 13.53
C TYR A 212 7.87 -42.10 12.62
N ASP A 213 8.04 -41.36 11.54
CA ASP A 213 7.05 -41.12 10.51
C ASP A 213 7.50 -41.84 9.22
N ASP A 214 6.87 -42.98 8.87
CA ASP A 214 7.18 -43.74 7.67
C ASP A 214 6.38 -43.18 6.50
N GLU A 215 7.03 -42.36 5.66
CA GLU A 215 6.37 -41.72 4.51
C GLU A 215 6.03 -42.75 3.44
N LYS A 216 6.86 -43.82 3.32
CA LYS A 216 6.69 -44.94 2.39
C LYS A 216 5.45 -45.77 2.75
N GLU A 217 5.34 -46.19 4.02
CA GLU A 217 4.19 -47.00 4.47
C GLU A 217 3.02 -46.18 5.07
N LYS A 218 3.10 -44.84 4.99
CA LYS A 218 2.08 -43.92 5.48
C LYS A 218 1.55 -44.25 6.89
N LEU A 219 2.49 -44.30 7.85
CA LEU A 219 2.19 -44.58 9.27
C LEU A 219 3.10 -43.79 10.23
N GLN A 220 2.64 -43.62 11.47
CA GLN A 220 3.41 -42.98 12.54
C GLN A 220 3.59 -43.99 13.69
N ILE A 221 4.76 -43.91 14.35
CA ILE A 221 5.08 -44.72 15.52
C ILE A 221 5.69 -43.85 16.62
N VAL A 222 5.14 -43.97 17.83
CA VAL A 222 5.56 -43.21 19.00
C VAL A 222 5.79 -44.13 20.22
N GLU A 223 6.82 -43.82 21.02
CA GLU A 223 7.14 -44.59 22.21
C GLU A 223 6.94 -43.69 23.40
N MSE A 224 6.04 -44.12 24.30
CA MSE A 224 5.70 -43.37 25.50
C MSE A 224 6.21 -44.14 26.71
O MSE A 224 5.57 -45.11 27.13
CB MSE A 224 4.19 -43.15 25.59
CG MSE A 224 3.62 -42.45 24.38
SE MSE A 224 1.69 -42.35 24.47
CE MSE A 224 1.48 -41.02 25.93
N PRO A 225 7.36 -43.74 27.30
CA PRO A 225 7.86 -44.45 28.49
C PRO A 225 6.90 -44.39 29.66
N LEU A 226 6.79 -45.52 30.34
CA LEU A 226 5.97 -45.63 31.52
C LEU A 226 6.82 -45.36 32.77
N ALA A 227 6.22 -45.40 33.97
CA ALA A 227 6.90 -45.06 35.23
C ALA A 227 8.29 -45.67 35.40
N HIS A 228 9.27 -44.78 35.64
CA HIS A 228 10.69 -45.10 35.85
C HIS A 228 11.33 -45.81 34.66
N LYS A 229 10.74 -45.63 33.45
CA LYS A 229 11.22 -46.20 32.18
C LYS A 229 11.37 -47.74 32.25
N LEU A 230 10.59 -48.38 33.13
CA LEU A 230 10.62 -49.83 33.33
C LEU A 230 9.91 -50.58 32.21
N SER A 231 8.95 -49.91 31.57
CA SER A 231 8.22 -50.41 30.41
C SER A 231 7.82 -49.19 29.57
N SER A 232 7.36 -49.42 28.34
CA SER A 232 6.92 -48.35 27.46
C SER A 232 5.74 -48.76 26.60
N LEU A 233 4.89 -47.77 26.25
CA LEU A 233 3.72 -47.98 25.41
C LEU A 233 4.02 -47.47 24.00
N ILE A 234 3.98 -48.41 23.01
CA ILE A 234 4.22 -48.10 21.61
C ILE A 234 2.92 -47.96 20.81
N ILE A 235 2.75 -46.83 20.07
CA ILE A 235 1.55 -46.61 19.26
C ILE A 235 1.87 -46.55 17.81
N LEU A 236 1.16 -47.37 17.03
CA LEU A 236 1.29 -47.53 15.59
C LEU A 236 -0.01 -47.11 14.95
N MSE A 237 0.02 -46.06 14.14
CA MSE A 237 -1.19 -45.53 13.52
C MSE A 237 -0.95 -45.09 12.10
O MSE A 237 0.01 -44.36 11.87
CB MSE A 237 -1.70 -44.37 14.37
CG MSE A 237 -2.99 -43.77 13.88
SE MSE A 237 -3.59 -42.37 15.08
CE MSE A 237 -2.12 -41.10 14.94
N PRO A 238 -1.82 -45.50 11.13
CA PRO A 238 -1.64 -45.00 9.74
C PRO A 238 -1.92 -43.50 9.61
N HIS A 239 -1.37 -42.85 8.58
CA HIS A 239 -1.61 -41.42 8.38
C HIS A 239 -3.12 -41.11 8.24
N HIS A 240 -3.77 -41.82 7.31
CA HIS A 240 -5.20 -41.67 7.03
C HIS A 240 -6.09 -42.58 7.87
N VAL A 241 -7.39 -42.26 7.93
CA VAL A 241 -8.40 -43.11 8.52
C VAL A 241 -8.69 -44.19 7.46
N GLU A 242 -8.34 -45.42 7.79
CA GLU A 242 -8.45 -46.61 6.96
C GLU A 242 -8.57 -47.84 7.94
N PRO A 243 -9.05 -49.01 7.44
CA PRO A 243 -9.09 -50.19 8.30
C PRO A 243 -7.66 -50.63 8.61
N LEU A 244 -7.42 -51.17 9.82
CA LEU A 244 -6.09 -51.56 10.21
C LEU A 244 -5.43 -52.72 9.43
N GLU A 245 -6.23 -53.44 8.60
CA GLU A 245 -5.77 -54.57 7.76
C GLU A 245 -4.38 -54.37 7.11
N ARG A 246 -4.18 -53.22 6.44
CA ARG A 246 -2.94 -52.93 5.75
C ARG A 246 -1.76 -52.88 6.72
N LEU A 247 -1.93 -52.16 7.84
CA LEU A 247 -0.90 -52.00 8.86
C LEU A 247 -0.61 -53.34 9.50
N GLU A 248 -1.67 -54.14 9.78
CA GLU A 248 -1.57 -55.44 10.42
C GLU A 248 -0.74 -56.42 9.63
N LYS A 249 -0.83 -56.35 8.28
CA LYS A 249 -0.04 -57.16 7.34
C LYS A 249 1.45 -56.87 7.57
N LEU A 250 1.79 -55.58 7.80
CA LEU A 250 3.16 -55.08 8.03
C LEU A 250 3.69 -55.44 9.41
N LEU A 251 2.80 -55.53 10.41
CA LEU A 251 3.16 -55.80 11.81
C LEU A 251 3.76 -57.17 12.05
N THR A 252 5.08 -57.20 12.26
CA THR A 252 5.87 -58.40 12.58
C THR A 252 6.91 -58.02 13.62
N LYS A 253 7.50 -59.01 14.31
CA LYS A 253 8.53 -58.82 15.32
C LYS A 253 9.75 -58.09 14.67
N GLU A 254 10.08 -58.47 13.43
CA GLU A 254 11.18 -57.92 12.64
C GLU A 254 10.91 -56.48 12.17
N GLN A 255 9.67 -56.21 11.69
CA GLN A 255 9.29 -54.89 11.20
C GLN A 255 9.30 -53.89 12.35
N LEU A 256 8.80 -54.35 13.52
CA LEU A 256 8.80 -53.57 14.73
C LEU A 256 10.23 -53.19 15.10
N LYS A 257 11.17 -54.13 15.03
CA LYS A 257 12.58 -53.87 15.31
C LYS A 257 13.13 -52.79 14.38
N ILE A 258 12.80 -52.87 13.06
CA ILE A 258 13.20 -51.89 12.05
C ILE A 258 12.69 -50.49 12.40
N TRP A 259 11.37 -50.38 12.69
CA TRP A 259 10.72 -49.11 13.04
C TRP A 259 11.31 -48.48 14.28
N MSE A 260 11.61 -49.29 15.30
CA MSE A 260 12.13 -48.77 16.55
C MSE A 260 13.54 -48.25 16.48
O MSE A 260 13.85 -47.25 17.14
CB MSE A 260 11.87 -49.70 17.71
CG MSE A 260 10.39 -49.86 17.96
SE MSE A 260 10.07 -50.90 19.52
CE MSE A 260 10.77 -52.78 18.94
N GLY A 261 14.34 -48.86 15.61
CA GLY A 261 15.69 -48.41 15.32
C GLY A 261 15.69 -47.09 14.57
N LYS A 262 14.62 -46.86 13.78
CA LYS A 262 14.43 -45.66 12.98
C LYS A 262 13.89 -44.47 13.77
N MSE A 263 13.37 -44.73 15.00
CA MSE A 263 12.82 -43.70 15.89
C MSE A 263 13.90 -42.79 16.44
O MSE A 263 15.02 -43.23 16.65
CB MSE A 263 12.08 -44.34 17.09
CG MSE A 263 10.84 -45.14 16.72
SE MSE A 263 9.73 -45.55 18.27
CE MSE A 263 11.04 -46.45 19.46
N GLN A 264 13.53 -41.53 16.70
CA GLN A 264 14.42 -40.55 17.33
C GLN A 264 13.65 -39.61 18.25
N LYS A 265 14.30 -39.05 19.28
CA LYS A 265 13.66 -38.14 20.23
C LYS A 265 13.29 -36.82 19.58
N LYS A 266 11.98 -36.59 19.44
CA LYS A 266 11.44 -35.39 18.81
C LYS A 266 10.31 -34.77 19.65
N ALA A 267 10.06 -33.47 19.46
CA ALA A 267 8.95 -32.76 20.10
C ALA A 267 7.65 -33.33 19.44
N VAL A 268 6.72 -33.85 20.23
CA VAL A 268 5.50 -34.47 19.69
C VAL A 268 4.28 -34.09 20.52
N ALA A 269 3.24 -33.66 19.84
CA ALA A 269 1.97 -33.34 20.47
C ALA A 269 1.08 -34.61 20.41
N ILE A 270 1.17 -35.42 21.48
CA ILE A 270 0.39 -36.64 21.57
C ILE A 270 -1.02 -36.29 22.09
N SER A 271 -2.03 -36.69 21.32
CA SER A 271 -3.43 -36.52 21.68
C SER A 271 -4.02 -37.93 21.62
N LEU A 272 -4.58 -38.39 22.76
CA LEU A 272 -5.12 -39.72 22.88
C LEU A 272 -6.51 -39.73 23.45
N PRO A 273 -7.39 -40.71 23.06
CA PRO A 273 -8.69 -40.82 23.75
C PRO A 273 -8.45 -41.19 25.21
N LYS A 274 -9.25 -40.62 26.11
CA LYS A 274 -9.14 -40.83 27.55
C LYS A 274 -10.33 -41.62 27.99
N GLY A 275 -10.06 -42.68 28.74
CA GLY A 275 -11.13 -43.53 29.24
C GLY A 275 -10.74 -44.98 29.26
N VAL A 276 -11.68 -45.79 29.71
CA VAL A 276 -11.53 -47.23 29.90
C VAL A 276 -12.07 -47.90 28.66
N VAL A 277 -11.25 -48.79 28.05
CA VAL A 277 -11.64 -49.63 26.93
C VAL A 277 -11.83 -51.04 27.47
N GLU A 278 -13.05 -51.56 27.33
CA GLU A 278 -13.42 -52.89 27.82
C GLU A 278 -13.46 -53.91 26.68
N VAL A 279 -12.65 -54.99 26.79
CA VAL A 279 -12.59 -56.02 25.74
C VAL A 279 -12.69 -57.39 26.34
N THR A 280 -13.62 -58.21 25.85
CA THR A 280 -13.74 -59.60 26.26
C THR A 280 -13.66 -60.50 25.03
N HIS A 281 -12.63 -61.35 25.00
CA HIS A 281 -12.42 -62.35 23.96
C HIS A 281 -12.63 -63.76 24.54
N ASP A 282 -13.18 -64.69 23.74
CA ASP A 282 -13.20 -66.10 24.12
C ASP A 282 -12.17 -66.68 23.15
N LEU A 283 -11.00 -67.00 23.70
CA LEU A 283 -9.88 -67.51 22.94
C LEU A 283 -10.06 -68.91 22.39
N GLN A 284 -11.04 -69.68 22.92
CA GLN A 284 -11.35 -71.07 22.57
C GLN A 284 -11.14 -71.47 21.12
N LYS A 285 -11.81 -70.82 20.18
CA LYS A 285 -11.67 -71.14 18.75
C LYS A 285 -10.25 -70.91 18.15
N HIS A 286 -9.63 -69.79 18.52
CA HIS A 286 -8.33 -69.38 18.03
C HIS A 286 -7.17 -70.24 18.52
N LEU A 287 -7.19 -70.67 19.80
CA LEU A 287 -6.17 -71.56 20.41
C LEU A 287 -6.19 -72.96 19.71
N ALA A 288 -7.40 -73.42 19.34
CA ALA A 288 -7.58 -74.69 18.63
C ALA A 288 -6.87 -74.61 17.25
N GLY A 289 -6.94 -73.42 16.63
CA GLY A 289 -6.27 -73.12 15.37
C GLY A 289 -4.74 -73.07 15.50
N LEU A 290 -4.23 -72.87 16.73
CA LEU A 290 -2.80 -72.82 17.04
C LEU A 290 -2.22 -74.17 17.46
N GLY A 291 -3.05 -75.23 17.42
CA GLY A 291 -2.66 -76.59 17.78
C GLY A 291 -3.39 -77.21 18.96
N LEU A 292 -4.13 -76.39 19.79
CA LEU A 292 -4.87 -76.91 20.96
C LEU A 292 -6.24 -77.50 20.55
N THR A 293 -6.21 -78.62 19.84
CA THR A 293 -7.41 -79.23 19.27
C THR A 293 -8.19 -80.15 20.20
N GLU A 294 -7.49 -81.07 20.87
CA GLU A 294 -8.11 -82.07 21.74
C GLU A 294 -8.76 -81.54 22.98
N ALA A 295 -8.18 -80.47 23.60
CA ALA A 295 -8.70 -79.90 24.83
C ALA A 295 -10.08 -79.29 24.71
N ILE A 296 -10.39 -78.74 23.53
CA ILE A 296 -11.64 -78.02 23.28
C ILE A 296 -12.75 -78.95 22.77
N ASP A 297 -12.41 -80.22 22.54
CA ASP A 297 -13.34 -81.24 22.05
C ASP A 297 -13.79 -82.13 23.19
N LYS A 298 -15.12 -82.15 23.46
CA LYS A 298 -15.74 -82.96 24.51
C LYS A 298 -15.40 -84.44 24.40
N ASN A 299 -15.33 -84.95 23.15
CA ASN A 299 -15.07 -86.37 22.85
C ASN A 299 -13.61 -86.79 22.92
N LYS A 300 -12.67 -85.84 22.87
CA LYS A 300 -11.24 -86.13 22.88
C LYS A 300 -10.50 -85.59 24.09
N ALA A 301 -11.09 -84.64 24.83
CA ALA A 301 -10.44 -84.00 26.00
C ALA A 301 -10.14 -84.90 27.19
N ASP A 302 -8.88 -84.88 27.61
CA ASP A 302 -8.41 -85.61 28.76
C ASP A 302 -7.89 -84.57 29.78
N LEU A 303 -8.79 -84.01 30.59
CA LEU A 303 -8.45 -83.08 31.66
C LEU A 303 -8.63 -83.83 33.01
N SER A 304 -8.14 -85.05 33.06
CA SER A 304 -8.30 -85.95 34.21
C SER A 304 -7.40 -85.68 35.40
N ARG A 305 -6.31 -84.88 35.23
CA ARG A 305 -5.41 -84.50 36.34
C ARG A 305 -6.09 -83.38 37.13
N MSE A 306 -7.05 -82.70 36.45
CA MSE A 306 -7.88 -81.59 36.90
C MSE A 306 -9.04 -82.01 37.82
O MSE A 306 -9.24 -81.39 38.85
CB MSE A 306 -8.40 -80.87 35.65
CG MSE A 306 -8.84 -79.46 35.90
SE MSE A 306 -9.27 -78.47 34.24
CE MSE A 306 -10.56 -77.39 34.96
N SER A 307 -9.81 -83.05 37.43
CA SER A 307 -11.01 -83.53 38.10
C SER A 307 -10.97 -84.99 38.57
N GLY A 308 -10.02 -85.76 38.06
CA GLY A 308 -9.87 -87.18 38.44
C GLY A 308 -10.48 -88.15 37.43
N LYS A 309 -11.35 -87.60 36.55
CA LYS A 309 -12.10 -88.28 35.48
C LYS A 309 -12.09 -87.40 34.19
N LYS A 310 -12.45 -88.01 33.02
CA LYS A 310 -12.55 -87.36 31.70
C LYS A 310 -13.96 -86.72 31.55
N ASP A 311 -14.45 -86.21 32.66
CA ASP A 311 -15.75 -85.56 32.81
C ASP A 311 -15.65 -84.06 32.52
N LEU A 312 -14.55 -83.64 31.85
CA LEU A 312 -14.29 -82.23 31.56
C LEU A 312 -13.63 -81.97 30.20
N TYR A 313 -13.93 -80.80 29.61
CA TYR A 313 -13.34 -80.27 28.38
C TYR A 313 -13.16 -78.73 28.51
N LEU A 314 -12.34 -78.11 27.65
CA LEU A 314 -12.14 -76.67 27.69
C LEU A 314 -13.22 -75.97 26.85
N ALA A 315 -14.32 -75.63 27.52
CA ALA A 315 -15.48 -74.98 26.90
C ALA A 315 -15.21 -73.53 26.51
N SER A 316 -14.44 -72.78 27.33
CA SER A 316 -14.11 -71.36 27.10
C SER A 316 -12.82 -70.96 27.78
N VAL A 317 -12.22 -69.89 27.28
CA VAL A 317 -11.02 -69.24 27.80
C VAL A 317 -11.32 -67.76 27.60
N PHE A 318 -12.03 -67.14 28.56
CA PHE A 318 -12.39 -65.73 28.52
C PHE A 318 -11.21 -64.85 28.93
N HIS A 319 -10.69 -64.08 27.97
CA HIS A 319 -9.61 -63.12 28.20
C HIS A 319 -10.31 -61.76 28.19
N ALA A 320 -10.56 -61.22 29.42
CA ALA A 320 -11.31 -59.97 29.58
C ALA A 320 -10.47 -58.87 30.24
N THR A 321 -10.37 -57.73 29.56
CA THR A 321 -9.53 -56.62 29.97
C THR A 321 -10.26 -55.28 29.94
N ALA A 322 -9.92 -54.42 30.90
CA ALA A 322 -10.36 -53.05 31.03
C ALA A 322 -9.04 -52.27 31.01
N PHE A 323 -8.72 -51.64 29.87
CA PHE A 323 -7.49 -50.87 29.69
C PHE A 323 -7.84 -49.38 29.80
N GLU A 324 -7.32 -48.72 30.86
CA GLU A 324 -7.62 -47.31 31.11
C GLU A 324 -6.56 -46.33 30.66
N TRP A 325 -6.97 -45.39 29.79
CA TRP A 325 -6.10 -44.33 29.29
C TRP A 325 -6.43 -43.14 30.15
N ASP A 326 -5.50 -42.76 31.03
CA ASP A 326 -5.66 -41.67 31.99
C ASP A 326 -4.47 -40.70 31.97
N THR A 327 -4.64 -39.52 32.58
CA THR A 327 -3.62 -38.47 32.62
C THR A 327 -2.47 -38.75 33.56
N GLU A 328 -2.74 -39.51 34.64
CA GLU A 328 -1.79 -39.89 35.68
C GLU A 328 -0.50 -40.51 35.22
N GLY A 329 0.55 -40.10 35.89
CA GLY A 329 1.93 -40.50 35.72
C GLY A 329 2.80 -39.74 36.70
N ASN A 330 4.13 -39.94 36.63
CA ASN A 330 5.07 -39.27 37.53
C ASN A 330 5.16 -37.75 37.28
N PRO A 331 5.47 -36.95 38.35
CA PRO A 331 5.55 -35.49 38.19
C PRO A 331 6.61 -35.06 37.21
N PHE A 332 7.75 -35.77 37.16
CA PHE A 332 8.89 -35.55 36.26
C PHE A 332 8.40 -34.94 34.91
N ASP A 333 8.39 -33.58 34.78
CA ASP A 333 7.87 -32.81 33.62
C ASP A 333 6.33 -32.74 33.59
N LEU A 342 10.55 -27.82 22.00
CA LEU A 342 9.10 -28.13 21.87
C LEU A 342 8.28 -27.09 21.07
N ARG A 343 8.97 -26.09 20.48
CA ARG A 343 8.34 -25.00 19.73
C ARG A 343 7.42 -25.50 18.60
N SER A 344 7.90 -26.43 17.74
CA SER A 344 7.07 -26.97 16.66
C SER A 344 6.97 -28.49 16.69
N PRO A 345 6.01 -29.00 17.49
CA PRO A 345 5.84 -30.46 17.59
C PRO A 345 5.22 -31.09 16.36
N LYS A 346 5.41 -32.39 16.22
CA LYS A 346 4.80 -33.20 15.20
C LYS A 346 3.52 -33.69 15.86
N LEU A 347 2.44 -33.83 15.10
CA LEU A 347 1.20 -34.26 15.73
C LEU A 347 1.02 -35.75 15.67
N PHE A 348 0.71 -36.33 16.81
CA PHE A 348 0.34 -37.73 16.89
C PHE A 348 -1.06 -37.66 17.50
N TYR A 349 -2.03 -37.34 16.65
CA TYR A 349 -3.43 -37.11 16.96
C TYR A 349 -4.25 -38.42 16.74
N ALA A 350 -4.38 -39.20 17.80
CA ALA A 350 -5.08 -40.49 17.73
C ALA A 350 -6.60 -40.40 17.79
N ASP A 351 -7.21 -39.87 16.71
CA ASP A 351 -8.65 -39.72 16.57
C ASP A 351 -9.18 -40.73 15.53
N HIS A 352 -8.37 -41.74 15.21
CA HIS A 352 -8.70 -42.82 14.29
C HIS A 352 -8.03 -44.10 14.73
N PRO A 353 -8.49 -45.31 14.29
CA PRO A 353 -7.91 -46.56 14.81
C PRO A 353 -6.40 -46.68 14.73
N PHE A 354 -5.84 -47.25 15.80
CA PHE A 354 -4.40 -47.48 15.98
C PHE A 354 -4.14 -48.80 16.70
N ILE A 355 -2.91 -49.30 16.55
CA ILE A 355 -2.37 -50.51 17.17
C ILE A 355 -1.45 -50.04 18.30
N PHE A 356 -1.47 -50.75 19.41
CA PHE A 356 -0.60 -50.40 20.52
C PHE A 356 0.03 -51.65 21.18
N LEU A 357 1.19 -51.44 21.80
CA LEU A 357 1.92 -52.51 22.50
C LEU A 357 2.52 -51.99 23.81
N VAL A 358 2.47 -52.83 24.86
CA VAL A 358 3.15 -52.49 26.12
C VAL A 358 4.31 -53.45 26.18
N ARG A 359 5.53 -52.91 26.12
CA ARG A 359 6.79 -53.65 26.12
C ARG A 359 7.56 -53.44 27.44
N ASP A 360 8.14 -54.51 28.02
CA ASP A 360 9.00 -54.41 29.22
C ASP A 360 10.36 -53.95 28.73
N THR A 361 10.85 -52.83 29.28
CA THR A 361 12.13 -52.24 28.85
C THR A 361 13.34 -53.18 29.00
N GLN A 362 13.52 -53.74 30.20
CA GLN A 362 14.64 -54.62 30.54
C GLN A 362 14.71 -55.90 29.68
N SER A 363 13.59 -56.65 29.60
CA SER A 363 13.51 -57.92 28.88
C SER A 363 13.22 -57.82 27.38
N GLY A 364 12.33 -56.90 27.02
CA GLY A 364 11.86 -56.74 25.65
C GLY A 364 10.52 -57.46 25.54
N SER A 365 10.19 -58.18 26.62
CA SER A 365 8.98 -58.98 26.83
C SER A 365 7.71 -58.15 26.62
N LEU A 366 6.85 -58.63 25.73
CA LEU A 366 5.58 -58.01 25.37
C LEU A 366 4.57 -58.26 26.48
N LEU A 367 4.07 -57.18 27.11
CA LEU A 367 3.11 -57.24 28.22
C LEU A 367 1.69 -57.15 27.70
N PHE A 368 1.50 -56.35 26.62
CA PHE A 368 0.21 -56.18 25.94
C PHE A 368 0.33 -55.94 24.48
N ILE A 369 -0.63 -56.46 23.74
CA ILE A 369 -0.77 -56.23 22.33
C ILE A 369 -2.26 -55.97 22.09
N GLY A 370 -2.56 -54.91 21.36
CA GLY A 370 -3.94 -54.59 21.10
C GLY A 370 -4.11 -53.50 20.07
N ARG A 371 -5.38 -53.19 19.79
CA ARG A 371 -5.80 -52.13 18.91
C ARG A 371 -7.08 -51.52 19.43
N LEU A 372 -7.20 -50.20 19.25
CA LEU A 372 -8.41 -49.46 19.58
C LEU A 372 -8.97 -48.99 18.24
N VAL A 373 -10.13 -49.58 17.88
CA VAL A 373 -10.86 -49.40 16.64
C VAL A 373 -12.13 -48.59 16.90
N ARG A 374 -12.80 -48.84 18.04
CA ARG A 374 -14.03 -48.17 18.41
C ARG A 374 -14.12 -47.93 19.90
N PRO A 375 -13.83 -46.70 20.36
CA PRO A 375 -13.95 -46.42 21.79
C PRO A 375 -15.40 -46.18 22.19
N LYS A 376 -15.68 -46.19 23.51
CA LYS A 376 -17.01 -45.90 24.06
C LYS A 376 -17.41 -44.48 23.73
N GLY A 377 -18.65 -44.33 23.32
CA GLY A 377 -19.22 -43.05 22.96
C GLY A 377 -20.39 -43.23 22.03
N ASP A 378 -21.10 -42.13 21.78
CA ASP A 378 -22.25 -42.12 20.89
C ASP A 378 -21.89 -41.50 19.53
N LYS A 379 -22.64 -41.90 18.48
CA LYS A 379 -22.52 -41.45 17.08
C LYS A 379 -22.86 -39.97 16.90
N MSE A 380 -22.32 -39.32 15.81
CA MSE A 380 -22.59 -37.92 15.44
C MSE A 380 -22.55 -37.59 13.94
O MSE A 380 -23.09 -36.56 13.49
CB MSE A 380 -21.76 -36.91 16.26
CG MSE A 380 -20.36 -37.38 16.61
SE MSE A 380 -19.63 -36.41 18.15
CE MSE A 380 -21.07 -36.83 19.51
N MSE B 1 -36.65 2.55 21.93
CA MSE B 1 -37.59 1.73 21.17
C MSE B 1 -38.25 2.51 20.02
O MSE B 1 -38.66 3.66 20.17
CB MSE B 1 -38.66 1.14 22.09
CG MSE B 1 -39.49 0.04 21.44
SE MSE B 1 -41.24 -0.14 22.32
CE MSE B 1 -42.20 1.49 21.64
N LEU B 2 -38.36 1.83 18.87
CA LEU B 2 -38.95 2.36 17.64
C LEU B 2 -40.43 2.60 17.80
N SER B 3 -40.92 3.66 17.15
CA SER B 3 -42.33 4.00 17.07
C SER B 3 -43.02 2.94 16.18
N PRO B 4 -44.34 2.67 16.33
CA PRO B 4 -44.97 1.65 15.47
C PRO B 4 -44.81 1.88 13.96
N LYS B 5 -44.83 3.15 13.51
CA LYS B 5 -44.65 3.50 12.11
C LYS B 5 -43.21 3.19 11.62
N ALA B 6 -42.18 3.57 12.41
CA ALA B 6 -40.78 3.26 12.10
C ALA B 6 -40.57 1.75 12.00
N ALA B 7 -41.20 0.98 12.93
CA ALA B 7 -41.14 -0.48 12.98
C ALA B 7 -41.68 -1.12 11.69
N THR B 8 -42.83 -0.62 11.18
CA THR B 8 -43.43 -1.11 9.93
C THR B 8 -42.58 -0.77 8.70
N LEU B 9 -41.92 0.42 8.69
CA LEU B 9 -41.00 0.85 7.64
C LEU B 9 -39.80 -0.09 7.61
N ALA B 10 -39.29 -0.46 8.81
CA ALA B 10 -38.16 -1.36 9.04
C ALA B 10 -38.41 -2.73 8.46
N GLU B 11 -39.65 -3.22 8.58
CA GLU B 11 -40.09 -4.50 8.01
C GLU B 11 -40.02 -4.41 6.47
N ARG B 12 -40.47 -3.27 5.88
CA ARG B 12 -40.45 -3.00 4.43
C ARG B 12 -39.02 -2.85 3.93
N SER B 13 -38.14 -2.23 4.75
CA SER B 13 -36.72 -2.00 4.46
C SER B 13 -35.98 -3.33 4.34
N ALA B 14 -36.30 -4.28 5.25
CA ALA B 14 -35.75 -5.62 5.28
C ALA B 14 -36.19 -6.40 4.02
N GLY B 15 -37.49 -6.40 3.74
CA GLY B 15 -38.10 -7.05 2.57
C GLY B 15 -37.54 -6.53 1.26
N LEU B 16 -37.28 -5.23 1.22
CA LEU B 16 -36.68 -4.54 0.10
C LEU B 16 -35.25 -5.04 -0.09
N ALA B 17 -34.46 -5.09 1.02
CA ALA B 17 -33.08 -5.54 1.02
C ALA B 17 -33.02 -6.99 0.58
N PHE B 18 -34.02 -7.82 0.96
CA PHE B 18 -34.06 -9.21 0.49
C PHE B 18 -34.24 -9.24 -1.03
N SER B 19 -35.16 -8.42 -1.56
CA SER B 19 -35.42 -8.28 -2.99
C SER B 19 -34.19 -7.76 -3.73
N LEU B 20 -33.51 -6.72 -3.18
CA LEU B 20 -32.28 -6.17 -3.72
C LEU B 20 -31.18 -7.21 -3.76
N TYR B 21 -30.96 -7.91 -2.63
CA TYR B 21 -29.97 -8.94 -2.53
C TYR B 21 -30.19 -9.98 -3.64
N GLN B 22 -31.42 -10.51 -3.76
CA GLN B 22 -31.78 -11.54 -4.75
C GLN B 22 -31.52 -11.11 -6.18
N ALA B 23 -31.89 -9.84 -6.49
CA ALA B 23 -31.68 -9.19 -7.79
C ALA B 23 -30.21 -9.17 -8.15
N MSE B 24 -29.36 -8.74 -7.19
CA MSE B 24 -27.92 -8.63 -7.32
C MSE B 24 -27.24 -9.98 -7.42
O MSE B 24 -26.32 -10.13 -8.23
CB MSE B 24 -27.35 -7.79 -6.18
CG MSE B 24 -27.89 -6.39 -6.18
SE MSE B 24 -27.08 -5.19 -4.91
CE MSE B 24 -25.79 -4.22 -6.16
N ALA B 25 -27.66 -10.95 -6.60
CA ALA B 25 -27.09 -12.31 -6.58
C ALA B 25 -27.24 -13.02 -7.93
N LYS B 26 -28.31 -12.70 -8.68
CA LYS B 26 -28.55 -13.27 -10.01
C LYS B 26 -27.54 -12.71 -11.06
N ASP B 27 -26.97 -11.50 -10.80
CA ASP B 27 -26.01 -10.83 -11.68
C ASP B 27 -24.65 -11.48 -11.53
N GLN B 28 -24.12 -12.01 -12.64
CA GLN B 28 -22.82 -12.70 -12.71
C GLN B 28 -21.66 -11.71 -12.56
N ALA B 29 -21.93 -10.39 -12.73
CA ALA B 29 -20.93 -9.34 -12.55
C ALA B 29 -20.71 -9.06 -11.03
N VAL B 30 -21.73 -9.35 -10.21
CA VAL B 30 -21.70 -9.12 -8.77
C VAL B 30 -20.97 -10.25 -8.04
N GLU B 31 -19.99 -9.87 -7.21
CA GLU B 31 -19.24 -10.80 -6.38
C GLU B 31 -19.75 -10.58 -4.97
N ASN B 32 -19.10 -9.71 -4.20
CA ASN B 32 -19.53 -9.42 -2.85
C ASN B 32 -20.71 -8.49 -2.85
N ILE B 33 -21.63 -8.71 -1.88
CA ILE B 33 -22.82 -7.90 -1.65
C ILE B 33 -22.81 -7.43 -0.18
N LEU B 34 -22.95 -6.12 0.03
CA LEU B 34 -23.06 -5.47 1.33
C LEU B 34 -24.15 -4.40 1.22
N LEU B 35 -25.28 -4.63 1.90
CA LEU B 35 -26.42 -3.74 1.90
C LEU B 35 -26.89 -3.39 3.31
N SER B 36 -27.16 -2.09 3.54
CA SER B 36 -27.76 -1.60 4.77
C SER B 36 -29.23 -1.34 4.40
N PRO B 37 -30.18 -2.21 4.78
CA PRO B 37 -31.60 -1.98 4.41
C PRO B 37 -32.11 -0.55 4.60
N VAL B 38 -31.80 0.08 5.74
CA VAL B 38 -32.23 1.43 6.11
C VAL B 38 -31.74 2.45 5.12
N VAL B 39 -30.44 2.41 4.79
CA VAL B 39 -29.79 3.33 3.88
C VAL B 39 -30.34 3.13 2.47
N VAL B 40 -30.64 1.87 2.10
CA VAL B 40 -31.25 1.56 0.79
C VAL B 40 -32.63 2.16 0.73
N ALA B 41 -33.44 1.97 1.80
CA ALA B 41 -34.78 2.50 1.89
C ALA B 41 -34.75 4.01 1.87
N SER B 42 -33.77 4.62 2.60
CA SER B 42 -33.57 6.06 2.68
C SER B 42 -33.27 6.68 1.30
N SER B 43 -32.71 5.88 0.37
CA SER B 43 -32.40 6.34 -0.99
C SER B 43 -33.66 6.44 -1.87
N LEU B 44 -34.61 5.49 -1.68
CA LEU B 44 -35.89 5.48 -2.39
C LEU B 44 -36.72 6.62 -1.82
N GLY B 45 -36.58 6.85 -0.53
CA GLY B 45 -37.21 7.95 0.18
C GLY B 45 -36.88 9.29 -0.44
N LEU B 46 -35.62 9.50 -0.81
CA LEU B 46 -35.15 10.74 -1.45
C LEU B 46 -35.72 10.91 -2.85
N VAL B 47 -35.90 9.81 -3.60
CA VAL B 47 -36.50 9.78 -4.93
C VAL B 47 -38.00 10.15 -4.81
N SER B 48 -38.72 9.61 -3.78
CA SER B 48 -40.12 9.94 -3.51
C SER B 48 -40.21 11.45 -3.15
N LEU B 49 -39.28 11.92 -2.28
CA LEU B 49 -39.10 13.29 -1.81
C LEU B 49 -38.80 14.28 -2.93
N GLY B 50 -37.87 13.94 -3.83
CA GLY B 50 -37.46 14.82 -4.93
C GLY B 50 -38.14 14.64 -6.28
N GLY B 51 -38.67 13.45 -6.53
CA GLY B 51 -39.39 13.11 -7.74
C GLY B 51 -40.88 13.25 -7.53
N LYS B 52 -41.64 13.31 -8.61
CA LYS B 52 -43.10 13.51 -8.59
C LYS B 52 -43.75 12.58 -9.67
N ALA B 53 -45.09 12.48 -9.72
CA ALA B 53 -45.83 11.60 -10.63
C ALA B 53 -45.40 10.12 -10.53
N THR B 54 -45.06 9.50 -11.69
CA THR B 54 -44.61 8.10 -11.81
C THR B 54 -43.22 7.87 -11.17
N THR B 55 -42.28 8.80 -11.37
CA THR B 55 -40.93 8.75 -10.81
C THR B 55 -40.94 8.52 -9.28
N ALA B 56 -41.91 9.17 -8.55
CA ALA B 56 -42.11 9.06 -7.10
C ALA B 56 -42.95 7.85 -6.68
N SER B 57 -44.02 7.54 -7.44
CA SER B 57 -44.94 6.43 -7.20
C SER B 57 -44.19 5.09 -7.28
N GLN B 58 -43.26 4.98 -8.24
CA GLN B 58 -42.41 3.80 -8.44
C GLN B 58 -41.53 3.61 -7.21
N ALA B 59 -40.87 4.71 -6.75
CA ALA B 59 -40.01 4.72 -5.55
C ALA B 59 -40.75 4.15 -4.32
N LYS B 60 -42.02 4.58 -4.08
CA LYS B 60 -42.85 4.09 -2.98
C LYS B 60 -43.21 2.61 -3.20
N ALA B 61 -43.57 2.25 -4.45
CA ALA B 61 -43.92 0.88 -4.84
C ALA B 61 -42.75 -0.11 -4.65
N VAL B 62 -41.51 0.32 -4.96
CA VAL B 62 -40.32 -0.53 -4.80
C VAL B 62 -40.16 -0.92 -3.32
N LEU B 63 -40.25 0.09 -2.45
CA LEU B 63 -40.17 0.03 -0.99
C LEU B 63 -41.40 -0.71 -0.40
N SER B 64 -42.46 -0.92 -1.24
CA SER B 64 -43.72 -1.55 -0.89
C SER B 64 -44.42 -0.76 0.20
N ALA B 65 -44.27 0.59 0.11
CA ALA B 65 -44.86 1.55 1.05
C ALA B 65 -45.93 2.42 0.38
N GLU B 66 -46.53 1.94 -0.74
CA GLU B 66 -47.57 2.65 -1.49
C GLU B 66 -48.84 2.96 -0.68
N GLN B 67 -49.14 2.13 0.34
CA GLN B 67 -50.31 2.31 1.22
C GLN B 67 -50.07 3.30 2.38
N LEU B 68 -48.85 3.85 2.49
CA LEU B 68 -48.49 4.85 3.50
C LEU B 68 -48.55 6.25 2.91
N ARG B 69 -48.73 7.26 3.78
CA ARG B 69 -48.69 8.66 3.38
C ARG B 69 -47.18 8.98 3.15
N ASP B 70 -46.87 9.96 2.28
CA ASP B 70 -45.49 10.34 2.00
C ASP B 70 -44.75 10.73 3.28
N GLU B 71 -45.41 11.52 4.18
CA GLU B 71 -44.82 11.93 5.45
C GLU B 71 -44.49 10.79 6.41
N GLU B 72 -45.32 9.72 6.39
CA GLU B 72 -45.08 8.51 7.19
C GLU B 72 -43.79 7.83 6.75
N VAL B 73 -43.54 7.73 5.42
CA VAL B 73 -42.35 7.11 4.85
C VAL B 73 -41.06 7.89 5.21
N HIS B 74 -41.10 9.23 5.10
CA HIS B 74 -39.98 10.10 5.38
C HIS B 74 -39.60 10.20 6.86
N ALA B 75 -40.61 10.39 7.75
CA ALA B 75 -40.43 10.53 9.20
C ALA B 75 -39.90 9.26 9.91
N GLY B 76 -40.41 8.11 9.45
CA GLY B 76 -40.10 6.76 9.95
C GLY B 76 -38.74 6.25 9.52
N LEU B 77 -38.28 6.63 8.31
CA LEU B 77 -36.95 6.26 7.81
C LEU B 77 -35.91 7.11 8.49
N GLY B 78 -36.33 8.29 8.95
CA GLY B 78 -35.48 9.22 9.67
C GLY B 78 -35.19 8.69 11.05
N GLU B 79 -36.25 8.20 11.71
CA GLU B 79 -36.19 7.62 13.06
C GLU B 79 -35.33 6.36 13.06
N LEU B 80 -35.44 5.53 12.00
CA LEU B 80 -34.66 4.31 11.81
C LEU B 80 -33.17 4.64 11.67
N LEU B 81 -32.80 5.61 10.80
CA LEU B 81 -31.41 6.07 10.60
C LEU B 81 -30.84 6.54 11.92
N ARG B 82 -31.64 7.30 12.69
CA ARG B 82 -31.28 7.83 14.00
C ARG B 82 -31.05 6.74 15.04
N SER B 83 -31.99 5.76 15.18
CA SER B 83 -31.89 4.64 16.13
C SER B 83 -30.63 3.77 15.97
N LEU B 84 -30.12 3.61 14.71
CA LEU B 84 -28.92 2.87 14.34
C LEU B 84 -27.67 3.36 15.11
N SER B 85 -27.61 4.68 15.34
CA SER B 85 -26.52 5.33 16.03
C SER B 85 -26.48 5.05 17.55
N ASN B 86 -25.64 4.05 17.94
CA ASN B 86 -25.31 3.55 19.29
C ASN B 86 -24.31 2.38 19.21
N VAL B 92 -19.72 -1.31 19.46
CA VAL B 92 -19.62 -1.49 18.01
C VAL B 92 -19.31 -0.18 17.27
N THR B 93 -18.37 -0.22 16.30
CA THR B 93 -18.00 0.95 15.48
C THR B 93 -18.90 1.06 14.22
N TRP B 94 -19.52 2.23 14.01
CA TRP B 94 -20.45 2.50 12.92
C TRP B 94 -20.31 3.94 12.44
N LYS B 95 -20.15 4.13 11.11
CA LYS B 95 -19.95 5.45 10.51
C LYS B 95 -20.72 5.55 9.21
N LEU B 96 -21.57 6.58 9.10
CA LEU B 96 -22.37 6.80 7.90
C LEU B 96 -22.34 8.25 7.43
N GLY B 97 -22.37 8.42 6.12
CA GLY B 97 -22.42 9.70 5.43
C GLY B 97 -23.28 9.57 4.19
N SER B 98 -24.28 10.45 4.06
CA SER B 98 -25.13 10.47 2.89
C SER B 98 -24.82 11.78 2.19
N ARG B 99 -24.69 11.78 0.84
CA ARG B 99 -24.33 12.97 0.08
C ARG B 99 -24.86 12.98 -1.34
N LEU B 100 -25.51 14.11 -1.69
CA LEU B 100 -26.05 14.35 -3.02
C LEU B 100 -25.13 15.21 -3.88
N TYR B 101 -24.63 14.62 -4.96
CA TYR B 101 -23.76 15.32 -5.88
C TYR B 101 -24.55 15.54 -7.18
N GLY B 102 -24.78 16.79 -7.53
CA GLY B 102 -25.44 17.16 -8.78
C GLY B 102 -24.48 18.01 -9.59
N PRO B 103 -24.77 18.34 -10.87
CA PRO B 103 -23.84 19.20 -11.63
C PRO B 103 -23.76 20.61 -11.03
N SER B 104 -22.58 21.25 -11.12
CA SER B 104 -22.30 22.61 -10.59
C SER B 104 -23.25 23.71 -11.11
N SER B 105 -23.86 23.49 -12.29
CA SER B 105 -24.81 24.39 -12.96
C SER B 105 -26.23 24.36 -12.33
N VAL B 106 -26.70 23.15 -11.91
CA VAL B 106 -28.02 22.93 -11.32
C VAL B 106 -28.18 23.60 -9.93
N SER B 107 -29.42 23.81 -9.47
CA SER B 107 -29.70 24.45 -8.19
C SER B 107 -30.61 23.56 -7.34
N PHE B 108 -30.15 23.23 -6.11
CA PHE B 108 -30.92 22.42 -5.17
C PHE B 108 -31.98 23.30 -4.49
N ALA B 109 -33.26 22.89 -4.62
CA ALA B 109 -34.43 23.59 -4.06
C ALA B 109 -34.39 23.61 -2.54
N GLU B 110 -34.57 24.81 -1.93
CA GLU B 110 -34.58 25.07 -0.48
C GLU B 110 -35.48 24.09 0.30
N ASP B 111 -36.71 23.85 -0.22
CA ASP B 111 -37.73 22.95 0.35
C ASP B 111 -37.21 21.48 0.42
N PHE B 112 -36.57 21.00 -0.66
CA PHE B 112 -35.98 19.66 -0.73
C PHE B 112 -34.72 19.55 0.12
N VAL B 113 -33.83 20.56 0.08
CA VAL B 113 -32.60 20.61 0.88
C VAL B 113 -32.91 20.48 2.36
N ARG B 114 -33.91 21.22 2.83
CA ARG B 114 -34.38 21.22 4.22
C ARG B 114 -34.89 19.82 4.62
N SER B 115 -35.76 19.21 3.79
CA SER B 115 -36.35 17.89 4.04
C SER B 115 -35.36 16.71 3.94
N SER B 116 -34.45 16.73 2.93
CA SER B 116 -33.39 15.74 2.74
C SER B 116 -32.39 15.72 3.92
N LYS B 117 -32.00 16.91 4.45
CA LYS B 117 -31.12 17.03 5.61
C LYS B 117 -31.85 16.60 6.89
N GLN B 118 -33.18 16.95 7.00
CA GLN B 118 -34.01 16.58 8.15
C GLN B 118 -34.14 15.06 8.32
N HIS B 119 -34.72 14.37 7.33
CA HIS B 119 -34.99 12.94 7.39
C HIS B 119 -33.80 12.04 7.11
N TYR B 120 -33.08 12.33 6.04
CA TYR B 120 -32.03 11.44 5.59
C TYR B 120 -30.59 11.89 5.85
N ASN B 121 -30.40 13.08 6.48
CA ASN B 121 -29.10 13.72 6.77
C ASN B 121 -28.21 13.89 5.53
N CYS B 122 -28.89 14.11 4.39
CA CYS B 122 -28.33 14.24 3.06
C CYS B 122 -27.70 15.59 2.80
N GLU B 123 -26.35 15.68 2.86
CA GLU B 123 -25.60 16.92 2.59
C GLU B 123 -25.58 17.09 1.07
N HIS B 124 -25.54 18.32 0.61
CA HIS B 124 -25.55 18.55 -0.84
C HIS B 124 -24.28 19.20 -1.33
N SER B 125 -23.84 18.77 -2.52
CA SER B 125 -22.61 19.29 -3.10
C SER B 125 -22.70 19.39 -4.60
N LYS B 126 -22.27 20.54 -5.13
CA LYS B 126 -22.22 20.81 -6.55
C LYS B 126 -20.78 20.49 -6.93
N ILE B 127 -20.62 19.80 -8.07
CA ILE B 127 -19.33 19.32 -8.55
C ILE B 127 -19.28 19.21 -10.07
N ASN B 128 -18.09 19.45 -10.63
CA ASN B 128 -17.93 19.30 -12.06
C ASN B 128 -17.48 17.87 -12.30
N PHE B 129 -18.38 17.09 -12.95
CA PHE B 129 -18.18 15.66 -13.25
C PHE B 129 -17.35 15.45 -14.51
N ARG B 130 -17.29 16.48 -15.37
CA ARG B 130 -16.48 16.45 -16.58
C ARG B 130 -15.00 16.52 -16.16
N ASP B 131 -14.74 17.02 -14.92
CA ASP B 131 -13.44 17.15 -14.27
C ASP B 131 -13.23 15.81 -13.49
N LYS B 132 -13.15 14.68 -14.25
CA LYS B 132 -13.08 13.30 -13.75
C LYS B 132 -12.16 12.97 -12.59
N ARG B 133 -10.82 13.13 -12.74
CA ARG B 133 -9.87 12.83 -11.65
C ARG B 133 -10.19 13.62 -10.37
N SER B 134 -10.35 14.96 -10.47
CA SER B 134 -10.66 15.80 -9.32
C SER B 134 -12.04 15.48 -8.73
N ALA B 135 -13.02 15.11 -9.59
CA ALA B 135 -14.39 14.75 -9.19
C ALA B 135 -14.33 13.50 -8.34
N LEU B 136 -13.64 12.46 -8.83
CA LEU B 136 -13.47 11.20 -8.15
C LEU B 136 -12.72 11.42 -6.85
N GLN B 137 -11.58 12.16 -6.92
CA GLN B 137 -10.68 12.50 -5.81
C GLN B 137 -11.45 13.06 -4.64
N SER B 138 -12.38 14.03 -4.91
CA SER B 138 -13.14 14.67 -3.86
C SER B 138 -14.23 13.79 -3.22
N ILE B 139 -14.91 12.94 -4.02
CA ILE B 139 -15.90 11.98 -3.53
C ILE B 139 -15.15 10.96 -2.64
N ASN B 140 -14.08 10.35 -3.18
CA ASN B 140 -13.26 9.37 -2.49
C ASN B 140 -12.63 9.93 -1.21
N GLU B 141 -12.28 11.23 -1.18
CA GLU B 141 -11.75 11.85 0.04
C GLU B 141 -12.88 12.04 1.05
N TRP B 142 -14.09 12.43 0.57
CA TRP B 142 -15.25 12.60 1.44
C TRP B 142 -15.55 11.26 2.14
N ALA B 143 -15.53 10.16 1.38
CA ALA B 143 -15.74 8.81 1.90
C ALA B 143 -14.61 8.43 2.84
N ALA B 144 -13.34 8.78 2.50
CA ALA B 144 -12.21 8.45 3.36
C ALA B 144 -12.37 9.14 4.72
N GLN B 145 -12.71 10.44 4.72
CA GLN B 145 -12.86 11.16 5.98
C GLN B 145 -14.05 10.69 6.83
N THR B 146 -15.19 10.41 6.16
CA THR B 146 -16.45 9.92 6.74
C THR B 146 -16.21 8.62 7.50
N THR B 147 -15.34 7.76 6.96
CA THR B 147 -15.05 6.43 7.48
C THR B 147 -13.70 6.32 8.19
N ASP B 148 -12.99 7.44 8.26
CA ASP B 148 -11.65 7.54 8.86
C ASP B 148 -10.69 6.59 8.18
N GLY B 149 -10.66 6.70 6.86
CA GLY B 149 -9.78 5.99 5.94
C GLY B 149 -10.05 4.53 5.70
N LYS B 150 -11.09 3.95 6.31
CA LYS B 150 -11.36 2.51 6.12
C LYS B 150 -11.97 2.18 4.78
N LEU B 151 -12.61 3.20 4.18
CA LEU B 151 -13.19 3.14 2.85
C LEU B 151 -12.45 4.25 2.06
N PRO B 152 -11.24 3.94 1.54
CA PRO B 152 -10.47 5.00 0.85
C PRO B 152 -10.94 5.37 -0.53
N GLU B 153 -11.81 4.55 -1.14
CA GLU B 153 -12.32 4.75 -2.49
C GLU B 153 -13.75 4.26 -2.65
N VAL B 154 -14.61 5.10 -3.24
CA VAL B 154 -16.00 4.74 -3.53
C VAL B 154 -15.95 4.03 -4.88
N THR B 155 -15.67 4.77 -5.95
CA THR B 155 -15.62 4.19 -7.28
C THR B 155 -14.34 4.58 -7.98
N LYS B 156 -13.97 3.80 -9.01
CA LYS B 156 -12.81 4.07 -9.85
C LYS B 156 -13.27 4.94 -11.03
N ASP B 157 -14.59 4.97 -11.33
CA ASP B 157 -15.18 5.76 -12.42
C ASP B 157 -16.67 6.08 -12.21
N VAL B 158 -17.11 7.24 -12.70
CA VAL B 158 -18.50 7.74 -12.73
C VAL B 158 -18.82 7.93 -14.22
N GLU B 159 -19.79 7.19 -14.74
CA GLU B 159 -20.09 7.24 -16.17
C GLU B 159 -20.98 8.39 -16.63
N ARG B 160 -21.88 8.85 -15.76
CA ARG B 160 -22.82 9.90 -16.17
C ARG B 160 -22.55 11.27 -15.56
N THR B 161 -21.89 12.12 -16.33
CA THR B 161 -21.59 13.50 -15.95
C THR B 161 -22.85 14.41 -15.84
N ASP B 162 -23.91 14.08 -16.59
CA ASP B 162 -25.09 14.92 -16.71
C ASP B 162 -26.19 14.86 -15.66
N GLY B 163 -26.14 13.92 -14.72
CA GLY B 163 -27.18 13.77 -13.71
C GLY B 163 -26.76 13.80 -12.27
N ALA B 164 -27.73 13.51 -11.37
CA ALA B 164 -27.57 13.48 -9.92
C ALA B 164 -26.93 12.18 -9.44
N LEU B 165 -26.11 12.29 -8.39
CA LEU B 165 -25.38 11.19 -7.76
C LEU B 165 -25.62 11.17 -6.25
N LEU B 166 -26.20 10.09 -5.72
CA LEU B 166 -26.36 9.97 -4.28
C LEU B 166 -25.33 8.98 -3.85
N VAL B 167 -24.49 9.39 -2.87
CA VAL B 167 -23.40 8.57 -2.36
C VAL B 167 -23.58 8.33 -0.86
N ASN B 168 -23.58 7.06 -0.48
CA ASN B 168 -23.60 6.60 0.90
C ASN B 168 -22.25 5.91 1.17
N ALA B 169 -21.54 6.39 2.20
CA ALA B 169 -20.23 5.88 2.63
C ALA B 169 -20.38 5.36 4.06
N MSE B 170 -20.06 4.08 4.28
CA MSE B 170 -20.19 3.42 5.57
C MSE B 170 -18.97 2.67 6.02
O MSE B 170 -18.24 2.09 5.21
CB MSE B 170 -21.33 2.40 5.52
CG MSE B 170 -22.70 3.00 5.60
SE MSE B 170 -24.01 1.99 4.60
CE MSE B 170 -23.57 2.51 2.78
N PHE B 171 -18.82 2.58 7.34
CA PHE B 171 -17.80 1.77 8.01
C PHE B 171 -18.53 1.06 9.15
N PHE B 172 -18.46 -0.27 9.16
CA PHE B 172 -19.05 -1.08 10.20
C PHE B 172 -18.08 -2.14 10.67
N LYS B 173 -17.92 -2.22 12.00
CA LYS B 173 -17.01 -3.16 12.64
C LYS B 173 -17.74 -3.87 13.76
N PRO B 174 -18.28 -5.08 13.52
CA PRO B 174 -18.90 -5.82 14.63
C PRO B 174 -17.91 -6.06 15.80
N HIS B 175 -18.30 -5.64 16.99
CA HIS B 175 -17.51 -5.79 18.21
C HIS B 175 -18.21 -6.92 18.96
N TRP B 176 -17.53 -8.08 19.05
CA TRP B 176 -18.08 -9.32 19.60
C TRP B 176 -18.37 -9.24 21.10
N ASP B 177 -19.45 -9.93 21.52
CA ASP B 177 -19.82 -9.99 22.93
C ASP B 177 -18.75 -10.85 23.66
N GLU B 178 -18.16 -11.83 22.94
CA GLU B 178 -17.06 -12.69 23.38
C GLU B 178 -15.98 -12.61 22.30
N LYS B 179 -14.89 -11.91 22.60
CA LYS B 179 -13.80 -11.63 21.68
C LYS B 179 -13.02 -12.87 21.22
N PHE B 180 -12.30 -12.75 20.11
CA PHE B 180 -11.38 -13.77 19.63
C PHE B 180 -10.05 -13.51 20.33
N HIS B 181 -9.26 -14.57 20.57
CA HIS B 181 -7.95 -14.39 21.18
C HIS B 181 -7.05 -13.75 20.11
N HIS B 182 -6.26 -12.75 20.50
CA HIS B 182 -5.42 -12.03 19.54
C HIS B 182 -4.40 -12.88 18.81
N LYS B 183 -4.04 -14.04 19.38
CA LYS B 183 -3.07 -14.94 18.76
C LYS B 183 -3.76 -16.05 17.93
N MSE B 184 -5.11 -16.17 17.99
CA MSE B 184 -5.89 -17.19 17.27
C MSE B 184 -6.16 -16.78 15.83
O MSE B 184 -7.30 -16.77 15.37
CB MSE B 184 -7.20 -17.44 18.03
CG MSE B 184 -7.02 -18.29 19.28
SE MSE B 184 -6.70 -20.16 18.85
CE MSE B 184 -8.49 -20.80 18.71
N VAL B 185 -5.08 -16.41 15.12
CA VAL B 185 -5.06 -15.80 13.78
C VAL B 185 -3.91 -16.42 12.96
N ASP B 186 -4.23 -16.94 11.76
CA ASP B 186 -3.22 -17.54 10.89
C ASP B 186 -3.56 -17.40 9.41
N ASN B 187 -2.66 -17.84 8.54
CA ASN B 187 -2.90 -17.75 7.12
C ASN B 187 -3.47 -19.03 6.59
N ARG B 188 -4.59 -18.92 5.89
CA ARG B 188 -5.28 -20.06 5.27
C ARG B 188 -5.68 -19.70 3.84
N GLY B 189 -6.29 -20.64 3.17
CA GLY B 189 -6.78 -20.47 1.81
C GLY B 189 -8.28 -20.41 1.78
N PHE B 190 -8.83 -19.36 1.16
CA PHE B 190 -10.26 -19.19 0.97
C PHE B 190 -10.59 -19.64 -0.46
N MSE B 191 -11.56 -20.56 -0.59
CA MSE B 191 -11.96 -21.11 -1.90
C MSE B 191 -13.10 -20.31 -2.50
O MSE B 191 -14.25 -20.48 -2.12
CB MSE B 191 -12.32 -22.59 -1.80
CG MSE B 191 -11.17 -23.42 -1.27
SE MSE B 191 -11.71 -25.20 -0.85
CE MSE B 191 -13.03 -24.78 0.58
N VAL B 192 -12.73 -19.42 -3.42
CA VAL B 192 -13.64 -18.54 -4.15
C VAL B 192 -14.49 -19.43 -5.08
N THR B 193 -13.82 -20.38 -5.76
CA THR B 193 -14.41 -21.40 -6.60
C THR B 193 -13.70 -22.73 -6.33
N ARG B 194 -14.16 -23.80 -7.00
CA ARG B 194 -13.53 -25.12 -6.87
C ARG B 194 -12.18 -25.15 -7.59
N SER B 195 -11.93 -24.16 -8.45
CA SER B 195 -10.67 -24.02 -9.19
C SER B 195 -9.87 -22.78 -8.75
N TYR B 196 -10.42 -21.96 -7.83
CA TYR B 196 -9.74 -20.74 -7.45
C TYR B 196 -9.67 -20.44 -5.93
N THR B 197 -8.43 -20.52 -5.40
CA THR B 197 -8.14 -20.27 -3.99
C THR B 197 -7.33 -18.98 -3.79
N VAL B 198 -7.67 -18.26 -2.75
CA VAL B 198 -7.04 -17.01 -2.38
C VAL B 198 -6.51 -17.09 -0.94
N GLY B 199 -5.30 -16.57 -0.74
CA GLY B 199 -4.65 -16.50 0.56
C GLY B 199 -5.26 -15.47 1.48
N VAL B 200 -5.80 -15.91 2.59
CA VAL B 200 -6.44 -15.01 3.58
C VAL B 200 -5.87 -15.24 4.96
N THR B 201 -6.19 -14.33 5.85
CA THR B 201 -5.89 -14.41 7.27
C THR B 201 -7.21 -14.86 7.90
N MSE B 202 -7.19 -15.93 8.68
CA MSE B 202 -8.38 -16.40 9.38
C MSE B 202 -8.16 -16.24 10.86
O MSE B 202 -7.02 -16.34 11.34
CB MSE B 202 -8.69 -17.85 9.04
CG MSE B 202 -9.05 -18.03 7.60
SE MSE B 202 -10.19 -19.57 7.36
CE MSE B 202 -11.82 -18.82 7.72
N MSE B 203 -9.25 -15.96 11.56
CA MSE B 203 -9.36 -15.80 12.99
C MSE B 203 -10.29 -16.89 13.47
O MSE B 203 -11.25 -17.23 12.78
CB MSE B 203 -9.84 -14.40 13.36
CG MSE B 203 -11.23 -14.05 12.87
SE MSE B 203 -11.73 -12.26 13.45
CE MSE B 203 -13.67 -12.34 13.15
N HIS B 204 -9.96 -17.48 14.66
CA HIS B 204 -10.60 -18.65 15.20
C HIS B 204 -11.02 -18.54 16.67
N ARG B 205 -12.20 -19.08 17.00
CA ARG B 205 -12.71 -19.08 18.37
C ARG B 205 -13.72 -20.22 18.55
N THR B 206 -13.64 -20.91 19.69
CA THR B 206 -14.62 -21.92 20.08
C THR B 206 -15.39 -21.36 21.26
N GLY B 207 -16.72 -21.44 21.19
CA GLY B 207 -17.61 -21.00 22.26
C GLY B 207 -19.01 -21.56 22.08
N LEU B 208 -19.91 -21.17 22.97
CA LEU B 208 -21.32 -21.51 22.89
C LEU B 208 -21.96 -20.49 21.98
N TYR B 209 -22.58 -20.97 20.90
CA TYR B 209 -23.25 -20.12 19.94
C TYR B 209 -24.58 -20.76 19.56
N ASN B 210 -25.56 -19.93 19.14
CA ASN B 210 -26.82 -20.43 18.62
C ASN B 210 -26.49 -20.96 17.25
N TYR B 211 -26.78 -22.24 17.04
CA TYR B 211 -26.36 -22.94 15.84
C TYR B 211 -27.42 -23.87 15.32
N TYR B 212 -27.44 -24.02 13.99
CA TYR B 212 -28.31 -24.96 13.31
C TYR B 212 -27.68 -25.52 12.06
N ASP B 213 -27.69 -26.84 11.99
CA ASP B 213 -27.17 -27.63 10.90
C ASP B 213 -28.35 -28.33 10.19
N ASP B 214 -28.73 -27.85 8.99
CA ASP B 214 -29.81 -28.43 8.20
C ASP B 214 -29.21 -29.55 7.35
N GLU B 215 -29.43 -30.81 7.80
CA GLU B 215 -28.92 -32.00 7.14
C GLU B 215 -29.56 -32.22 5.78
N LYS B 216 -30.86 -31.86 5.67
CA LYS B 216 -31.66 -31.96 4.46
C LYS B 216 -31.17 -30.99 3.39
N GLU B 217 -31.02 -29.70 3.75
CA GLU B 217 -30.56 -28.67 2.81
C GLU B 217 -29.05 -28.43 2.79
N LYS B 218 -28.29 -29.26 3.53
CA LYS B 218 -26.83 -29.19 3.58
C LYS B 218 -26.23 -27.77 3.79
N LEU B 219 -26.68 -27.12 4.87
CA LEU B 219 -26.24 -25.77 5.23
C LEU B 219 -26.11 -25.61 6.74
N GLN B 220 -25.32 -24.60 7.16
CA GLN B 220 -25.10 -24.26 8.55
C GLN B 220 -25.47 -22.81 8.78
N ILE B 221 -26.04 -22.53 9.96
CA ILE B 221 -26.40 -21.20 10.42
C ILE B 221 -25.93 -20.97 11.85
N VAL B 222 -25.20 -19.85 12.07
CA VAL B 222 -24.62 -19.47 13.36
C VAL B 222 -24.95 -18.04 13.73
N GLU B 223 -25.22 -17.80 15.03
CA GLU B 223 -25.53 -16.47 15.55
C GLU B 223 -24.43 -16.05 16.47
N MSE B 224 -23.76 -14.95 16.13
CA MSE B 224 -22.66 -14.42 16.91
C MSE B 224 -23.09 -13.10 17.58
O MSE B 224 -23.13 -12.06 16.92
CB MSE B 224 -21.43 -14.21 16.00
CG MSE B 224 -21.00 -15.45 15.27
SE MSE B 224 -19.53 -15.03 14.05
CE MSE B 224 -18.05 -14.70 15.36
N PRO B 225 -23.46 -13.14 18.86
CA PRO B 225 -23.88 -11.89 19.53
C PRO B 225 -22.77 -10.84 19.55
N LEU B 226 -23.19 -9.60 19.38
CA LEU B 226 -22.32 -8.45 19.39
C LEU B 226 -22.36 -7.83 20.77
N ALA B 227 -21.50 -6.83 21.01
CA ALA B 227 -21.36 -6.24 22.33
C ALA B 227 -22.67 -6.02 23.06
N HIS B 228 -22.72 -6.57 24.29
CA HIS B 228 -23.85 -6.50 25.22
C HIS B 228 -25.14 -7.11 24.67
N LYS B 229 -25.02 -8.02 23.68
CA LYS B 229 -26.14 -8.74 23.06
C LYS B 229 -27.20 -7.78 22.46
N LEU B 230 -26.78 -6.56 22.10
CA LEU B 230 -27.68 -5.53 21.56
C LEU B 230 -28.07 -5.78 20.12
N SER B 231 -27.18 -6.47 19.40
CA SER B 231 -27.35 -6.90 18.01
C SER B 231 -26.56 -8.19 17.85
N SER B 232 -26.78 -8.90 16.74
CA SER B 232 -26.04 -10.13 16.47
C SER B 232 -25.78 -10.31 14.98
N LEU B 233 -24.66 -10.99 14.67
CA LEU B 233 -24.25 -11.30 13.32
C LEU B 233 -24.60 -12.77 12.99
N ILE B 234 -25.46 -12.97 11.98
CA ILE B 234 -25.89 -14.30 11.54
C ILE B 234 -25.15 -14.74 10.28
N ILE B 235 -24.57 -15.97 10.30
CA ILE B 235 -23.86 -16.51 9.13
C ILE B 235 -24.53 -17.76 8.57
N LEU B 236 -24.83 -17.73 7.26
CA LEU B 236 -25.44 -18.80 6.50
C LEU B 236 -24.46 -19.32 5.47
N MSE B 237 -24.12 -20.58 5.56
CA MSE B 237 -23.14 -21.13 4.64
C MSE B 237 -23.48 -22.58 4.28
O MSE B 237 -23.82 -23.35 5.17
CB MSE B 237 -21.76 -21.03 5.31
CG MSE B 237 -20.61 -21.50 4.42
SE MSE B 237 -18.93 -21.26 5.29
CE MSE B 237 -19.20 -22.46 6.87
N PRO B 238 -23.38 -23.00 3.00
CA PRO B 238 -23.61 -24.44 2.69
C PRO B 238 -22.47 -25.29 3.26
N HIS B 239 -22.75 -26.55 3.60
CA HIS B 239 -21.76 -27.48 4.14
C HIS B 239 -20.47 -27.57 3.29
N HIS B 240 -20.63 -27.71 1.96
CA HIS B 240 -19.55 -27.87 1.00
C HIS B 240 -19.37 -26.63 0.15
N VAL B 241 -18.23 -26.56 -0.59
CA VAL B 241 -17.97 -25.46 -1.51
C VAL B 241 -18.83 -25.69 -2.70
N GLU B 242 -19.68 -24.70 -2.91
CA GLU B 242 -20.65 -24.61 -3.97
C GLU B 242 -21.07 -23.15 -4.10
N PRO B 243 -21.33 -22.62 -5.32
CA PRO B 243 -21.82 -21.23 -5.42
C PRO B 243 -23.09 -21.10 -4.61
N LEU B 244 -23.26 -19.92 -4.03
CA LEU B 244 -24.38 -19.60 -3.15
C LEU B 244 -25.78 -19.65 -3.80
N GLU B 245 -25.88 -19.76 -5.16
CA GLU B 245 -27.15 -19.81 -5.91
C GLU B 245 -28.23 -20.72 -5.28
N ARG B 246 -27.85 -21.95 -4.92
CA ARG B 246 -28.77 -22.92 -4.32
C ARG B 246 -29.31 -22.41 -2.97
N LEU B 247 -28.41 -21.90 -2.10
CA LEU B 247 -28.76 -21.35 -0.80
C LEU B 247 -29.64 -20.11 -0.95
N GLU B 248 -29.29 -19.25 -1.93
CA GLU B 248 -29.99 -18.00 -2.18
C GLU B 248 -31.43 -18.24 -2.56
N LYS B 249 -31.70 -19.34 -3.32
CA LYS B 249 -33.06 -19.76 -3.69
C LYS B 249 -33.90 -20.02 -2.43
N LEU B 250 -33.26 -20.63 -1.39
CA LEU B 250 -33.89 -20.95 -0.10
C LEU B 250 -34.10 -19.73 0.78
N LEU B 251 -33.21 -18.72 0.65
CA LEU B 251 -33.23 -17.52 1.49
C LEU B 251 -34.44 -16.63 1.32
N THR B 252 -35.33 -16.63 2.32
CA THR B 252 -36.53 -15.78 2.40
C THR B 252 -36.68 -15.31 3.85
N LYS B 253 -37.51 -14.27 4.08
CA LYS B 253 -37.80 -13.74 5.42
C LYS B 253 -38.39 -14.88 6.30
N GLU B 254 -39.26 -15.69 5.70
CA GLU B 254 -39.97 -16.81 6.34
C GLU B 254 -39.01 -17.96 6.66
N GLN B 255 -38.11 -18.31 5.70
CA GLN B 255 -37.17 -19.41 5.88
C GLN B 255 -36.18 -19.07 6.97
N LEU B 256 -35.73 -17.80 7.00
CA LEU B 256 -34.82 -17.29 8.01
C LEU B 256 -35.47 -17.44 9.39
N LYS B 257 -36.77 -17.07 9.52
CA LYS B 257 -37.52 -17.21 10.77
C LYS B 257 -37.53 -18.68 11.23
N ILE B 258 -37.77 -19.62 10.29
CA ILE B 258 -37.78 -21.06 10.53
C ILE B 258 -36.43 -21.54 11.07
N TRP B 259 -35.32 -21.16 10.38
CA TRP B 259 -33.95 -21.54 10.74
C TRP B 259 -33.56 -21.04 12.10
N MSE B 260 -33.92 -19.80 12.42
CA MSE B 260 -33.55 -19.22 13.71
C MSE B 260 -34.26 -19.81 14.90
O MSE B 260 -33.65 -19.93 15.97
CB MSE B 260 -33.59 -17.71 13.66
CG MSE B 260 -32.59 -17.18 12.69
SE MSE B 260 -32.52 -15.30 12.73
CE MSE B 260 -34.32 -14.81 11.98
N GLY B 261 -35.50 -20.26 14.68
CA GLY B 261 -36.28 -20.97 15.69
C GLY B 261 -35.71 -22.34 15.96
N LYS B 262 -35.07 -22.94 14.93
CA LYS B 262 -34.45 -24.27 14.99
C LYS B 262 -33.05 -24.25 15.62
N MSE B 263 -32.45 -23.03 15.79
CA MSE B 263 -31.12 -22.86 16.38
C MSE B 263 -31.15 -23.16 17.88
O MSE B 263 -32.16 -22.92 18.54
CB MSE B 263 -30.61 -21.42 16.21
CG MSE B 263 -30.34 -21.01 14.79
SE MSE B 263 -29.28 -19.34 14.65
CE MSE B 263 -30.42 -18.13 15.75
N GLN B 264 -30.02 -23.67 18.41
CA GLN B 264 -29.82 -23.94 19.83
C GLN B 264 -28.37 -23.71 20.24
N LYS B 265 -28.13 -23.37 21.52
CA LYS B 265 -26.80 -23.10 22.02
C LYS B 265 -25.92 -24.33 22.04
N LYS B 266 -24.90 -24.33 21.17
CA LYS B 266 -23.98 -25.47 21.02
C LYS B 266 -22.54 -24.99 20.99
N ALA B 267 -21.61 -25.91 21.30
CA ALA B 267 -20.18 -25.62 21.20
C ALA B 267 -19.84 -25.51 19.69
N VAL B 268 -19.38 -24.32 19.29
CA VAL B 268 -19.07 -24.08 17.88
C VAL B 268 -17.66 -23.51 17.75
N ALA B 269 -16.87 -24.11 16.84
CA ALA B 269 -15.54 -23.65 16.50
C ALA B 269 -15.70 -22.80 15.21
N ILE B 270 -15.77 -21.46 15.39
CA ILE B 270 -15.97 -20.52 14.28
C ILE B 270 -14.61 -20.08 13.76
N SER B 271 -14.43 -20.18 12.42
CA SER B 271 -13.20 -19.76 11.73
C SER B 271 -13.70 -18.84 10.65
N LEU B 272 -13.24 -17.56 10.69
CA LEU B 272 -13.67 -16.52 9.76
C LEU B 272 -12.53 -15.77 9.15
N PRO B 273 -12.65 -15.31 7.88
CA PRO B 273 -11.59 -14.47 7.31
C PRO B 273 -11.52 -13.16 8.10
N LYS B 274 -10.29 -12.66 8.31
CA LYS B 274 -10.03 -11.44 9.10
C LYS B 274 -9.56 -10.38 8.19
N GLY B 275 -10.17 -9.21 8.31
CA GLY B 275 -9.82 -8.05 7.52
C GLY B 275 -10.99 -7.18 7.15
N VAL B 276 -10.70 -6.11 6.40
CA VAL B 276 -11.68 -5.15 5.93
C VAL B 276 -12.10 -5.58 4.54
N VAL B 277 -13.43 -5.69 4.32
CA VAL B 277 -14.03 -6.02 3.04
C VAL B 277 -14.65 -4.72 2.56
N GLU B 278 -14.16 -4.23 1.43
CA GLU B 278 -14.64 -2.99 0.81
C GLU B 278 -15.59 -3.36 -0.33
N VAL B 279 -16.84 -2.86 -0.27
CA VAL B 279 -17.84 -3.15 -1.31
C VAL B 279 -18.49 -1.87 -1.76
N THR B 280 -18.45 -1.63 -3.08
CA THR B 280 -19.11 -0.49 -3.67
C THR B 280 -20.07 -0.95 -4.74
N HIS B 281 -21.36 -0.68 -4.50
CA HIS B 281 -22.42 -1.03 -5.40
C HIS B 281 -23.00 0.24 -5.99
N ASP B 282 -23.39 0.18 -7.26
CA ASP B 282 -24.18 1.24 -7.85
C ASP B 282 -25.52 0.54 -8.00
N LEU B 283 -26.44 0.88 -7.10
CA LEU B 283 -27.75 0.25 -7.04
C LEU B 283 -28.66 0.55 -8.22
N GLN B 284 -28.40 1.67 -8.94
CA GLN B 284 -29.12 2.19 -10.08
C GLN B 284 -29.79 1.10 -10.93
N LYS B 285 -28.98 0.25 -11.61
CA LYS B 285 -29.49 -0.81 -12.49
C LYS B 285 -30.47 -1.78 -11.79
N HIS B 286 -30.15 -2.24 -10.57
CA HIS B 286 -30.96 -3.19 -9.80
C HIS B 286 -32.26 -2.65 -9.28
N LEU B 287 -32.29 -1.39 -8.81
CA LEU B 287 -33.51 -0.72 -8.36
C LEU B 287 -34.46 -0.54 -9.56
N ALA B 288 -33.92 -0.26 -10.79
CA ALA B 288 -34.69 -0.13 -12.03
C ALA B 288 -35.41 -1.45 -12.35
N GLY B 289 -34.72 -2.57 -12.07
CA GLY B 289 -35.24 -3.92 -12.23
C GLY B 289 -36.35 -4.26 -11.25
N LEU B 290 -36.39 -3.54 -10.09
CA LEU B 290 -37.40 -3.73 -9.05
C LEU B 290 -38.61 -2.79 -9.20
N GLY B 291 -38.59 -1.98 -10.26
CA GLY B 291 -39.67 -1.04 -10.53
C GLY B 291 -39.26 0.41 -10.68
N LEU B 292 -38.04 0.83 -10.23
CA LEU B 292 -37.58 2.23 -10.32
C LEU B 292 -37.02 2.58 -11.70
N THR B 293 -37.91 2.58 -12.70
CA THR B 293 -37.55 2.79 -14.10
C THR B 293 -37.40 4.25 -14.54
N GLU B 294 -38.40 5.10 -14.19
CA GLU B 294 -38.46 6.50 -14.60
C GLU B 294 -37.36 7.39 -14.05
N ALA B 295 -36.98 7.19 -12.80
CA ALA B 295 -35.97 8.02 -12.14
C ALA B 295 -34.56 7.96 -12.76
N ILE B 296 -34.18 6.79 -13.27
CA ILE B 296 -32.87 6.55 -13.85
C ILE B 296 -32.79 6.93 -15.34
N ASP B 297 -33.93 7.29 -15.96
CA ASP B 297 -34.01 7.66 -17.37
C ASP B 297 -34.07 9.17 -17.51
N LYS B 298 -33.09 9.76 -18.26
CA LYS B 298 -32.98 11.20 -18.51
C LYS B 298 -34.25 11.77 -19.15
N ASN B 299 -34.88 11.00 -20.06
CA ASN B 299 -36.06 11.41 -20.82
C ASN B 299 -37.38 11.29 -20.06
N LYS B 300 -37.43 10.49 -18.98
CA LYS B 300 -38.65 10.28 -18.20
C LYS B 300 -38.60 10.79 -16.76
N SER B 301 -37.40 11.06 -16.24
CA SER B 301 -37.20 11.53 -14.87
C SER B 301 -37.84 12.91 -14.56
N ASP B 302 -38.70 12.90 -13.55
CA ASP B 302 -39.40 14.06 -13.01
C ASP B 302 -38.89 14.28 -11.56
N LEU B 303 -37.65 14.81 -11.42
CA LEU B 303 -37.01 15.14 -10.13
C LEU B 303 -37.11 16.67 -9.98
N SER B 304 -38.29 17.22 -10.31
CA SER B 304 -38.57 18.66 -10.27
C SER B 304 -38.77 19.21 -8.87
N ARG B 305 -38.96 18.33 -7.86
CA ARG B 305 -39.15 18.72 -6.46
C ARG B 305 -37.77 18.93 -5.82
N MSE B 306 -36.72 18.48 -6.54
CA MSE B 306 -35.29 18.52 -6.20
C MSE B 306 -34.62 19.78 -6.73
O MSE B 306 -33.90 20.44 -5.99
CB MSE B 306 -34.56 17.36 -6.89
CG MSE B 306 -34.32 16.16 -6.04
SE MSE B 306 -32.78 15.09 -6.71
CE MSE B 306 -31.31 16.32 -6.18
N SER B 307 -34.80 20.03 -8.05
CA SER B 307 -34.17 21.09 -8.82
C SER B 307 -35.11 22.07 -9.56
N GLY B 308 -36.36 22.16 -9.11
CA GLY B 308 -37.39 23.08 -9.61
C GLY B 308 -37.84 22.91 -11.05
N LYS B 309 -37.07 22.12 -11.82
CA LYS B 309 -37.29 21.82 -13.24
C LYS B 309 -36.84 20.39 -13.56
N LYS B 310 -37.16 19.93 -14.79
CA LYS B 310 -36.79 18.64 -15.38
C LYS B 310 -35.38 18.79 -16.00
N ASP B 311 -34.41 19.14 -15.14
CA ASP B 311 -33.01 19.30 -15.51
C ASP B 311 -32.16 18.24 -14.78
N LEU B 312 -32.82 17.21 -14.21
CA LEU B 312 -32.14 16.18 -13.41
C LEU B 312 -32.71 14.76 -13.56
N TYR B 313 -31.83 13.75 -13.42
CA TYR B 313 -32.14 12.31 -13.42
C TYR B 313 -31.20 11.60 -12.43
N LEU B 314 -31.50 10.36 -12.02
CA LEU B 314 -30.58 9.72 -11.08
C LEU B 314 -29.57 8.85 -11.79
N ALA B 315 -28.35 9.40 -11.99
CA ALA B 315 -27.25 8.74 -12.68
C ALA B 315 -26.80 7.54 -11.91
N SER B 316 -26.57 7.72 -10.60
CA SER B 316 -26.10 6.63 -9.72
C SER B 316 -26.52 6.79 -8.26
N VAL B 317 -26.57 5.64 -7.57
CA VAL B 317 -26.81 5.46 -6.13
C VAL B 317 -25.71 4.58 -5.64
N PHE B 318 -24.65 5.20 -5.15
CA PHE B 318 -23.49 4.46 -4.65
C PHE B 318 -23.66 4.07 -3.21
N HIS B 319 -23.78 2.77 -2.99
CA HIS B 319 -23.87 2.17 -1.67
C HIS B 319 -22.49 1.58 -1.43
N ALA B 320 -21.66 2.33 -0.69
CA ALA B 320 -20.25 2.00 -0.40
C ALA B 320 -20.01 1.66 1.08
N THR B 321 -19.50 0.44 1.35
CA THR B 321 -19.27 -0.09 2.71
C THR B 321 -17.90 -0.73 2.88
N ALA B 322 -17.30 -0.50 4.06
CA ALA B 322 -16.05 -1.09 4.53
C ALA B 322 -16.48 -1.84 5.78
N PHE B 323 -16.58 -3.18 5.66
CA PHE B 323 -16.98 -4.05 6.75
C PHE B 323 -15.75 -4.74 7.29
N GLU B 324 -15.38 -4.43 8.55
CA GLU B 324 -14.18 -4.99 9.17
C GLU B 324 -14.43 -6.19 10.08
N TRP B 325 -13.80 -7.33 9.76
CA TRP B 325 -13.85 -8.56 10.55
C TRP B 325 -12.57 -8.54 11.37
N ASP B 326 -12.68 -8.30 12.67
CA ASP B 326 -11.51 -8.22 13.58
C ASP B 326 -11.71 -9.09 14.85
N THR B 327 -10.64 -9.33 15.60
CA THR B 327 -10.67 -10.17 16.81
C THR B 327 -11.33 -9.50 18.00
N GLU B 328 -11.25 -8.17 18.07
CA GLU B 328 -11.80 -7.33 19.13
C GLU B 328 -13.28 -7.52 19.43
N GLY B 329 -13.53 -7.48 20.72
CA GLY B 329 -14.83 -7.65 21.37
C GLY B 329 -14.63 -7.61 22.87
N ASN B 330 -15.71 -7.80 23.65
CA ASN B 330 -15.64 -7.76 25.11
C ASN B 330 -14.86 -8.95 25.70
N PRO B 331 -14.29 -8.83 26.92
CA PRO B 331 -13.55 -9.96 27.51
C PRO B 331 -14.39 -11.20 27.82
N ARG B 343 -19.20 -29.39 25.11
CA ARG B 343 -19.07 -30.61 24.28
C ARG B 343 -18.23 -30.37 23.01
N SER B 344 -17.82 -31.47 22.34
CA SER B 344 -16.99 -31.52 21.13
C SER B 344 -17.53 -30.51 20.12
N PRO B 345 -16.81 -29.42 19.73
CA PRO B 345 -17.42 -28.42 18.85
C PRO B 345 -17.70 -28.83 17.44
N LYS B 346 -18.66 -28.15 16.85
CA LYS B 346 -19.06 -28.33 15.47
C LYS B 346 -18.25 -27.30 14.73
N LEU B 347 -17.76 -27.63 13.54
CA LEU B 347 -16.95 -26.65 12.81
C LEU B 347 -17.78 -25.73 11.95
N PHE B 348 -17.54 -24.43 12.09
CA PHE B 348 -18.14 -23.45 11.22
C PHE B 348 -16.94 -22.77 10.59
N TYR B 349 -16.35 -23.44 9.58
CA TYR B 349 -15.11 -23.08 8.89
C TYR B 349 -15.41 -22.31 7.61
N ALA B 350 -15.47 -20.96 7.73
CA ALA B 350 -15.81 -20.09 6.61
C ALA B 350 -14.66 -19.80 5.64
N ASP B 351 -14.22 -20.84 4.90
CA ASP B 351 -13.16 -20.76 3.87
C ASP B 351 -13.76 -20.85 2.44
N HIS B 352 -15.07 -20.64 2.35
CA HIS B 352 -15.82 -20.63 1.09
C HIS B 352 -16.99 -19.65 1.23
N PRO B 353 -17.58 -19.18 0.10
CA PRO B 353 -18.61 -18.14 0.21
C PRO B 353 -19.78 -18.44 1.16
N PHE B 354 -20.18 -17.40 1.88
CA PHE B 354 -21.26 -17.40 2.86
C PHE B 354 -22.06 -16.11 2.81
N ILE B 355 -23.30 -16.18 3.30
CA ILE B 355 -24.27 -15.11 3.41
C ILE B 355 -24.28 -14.68 4.88
N PHE B 356 -24.36 -13.38 5.11
CA PHE B 356 -24.38 -12.90 6.48
C PHE B 356 -25.41 -11.79 6.70
N LEU B 357 -25.86 -11.61 7.96
CA LEU B 357 -26.85 -10.60 8.34
C LEU B 357 -26.51 -9.98 9.68
N VAL B 358 -26.74 -8.67 9.82
CA VAL B 358 -26.61 -8.01 11.12
C VAL B 358 -28.01 -7.62 11.50
N ARG B 359 -28.50 -8.22 12.59
CA ARG B 359 -29.85 -8.05 13.13
C ARG B 359 -29.81 -7.29 14.46
N ASP B 360 -30.73 -6.32 14.67
CA ASP B 360 -30.85 -5.61 15.96
C ASP B 360 -31.66 -6.53 16.88
N THR B 361 -31.11 -6.87 18.06
CA THR B 361 -31.75 -7.79 19.00
C THR B 361 -33.15 -7.35 19.47
N GLN B 362 -33.27 -6.09 19.99
CA GLN B 362 -34.52 -5.51 20.50
C GLN B 362 -35.64 -5.47 19.45
N SER B 363 -35.37 -4.87 18.28
CA SER B 363 -36.37 -4.66 17.23
C SER B 363 -36.59 -5.84 16.28
N GLY B 364 -35.50 -6.51 15.91
CA GLY B 364 -35.52 -7.58 14.93
C GLY B 364 -35.08 -6.99 13.60
N SER B 365 -34.97 -5.65 13.59
CA SER B 365 -34.60 -4.80 12.48
C SER B 365 -33.27 -5.21 11.87
N LEU B 366 -33.29 -5.47 10.56
CA LEU B 366 -32.14 -5.87 9.77
C LEU B 366 -31.26 -4.66 9.51
N LEU B 367 -30.02 -4.68 10.02
CA LEU B 367 -29.04 -3.60 9.90
C LEU B 367 -28.17 -3.80 8.68
N PHE B 368 -27.87 -5.07 8.35
CA PHE B 368 -27.08 -5.46 7.17
C PHE B 368 -27.49 -6.79 6.61
N ILE B 369 -27.36 -6.91 5.30
CA ILE B 369 -27.54 -8.16 4.56
C ILE B 369 -26.38 -8.20 3.55
N GLY B 370 -25.77 -9.35 3.40
CA GLY B 370 -24.67 -9.45 2.45
C GLY B 370 -24.12 -10.83 2.30
N ARG B 371 -23.10 -10.93 1.47
CA ARG B 371 -22.37 -12.16 1.22
C ARG B 371 -20.91 -11.84 0.91
N LEU B 372 -20.03 -12.72 1.36
CA LEU B 372 -18.60 -12.63 1.10
C LEU B 372 -18.31 -13.82 0.22
N VAL B 373 -17.95 -13.51 -1.04
CA VAL B 373 -17.69 -14.42 -2.14
C VAL B 373 -16.23 -14.41 -2.47
N ARG B 374 -15.57 -13.22 -2.41
CA ARG B 374 -14.15 -13.06 -2.73
C ARG B 374 -13.50 -12.05 -1.81
N PRO B 375 -12.78 -12.49 -0.78
CA PRO B 375 -12.08 -11.53 0.08
C PRO B 375 -10.78 -11.05 -0.55
N LYS B 376 -10.16 -9.99 0.02
CA LYS B 376 -8.85 -9.46 -0.41
C LYS B 376 -7.78 -10.54 -0.21
N GLY B 377 -6.94 -10.67 -1.21
CA GLY B 377 -5.84 -11.63 -1.18
C GLY B 377 -5.39 -11.98 -2.58
N ASP B 378 -4.28 -12.70 -2.67
CA ASP B 378 -3.70 -13.13 -3.94
C ASP B 378 -4.02 -14.61 -4.22
N LYS B 379 -4.09 -14.95 -5.52
CA LYS B 379 -4.35 -16.29 -6.07
C LYS B 379 -3.23 -17.26 -5.68
N MSE B 380 -3.59 -18.50 -5.31
CA MSE B 380 -2.61 -19.53 -4.95
C MSE B 380 -2.88 -20.89 -5.63
O MSE B 380 -2.11 -21.32 -6.50
CB MSE B 380 -2.42 -19.65 -3.44
CG MSE B 380 -3.69 -19.99 -2.68
SE MSE B 380 -3.37 -20.10 -0.75
CE MSE B 380 -2.86 -22.01 -0.63
N MSE C 1 -24.14 44.70 -37.94
CA MSE C 1 -24.77 43.54 -37.32
C MSE C 1 -25.06 42.44 -38.36
O MSE C 1 -25.52 42.72 -39.46
CB MSE C 1 -26.06 43.96 -36.59
CG MSE C 1 -26.61 42.87 -35.66
SE MSE C 1 -28.53 42.94 -35.21
CE MSE C 1 -29.31 42.72 -37.03
N LEU C 2 -24.83 41.18 -37.96
CA LEU C 2 -25.12 40.02 -38.80
C LEU C 2 -26.62 39.87 -38.99
N SER C 3 -27.03 39.37 -40.17
CA SER C 3 -28.44 39.09 -40.48
C SER C 3 -28.86 37.89 -39.61
N PRO C 4 -30.15 37.72 -39.26
CA PRO C 4 -30.53 36.57 -38.41
C PRO C 4 -30.09 35.20 -38.94
N LYS C 5 -30.13 35.00 -40.28
CA LYS C 5 -29.71 33.76 -40.92
C LYS C 5 -28.20 33.54 -40.78
N ALA C 6 -27.37 34.59 -41.03
CA ALA C 6 -25.90 34.52 -40.85
C ALA C 6 -25.55 34.18 -39.39
N ALA C 7 -26.28 34.78 -38.43
CA ALA C 7 -26.12 34.57 -36.99
C ALA C 7 -26.34 33.11 -36.60
N THR C 8 -27.40 32.47 -37.15
CA THR C 8 -27.71 31.06 -36.88
C THR C 8 -26.65 30.12 -37.50
N LEU C 9 -26.13 30.46 -38.70
CA LEU C 9 -25.07 29.73 -39.39
C LEU C 9 -23.80 29.79 -38.54
N ALA C 10 -23.51 30.98 -37.97
CA ALA C 10 -22.36 31.27 -37.12
C ALA C 10 -22.36 30.40 -35.87
N GLU C 11 -23.55 30.19 -35.28
CA GLU C 11 -23.71 29.34 -34.10
C GLU C 11 -23.35 27.90 -34.46
N ARG C 12 -23.80 27.42 -35.64
CA ARG C 12 -23.51 26.07 -36.12
C ARG C 12 -22.04 25.92 -36.50
N SER C 13 -21.42 26.98 -37.06
CA SER C 13 -20.00 27.06 -37.45
C SER C 13 -19.11 26.84 -36.24
N ALA C 14 -19.48 27.49 -35.11
CA ALA C 14 -18.82 27.41 -33.82
C ALA C 14 -18.91 25.96 -33.29
N GLY C 15 -20.13 25.40 -33.24
CA GLY C 15 -20.41 24.05 -32.80
C GLY C 15 -19.64 23.01 -33.58
N LEU C 16 -19.51 23.23 -34.88
CA LEU C 16 -18.77 22.38 -35.81
C LEU C 16 -17.28 22.43 -35.47
N ALA C 17 -16.75 23.65 -35.28
CA ALA C 17 -15.36 23.90 -34.89
C ALA C 17 -15.06 23.28 -33.50
N PHE C 18 -16.03 23.29 -32.56
CA PHE C 18 -15.83 22.65 -31.26
C PHE C 18 -15.67 21.15 -31.49
N SER C 19 -16.54 20.56 -32.35
CA SER C 19 -16.54 19.13 -32.70
C SER C 19 -15.22 18.75 -33.37
N LEU C 20 -14.78 19.58 -34.30
CA LEU C 20 -13.51 19.39 -35.01
C LEU C 20 -12.32 19.44 -34.06
N TYR C 21 -12.28 20.47 -33.19
CA TYR C 21 -11.23 20.64 -32.20
C TYR C 21 -11.16 19.38 -31.31
N GLN C 22 -12.30 18.95 -30.75
CA GLN C 22 -12.37 17.80 -29.86
C GLN C 22 -11.88 16.54 -30.50
N ALA C 23 -12.25 16.32 -31.78
CA ALA C 23 -11.85 15.18 -32.61
C ALA C 23 -10.34 15.12 -32.76
N MSE C 24 -9.72 16.27 -33.10
CA MSE C 24 -8.29 16.42 -33.29
C MSE C 24 -7.50 16.32 -31.98
O MSE C 24 -6.43 15.71 -31.97
CB MSE C 24 -7.99 17.76 -33.98
CG MSE C 24 -8.67 17.88 -35.32
SE MSE C 24 -8.04 19.41 -36.36
CE MSE C 24 -7.16 18.35 -37.66
N ALA C 25 -8.03 16.92 -30.88
CA ALA C 25 -7.40 16.91 -29.55
C ALA C 25 -7.23 15.47 -29.02
N LYS C 26 -8.14 14.55 -29.42
CA LYS C 26 -8.10 13.12 -29.05
C LYS C 26 -6.92 12.39 -29.75
N ASP C 27 -6.45 12.91 -30.91
CA ASP C 27 -5.31 12.35 -31.64
C ASP C 27 -4.01 12.78 -30.94
N GLN C 28 -3.22 11.78 -30.49
CA GLN C 28 -1.95 11.97 -29.79
C GLN C 28 -0.86 12.51 -30.69
N ALA C 29 -1.05 12.39 -32.03
CA ALA C 29 -0.13 12.92 -33.04
C ALA C 29 -0.26 14.47 -33.16
N VAL C 30 -1.47 15.01 -32.84
CA VAL C 30 -1.78 16.44 -32.90
C VAL C 30 -1.20 17.17 -31.70
N GLU C 31 -0.41 18.22 -31.95
CA GLU C 31 0.16 19.08 -30.91
C GLU C 31 -0.67 20.37 -30.94
N ASN C 32 -0.24 21.36 -31.71
CA ASN C 32 -1.00 22.60 -31.79
C ASN C 32 -2.23 22.47 -32.70
N ILE C 33 -3.28 23.23 -32.36
CA ILE C 33 -4.55 23.28 -33.07
C ILE C 33 -4.84 24.72 -33.36
N LEU C 34 -5.40 24.96 -34.54
CA LEU C 34 -5.81 26.26 -35.05
C LEU C 34 -6.94 26.11 -36.07
N LEU C 35 -8.15 26.52 -35.69
CA LEU C 35 -9.35 26.42 -36.52
C LEU C 35 -10.12 27.74 -36.60
N SER C 36 -10.53 28.10 -37.83
CA SER C 36 -11.37 29.25 -38.08
C SER C 36 -12.73 28.67 -38.38
N PRO C 37 -13.70 28.73 -37.42
CA PRO C 37 -15.02 28.14 -37.69
C PRO C 37 -15.66 28.49 -39.05
N VAL C 38 -15.56 29.78 -39.43
CA VAL C 38 -16.10 30.35 -40.67
C VAL C 38 -15.48 29.69 -41.88
N VAL C 39 -14.16 29.57 -41.91
CA VAL C 39 -13.43 28.95 -43.02
C VAL C 39 -13.76 27.46 -43.11
N VAL C 40 -13.96 26.80 -41.97
CA VAL C 40 -14.34 25.39 -41.95
C VAL C 40 -15.75 25.26 -42.54
N ALA C 41 -16.67 26.14 -42.11
CA ALA C 41 -18.05 26.19 -42.62
C ALA C 41 -18.07 26.60 -44.11
N SER C 42 -17.20 27.54 -44.55
CA SER C 42 -17.15 27.95 -45.96
C SER C 42 -16.72 26.79 -46.86
N SER C 43 -15.96 25.83 -46.33
CA SER C 43 -15.53 24.66 -47.08
C SER C 43 -16.70 23.73 -47.40
N LEU C 44 -17.65 23.60 -46.44
CA LEU C 44 -18.86 22.81 -46.63
C LEU C 44 -19.77 23.52 -47.64
N GLY C 45 -19.76 24.86 -47.60
CA GLY C 45 -20.52 25.73 -48.52
C GLY C 45 -20.09 25.56 -49.96
N LEU C 46 -18.81 25.29 -50.20
CA LEU C 46 -18.29 25.02 -51.52
C LEU C 46 -18.71 23.65 -52.02
N VAL C 47 -18.83 22.66 -51.11
CA VAL C 47 -19.27 21.30 -51.42
C VAL C 47 -20.77 21.35 -51.83
N SER C 48 -21.58 22.14 -51.10
CA SER C 48 -22.99 22.37 -51.41
C SER C 48 -23.13 23.02 -52.79
N LEU C 49 -22.36 24.11 -53.05
CA LEU C 49 -22.33 24.87 -54.30
C LEU C 49 -21.80 24.03 -55.48
N GLY C 50 -20.80 23.20 -55.20
CA GLY C 50 -20.13 22.37 -56.20
C GLY C 50 -20.75 21.01 -56.48
N GLY C 51 -21.68 20.59 -55.62
CA GLY C 51 -22.37 19.31 -55.75
C GLY C 51 -23.87 19.40 -55.89
N LYS C 52 -24.50 18.27 -56.28
CA LYS C 52 -25.95 18.11 -56.46
C LYS C 52 -26.49 17.02 -55.52
N ALA C 53 -27.84 16.88 -55.46
CA ALA C 53 -28.62 15.90 -54.71
C ALA C 53 -27.98 15.36 -53.40
N THR C 54 -27.70 14.05 -53.34
CA THR C 54 -27.14 13.26 -52.24
C THR C 54 -25.88 13.85 -51.55
N THR C 55 -24.86 14.21 -52.35
CA THR C 55 -23.57 14.74 -51.86
C THR C 55 -23.70 16.14 -51.21
N ALA C 56 -24.39 17.11 -51.89
CA ALA C 56 -24.64 18.48 -51.44
C ALA C 56 -25.53 18.54 -50.20
N SER C 57 -26.51 17.61 -50.08
CA SER C 57 -27.44 17.52 -48.95
C SER C 57 -26.72 17.25 -47.65
N GLN C 58 -25.65 16.42 -47.69
CA GLN C 58 -24.81 16.12 -46.52
C GLN C 58 -24.12 17.39 -46.04
N ALA C 59 -23.55 18.18 -46.99
CA ALA C 59 -22.87 19.45 -46.69
C ALA C 59 -23.81 20.42 -45.98
N LYS C 60 -25.06 20.56 -46.46
CA LYS C 60 -26.08 21.41 -45.82
C LYS C 60 -26.50 20.85 -44.47
N ALA C 61 -26.58 19.52 -44.34
CA ALA C 61 -26.93 18.84 -43.08
C ALA C 61 -25.84 19.05 -42.01
N VAL C 62 -24.54 19.00 -42.39
CA VAL C 62 -23.41 19.21 -41.47
C VAL C 62 -23.49 20.68 -40.97
N LEU C 63 -23.85 21.59 -41.89
CA LEU C 63 -24.08 23.02 -41.67
C LEU C 63 -25.41 23.28 -40.92
N SER C 64 -26.23 22.22 -40.70
CA SER C 64 -27.56 22.21 -40.05
C SER C 64 -28.52 23.25 -40.69
N ALA C 65 -28.32 23.50 -42.01
CA ALA C 65 -29.06 24.47 -42.83
C ALA C 65 -29.82 23.80 -43.99
N GLU C 66 -30.28 22.57 -43.77
CA GLU C 66 -31.07 21.78 -44.72
C GLU C 66 -32.41 22.46 -45.04
N GLN C 67 -32.97 23.20 -44.07
CA GLN C 67 -34.26 23.90 -44.14
C GLN C 67 -34.20 25.23 -44.91
N LEU C 68 -32.99 25.70 -45.28
CA LEU C 68 -32.76 26.96 -46.00
C LEU C 68 -32.56 26.70 -47.48
N ARG C 69 -32.78 27.74 -48.31
CA ARG C 69 -32.51 27.68 -49.75
C ARG C 69 -30.98 27.76 -49.90
N ASP C 70 -30.44 27.19 -50.99
CA ASP C 70 -28.99 27.22 -51.26
C ASP C 70 -28.47 28.66 -51.29
N GLU C 71 -29.23 29.60 -51.90
CA GLU C 71 -28.90 31.04 -52.00
C GLU C 71 -28.70 31.64 -50.62
N GLU C 72 -29.61 31.33 -49.67
CA GLU C 72 -29.59 31.79 -48.28
C GLU C 72 -28.32 31.31 -47.55
N VAL C 73 -27.90 30.05 -47.82
CA VAL C 73 -26.70 29.41 -47.27
C VAL C 73 -25.44 30.15 -47.76
N HIS C 74 -25.26 30.24 -49.10
CA HIS C 74 -24.12 30.89 -49.75
C HIS C 74 -24.03 32.40 -49.52
N ALA C 75 -25.17 33.06 -49.26
CA ALA C 75 -25.24 34.48 -48.94
C ALA C 75 -24.86 34.69 -47.47
N GLY C 76 -25.39 33.85 -46.58
CA GLY C 76 -25.13 33.87 -45.13
C GLY C 76 -23.68 33.59 -44.76
N LEU C 77 -23.09 32.53 -45.38
CA LEU C 77 -21.67 32.18 -45.22
C LEU C 77 -20.78 33.28 -45.81
N GLY C 78 -21.18 33.82 -46.98
CA GLY C 78 -20.52 34.94 -47.64
C GLY C 78 -20.47 36.14 -46.71
N GLU C 79 -21.64 36.46 -46.10
CA GLU C 79 -21.83 37.53 -45.11
C GLU C 79 -20.91 37.33 -43.89
N LEU C 80 -20.80 36.07 -43.37
CA LEU C 80 -19.92 35.73 -42.25
C LEU C 80 -18.44 35.98 -42.61
N LEU C 81 -17.97 35.44 -43.78
CA LEU C 81 -16.59 35.61 -44.25
C LEU C 81 -16.16 37.09 -44.23
N ARG C 82 -17.05 37.98 -44.65
CA ARG C 82 -16.77 39.40 -44.64
C ARG C 82 -17.13 39.97 -43.26
N SER C 83 -16.36 39.53 -42.26
CA SER C 83 -16.43 39.96 -40.87
C SER C 83 -15.02 39.86 -40.28
N LEU C 84 -14.08 40.43 -41.09
CA LEU C 84 -12.66 40.59 -40.84
C LEU C 84 -12.48 42.03 -40.33
N SER C 85 -12.87 42.26 -39.03
CA SER C 85 -12.83 43.54 -38.32
C SER C 85 -13.53 44.68 -39.07
N ASN C 91 -6.21 43.61 -44.51
CA ASN C 91 -5.16 42.90 -45.25
C ASN C 91 -3.78 43.12 -44.59
N VAL C 92 -3.81 43.19 -43.24
CA VAL C 92 -2.62 43.42 -42.44
C VAL C 92 -2.64 42.45 -41.23
N THR C 93 -3.68 42.53 -40.40
CA THR C 93 -3.83 41.66 -39.24
C THR C 93 -4.59 40.37 -39.61
N TRP C 94 -5.03 40.24 -40.90
CA TRP C 94 -5.78 39.08 -41.43
C TRP C 94 -5.59 38.88 -42.93
N LYS C 95 -5.28 37.61 -43.34
CA LYS C 95 -5.04 37.20 -44.73
C LYS C 95 -5.61 35.80 -44.98
N LEU C 96 -6.45 35.67 -45.99
CA LEU C 96 -7.08 34.40 -46.27
C LEU C 96 -7.06 34.07 -47.75
N GLY C 97 -6.82 32.80 -48.05
CA GLY C 97 -6.79 32.33 -49.42
C GLY C 97 -7.38 30.96 -49.55
N SER C 98 -8.41 30.82 -50.42
CA SER C 98 -9.09 29.56 -50.71
C SER C 98 -8.79 29.15 -52.15
N ARG C 99 -8.15 27.96 -52.36
CA ARG C 99 -7.86 27.42 -53.69
C ARG C 99 -8.33 26.00 -53.86
N LEU C 100 -9.03 25.74 -54.98
CA LEU C 100 -9.52 24.43 -55.37
C LEU C 100 -8.58 23.85 -56.43
N TYR C 101 -7.84 22.77 -56.08
CA TYR C 101 -6.85 22.08 -56.92
C TYR C 101 -7.39 20.83 -57.66
N GLY C 102 -7.87 21.04 -58.89
CA GLY C 102 -8.40 20.00 -59.76
C GLY C 102 -7.31 19.35 -60.58
N PRO C 103 -7.16 18.00 -60.51
CA PRO C 103 -6.06 17.32 -61.24
C PRO C 103 -5.86 17.62 -62.72
N SER C 104 -4.61 17.38 -63.22
CA SER C 104 -4.17 17.59 -64.60
C SER C 104 -4.95 16.75 -65.63
N SER C 105 -6.20 16.39 -65.27
CA SER C 105 -7.15 15.60 -66.04
C SER C 105 -8.62 16.02 -65.73
N VAL C 106 -8.86 17.29 -65.28
CA VAL C 106 -10.20 17.81 -64.98
C VAL C 106 -10.45 19.25 -65.49
N SER C 107 -11.72 19.61 -65.75
CA SER C 107 -12.12 20.93 -66.24
C SER C 107 -13.16 21.55 -65.34
N PHE C 108 -12.87 22.76 -64.85
CA PHE C 108 -13.79 23.50 -63.98
C PHE C 108 -14.89 24.18 -64.79
N ALA C 109 -16.15 23.95 -64.38
CA ALA C 109 -17.34 24.54 -65.01
C ALA C 109 -17.42 26.04 -64.75
N GLU C 110 -17.62 26.83 -65.83
CA GLU C 110 -17.72 28.30 -65.83
C GLU C 110 -18.71 28.83 -64.81
N ASP C 111 -19.91 28.21 -64.73
CA ASP C 111 -21.00 28.54 -63.81
C ASP C 111 -20.56 28.38 -62.34
N PHE C 112 -19.85 27.27 -62.01
CA PHE C 112 -19.32 27.01 -60.67
C PHE C 112 -18.22 28.01 -60.31
N VAL C 113 -17.17 28.10 -61.15
CA VAL C 113 -16.01 28.99 -61.02
C VAL C 113 -16.43 30.44 -60.73
N ARG C 114 -17.52 30.91 -61.38
CA ARG C 114 -18.08 32.25 -61.19
C ARG C 114 -18.74 32.38 -59.80
N SER C 115 -19.50 31.34 -59.41
CA SER C 115 -20.22 31.26 -58.12
C SER C 115 -19.33 30.95 -56.88
N SER C 116 -18.04 30.59 -57.10
CA SER C 116 -17.08 30.38 -56.01
C SER C 116 -16.68 31.76 -55.54
N LYS C 117 -16.20 32.59 -56.49
CA LYS C 117 -15.75 33.96 -56.27
C LYS C 117 -16.77 34.90 -55.66
N GLN C 118 -18.04 34.82 -56.10
CA GLN C 118 -19.10 35.69 -55.59
C GLN C 118 -19.38 35.54 -54.09
N HIS C 119 -19.29 34.30 -53.56
CA HIS C 119 -19.62 34.02 -52.15
C HIS C 119 -18.44 33.59 -51.27
N TYR C 120 -17.52 32.76 -51.82
CA TYR C 120 -16.40 32.22 -51.07
C TYR C 120 -15.02 32.64 -51.55
N ASN C 121 -14.95 33.51 -52.58
CA ASN C 121 -13.70 34.01 -53.18
C ASN C 121 -12.67 32.90 -53.52
N CYS C 122 -13.19 31.70 -53.82
CA CYS C 122 -12.36 30.55 -54.13
C CYS C 122 -11.74 30.60 -55.51
N GLU C 123 -10.42 30.40 -55.52
CA GLU C 123 -9.50 30.37 -56.66
C GLU C 123 -9.40 28.93 -57.14
N HIS C 124 -9.17 28.74 -58.44
CA HIS C 124 -9.10 27.40 -59.03
C HIS C 124 -7.82 27.22 -59.81
N SER C 125 -7.21 26.05 -59.67
CA SER C 125 -5.96 25.74 -60.34
C SER C 125 -5.88 24.29 -60.74
N LYS C 126 -5.31 24.04 -61.94
CA LYS C 126 -5.05 22.69 -62.44
C LYS C 126 -3.60 22.40 -62.10
N ILE C 127 -3.34 21.21 -61.55
CA ILE C 127 -2.01 20.83 -61.05
C ILE C 127 -1.65 19.39 -61.46
N ASN C 128 -0.34 19.12 -61.71
CA ASN C 128 0.12 17.77 -62.04
C ASN C 128 0.64 17.10 -60.77
N PHE C 129 -0.04 16.01 -60.38
CA PHE C 129 0.19 15.24 -59.15
C PHE C 129 1.41 14.34 -59.06
N ARG C 130 1.63 13.45 -60.07
CA ARG C 130 2.73 12.47 -60.12
C ARG C 130 4.12 12.95 -59.66
N ASP C 131 4.44 14.22 -59.91
CA ASP C 131 5.71 14.81 -59.48
C ASP C 131 5.55 15.29 -58.03
N LYS C 132 6.49 14.87 -57.14
CA LYS C 132 6.48 15.25 -55.72
C LYS C 132 7.12 16.60 -55.40
N ARG C 133 7.87 17.18 -56.33
CA ARG C 133 8.47 18.49 -56.11
C ARG C 133 7.48 19.57 -56.55
N SER C 134 7.18 19.62 -57.88
CA SER C 134 6.32 20.56 -58.61
C SER C 134 4.93 20.80 -58.01
N ALA C 135 4.27 19.74 -57.53
CA ALA C 135 2.95 19.81 -56.92
C ALA C 135 3.00 20.54 -55.55
N LEU C 136 3.98 20.15 -54.69
CA LEU C 136 4.22 20.72 -53.35
C LEU C 136 4.59 22.17 -53.46
N GLN C 137 5.58 22.49 -54.34
CA GLN C 137 6.07 23.80 -54.71
C GLN C 137 4.85 24.67 -55.03
N SER C 138 3.99 24.24 -55.99
CA SER C 138 2.77 24.97 -56.38
C SER C 138 1.87 25.38 -55.20
N ILE C 139 1.66 24.45 -54.26
CA ILE C 139 0.85 24.67 -53.08
C ILE C 139 1.60 25.49 -52.02
N ASN C 140 2.81 25.04 -51.61
CA ASN C 140 3.68 25.71 -50.62
C ASN C 140 4.02 27.17 -50.93
N GLU C 141 4.11 27.50 -52.23
CA GLU C 141 4.43 28.84 -52.69
C GLU C 141 3.19 29.69 -52.70
N TRP C 142 2.04 29.12 -53.16
CA TRP C 142 0.75 29.82 -53.15
C TRP C 142 0.44 30.23 -51.65
N ALA C 143 0.74 29.29 -50.71
CA ALA C 143 0.65 29.42 -49.27
C ALA C 143 1.50 30.58 -48.78
N ALA C 144 2.76 30.63 -49.25
CA ALA C 144 3.72 31.63 -48.86
C ALA C 144 3.29 33.03 -49.35
N GLN C 145 2.88 33.13 -50.62
CA GLN C 145 2.46 34.42 -51.16
C GLN C 145 1.17 34.96 -50.51
N THR C 146 0.19 34.09 -50.28
CA THR C 146 -1.11 34.41 -49.67
C THR C 146 -0.97 35.05 -48.29
N THR C 147 0.03 34.59 -47.51
CA THR C 147 0.32 34.96 -46.13
C THR C 147 1.58 35.82 -46.01
N ASP C 148 2.18 36.18 -47.19
CA ASP C 148 3.41 36.99 -47.31
C ASP C 148 4.57 36.41 -46.51
N GLY C 149 4.79 35.13 -46.75
CA GLY C 149 5.85 34.32 -46.16
C GLY C 149 5.67 33.88 -44.73
N LYS C 150 4.56 34.25 -44.08
CA LYS C 150 4.30 33.88 -42.67
C LYS C 150 3.95 32.42 -42.54
N LEU C 151 3.43 31.81 -43.61
CA LEU C 151 3.10 30.38 -43.70
C LEU C 151 3.91 29.84 -44.88
N PRO C 152 5.20 29.51 -44.67
CA PRO C 152 6.03 29.10 -45.82
C PRO C 152 5.81 27.71 -46.40
N GLU C 153 5.09 26.85 -45.68
CA GLU C 153 4.83 25.48 -46.09
C GLU C 153 3.49 25.01 -45.53
N VAL C 154 2.67 24.40 -46.38
CA VAL C 154 1.40 23.84 -46.00
C VAL C 154 1.72 22.44 -45.48
N THR C 155 2.09 21.54 -46.39
CA THR C 155 2.41 20.17 -46.05
C THR C 155 3.74 19.75 -46.64
N LYS C 156 4.34 18.71 -46.07
CA LYS C 156 5.58 18.14 -46.56
C LYS C 156 5.24 17.04 -47.59
N ASP C 157 3.98 16.54 -47.60
CA ASP C 157 3.49 15.49 -48.51
C ASP C 157 1.97 15.49 -48.69
N VAL C 158 1.50 15.05 -49.88
CA VAL C 158 0.10 14.86 -50.24
C VAL C 158 -0.08 13.37 -50.55
N GLU C 159 -0.93 12.67 -49.78
CA GLU C 159 -1.17 11.24 -50.01
C GLU C 159 -2.18 10.96 -51.13
N ARG C 160 -3.46 11.40 -50.95
CA ARG C 160 -4.54 11.26 -51.93
C ARG C 160 -4.29 12.23 -53.09
N THR C 161 -3.90 11.68 -54.25
CA THR C 161 -3.49 12.43 -55.45
C THR C 161 -4.46 12.43 -56.65
N ASP C 162 -5.51 11.58 -56.60
CA ASP C 162 -6.53 11.43 -57.65
C ASP C 162 -7.79 12.32 -57.48
N GLY C 163 -7.94 12.91 -56.30
CA GLY C 163 -9.10 13.74 -55.99
C GLY C 163 -8.77 15.22 -55.89
N ALA C 164 -9.84 16.05 -55.76
CA ALA C 164 -9.76 17.51 -55.62
C ALA C 164 -9.17 17.88 -54.25
N LEU C 165 -8.28 18.89 -54.25
CA LEU C 165 -7.57 19.38 -53.05
C LEU C 165 -8.01 20.80 -52.68
N LEU C 166 -8.74 20.95 -51.55
CA LEU C 166 -9.12 22.29 -51.09
C LEU C 166 -8.13 22.80 -50.06
N VAL C 167 -7.48 23.93 -50.40
CA VAL C 167 -6.47 24.57 -49.55
C VAL C 167 -6.90 25.95 -49.04
N ASN C 168 -7.00 26.08 -47.71
CA ASN C 168 -7.31 27.36 -47.10
C ASN C 168 -6.05 27.82 -46.37
N ALA C 169 -5.48 28.95 -46.77
CA ALA C 169 -4.27 29.47 -46.15
C ALA C 169 -4.58 30.75 -45.41
N MSE C 170 -4.08 30.87 -44.18
CA MSE C 170 -4.37 32.04 -43.36
C MSE C 170 -3.21 32.60 -42.60
O MSE C 170 -2.32 31.86 -42.19
CB MSE C 170 -5.41 31.68 -42.29
CG MSE C 170 -6.82 31.65 -42.78
SE MSE C 170 -7.81 30.33 -41.79
CE MSE C 170 -7.14 28.69 -42.67
N PHE C 171 -3.31 33.89 -42.33
CA PHE C 171 -2.42 34.61 -41.45
C PHE C 171 -3.32 35.48 -40.57
N PHE C 172 -3.22 35.31 -39.26
CA PHE C 172 -3.98 36.09 -38.30
C PHE C 172 -3.07 36.61 -37.23
N LYS C 173 -3.18 37.91 -36.96
CA LYS C 173 -2.38 38.58 -35.96
C LYS C 173 -3.31 39.45 -35.09
N PRO C 174 -3.70 38.95 -33.89
CA PRO C 174 -4.53 39.77 -32.99
C PRO C 174 -3.85 41.10 -32.66
N HIS C 175 -4.59 42.18 -32.90
CA HIS C 175 -4.14 43.54 -32.67
C HIS C 175 -4.89 43.97 -31.41
N TRP C 176 -4.17 44.14 -30.32
CA TRP C 176 -4.70 44.47 -28.99
C TRP C 176 -5.34 45.83 -28.91
N ASP C 177 -6.41 45.94 -28.10
CA ASP C 177 -7.07 47.22 -27.88
C ASP C 177 -6.14 48.12 -27.03
N GLU C 178 -5.31 47.50 -26.19
CA GLU C 178 -4.27 48.12 -25.37
C GLU C 178 -2.97 47.36 -25.64
N LYS C 179 -2.07 47.98 -26.40
CA LYS C 179 -0.82 47.37 -26.85
C LYS C 179 0.15 47.05 -25.73
N PHE C 180 1.08 46.12 -26.03
CA PHE C 180 2.19 45.76 -25.17
C PHE C 180 3.29 46.78 -25.51
N HIS C 181 4.16 47.08 -24.58
CA HIS C 181 5.26 47.95 -24.82
C HIS C 181 6.25 47.17 -25.67
N HIS C 182 6.77 47.80 -26.75
CA HIS C 182 7.68 47.13 -27.68
C HIS C 182 8.96 46.58 -27.01
N LYS C 183 9.35 47.11 -25.85
CA LYS C 183 10.54 46.64 -25.16
C LYS C 183 10.22 45.57 -24.09
N MSE C 184 8.91 45.30 -23.81
CA MSE C 184 8.46 44.35 -22.77
C MSE C 184 8.46 42.93 -23.28
O MSE C 184 7.46 42.21 -23.21
CB MSE C 184 7.08 44.76 -22.27
CG MSE C 184 7.15 45.92 -21.30
SE MSE C 184 7.76 45.27 -19.60
CE MSE C 184 6.08 44.80 -18.75
N VAL C 185 9.63 42.51 -23.79
CA VAL C 185 9.89 41.26 -24.49
C VAL C 185 11.26 40.69 -24.03
N ASP C 186 11.31 39.42 -23.64
CA ASP C 186 12.55 38.77 -23.16
C ASP C 186 12.55 37.27 -23.39
N ASN C 187 13.64 36.62 -23.09
CA ASN C 187 13.74 35.18 -23.29
C ASN C 187 13.43 34.41 -22.01
N ARG C 188 12.51 33.47 -22.14
CA ARG C 188 12.07 32.62 -21.05
C ARG C 188 12.00 31.13 -21.52
N GLY C 189 11.61 30.27 -20.60
CA GLY C 189 11.39 28.87 -20.91
C GLY C 189 9.93 28.52 -20.86
N PHE C 190 9.43 27.88 -21.94
CA PHE C 190 8.06 27.39 -22.03
C PHE C 190 8.09 25.91 -21.71
N MSE C 191 7.29 25.49 -20.74
CA MSE C 191 7.23 24.11 -20.30
C MSE C 191 6.18 23.32 -21.08
O MSE C 191 5.01 23.43 -20.81
CB MSE C 191 6.99 24.04 -18.80
CG MSE C 191 8.06 24.73 -17.97
SE MSE C 191 7.47 24.74 -16.06
CE MSE C 191 5.79 25.74 -16.29
N VAL C 192 6.64 22.56 -22.07
CA VAL C 192 5.81 21.72 -22.93
C VAL C 192 5.28 20.59 -22.04
N THR C 193 6.17 20.04 -21.17
CA THR C 193 5.86 19.03 -20.16
C THR C 193 6.62 19.42 -18.87
N ARG C 194 6.46 18.66 -17.78
CA ARG C 194 7.15 18.97 -16.54
C ARG C 194 8.61 18.66 -16.66
N SER C 195 8.98 17.82 -17.68
CA SER C 195 10.35 17.37 -17.95
C SER C 195 10.91 17.96 -19.25
N TYR C 196 10.10 18.63 -20.05
CA TYR C 196 10.56 19.23 -21.31
C TYR C 196 10.28 20.75 -21.45
N THR C 197 11.36 21.54 -21.46
CA THR C 197 11.30 23.00 -21.60
C THR C 197 11.92 23.44 -22.91
N VAL C 198 11.30 24.44 -23.53
CA VAL C 198 11.70 25.03 -24.78
C VAL C 198 11.91 26.55 -24.59
N GLY C 199 12.98 27.06 -25.18
CA GLY C 199 13.34 28.47 -25.14
C GLY C 199 12.44 29.29 -26.01
N VAL C 200 11.72 30.24 -25.40
CA VAL C 200 10.80 31.14 -26.11
C VAL C 200 11.07 32.58 -25.78
N THR C 201 10.49 33.45 -26.56
CA THR C 201 10.46 34.88 -26.34
C THR C 201 9.08 35.16 -25.68
N MSE C 202 9.05 35.89 -24.60
CA MSE C 202 7.75 36.23 -24.04
C MSE C 202 7.62 37.73 -23.98
O MSE C 202 8.62 38.43 -23.82
CB MSE C 202 7.55 35.62 -22.66
CG MSE C 202 7.22 34.15 -22.72
SE MSE C 202 6.85 33.49 -20.99
CE MSE C 202 4.99 33.64 -20.89
N MSE C 203 6.38 38.19 -24.19
CA MSE C 203 5.95 39.58 -24.12
C MSE C 203 5.05 39.71 -22.93
O MSE C 203 4.32 38.78 -22.58
CB MSE C 203 5.24 40.03 -25.39
CG MSE C 203 3.93 39.31 -25.65
SE MSE C 203 3.23 39.77 -27.36
CE MSE C 203 1.64 38.70 -27.30
N HIS C 204 5.12 40.88 -22.29
CA HIS C 204 4.50 41.14 -21.01
C HIS C 204 3.75 42.47 -20.92
N ARG C 205 2.59 42.46 -20.26
CA ARG C 205 1.79 43.66 -19.99
C ARG C 205 0.92 43.49 -18.76
N THR C 206 0.89 44.55 -17.91
CA THR C 206 -0.01 44.59 -16.76
C THR C 206 -1.09 45.66 -17.09
N GLY C 207 -2.34 45.29 -16.89
CA GLY C 207 -3.49 46.13 -17.10
C GLY C 207 -4.70 45.54 -16.42
N LEU C 208 -5.83 46.21 -16.59
CA LEU C 208 -7.12 45.76 -16.08
C LEU C 208 -7.66 44.84 -17.15
N TYR C 209 -7.92 43.58 -16.77
CA TYR C 209 -8.47 42.57 -17.68
C TYR C 209 -9.57 41.81 -17.00
N ASN C 210 -10.53 41.27 -17.79
CA ASN C 210 -11.58 40.39 -17.27
C ASN C 210 -10.89 39.08 -16.97
N TYR C 211 -10.97 38.66 -15.69
CA TYR C 211 -10.24 37.51 -15.22
C TYR C 211 -11.03 36.65 -14.30
N TYR C 212 -10.75 35.33 -14.35
CA TYR C 212 -11.33 34.36 -13.45
C TYR C 212 -10.39 33.22 -13.15
N ASP C 213 -10.22 32.95 -11.86
CA ASP C 213 -9.39 31.90 -11.29
C ASP C 213 -10.30 30.84 -10.61
N ASP C 214 -10.47 29.67 -11.25
CA ASP C 214 -11.30 28.58 -10.70
C ASP C 214 -10.40 27.72 -9.80
N GLU C 215 -10.49 27.92 -8.49
CA GLU C 215 -9.69 27.19 -7.51
C GLU C 215 -10.08 25.71 -7.46
N LYS C 216 -11.36 25.44 -7.68
CA LYS C 216 -11.92 24.09 -7.67
C LYS C 216 -11.46 23.31 -8.90
N GLU C 217 -11.52 23.95 -10.09
CA GLU C 217 -11.15 23.36 -11.38
C GLU C 217 -9.69 23.61 -11.83
N LYS C 218 -8.90 24.23 -10.91
CA LYS C 218 -7.49 24.55 -11.09
C LYS C 218 -7.15 25.10 -12.47
N LEU C 219 -7.83 26.20 -12.85
CA LEU C 219 -7.63 26.86 -14.13
C LEU C 219 -7.80 28.38 -14.04
N GLN C 220 -7.20 29.12 -14.98
CA GLN C 220 -7.34 30.57 -15.12
C GLN C 220 -7.94 30.89 -16.50
N ILE C 221 -8.77 31.93 -16.56
CA ILE C 221 -9.38 32.45 -17.78
C ILE C 221 -9.24 34.00 -17.83
N VAL C 222 -8.74 34.52 -18.94
CA VAL C 222 -8.52 35.93 -19.15
C VAL C 222 -9.08 36.38 -20.50
N GLU C 223 -9.66 37.60 -20.55
CA GLU C 223 -10.22 38.17 -21.76
C GLU C 223 -9.40 39.39 -22.13
N MSE C 224 -8.80 39.34 -23.32
CA MSE C 224 -7.97 40.42 -23.85
C MSE C 224 -8.68 41.07 -25.04
O MSE C 224 -8.68 40.50 -26.14
CB MSE C 224 -6.62 39.85 -24.28
CG MSE C 224 -5.89 39.12 -23.18
SE MSE C 224 -4.27 38.32 -23.84
CE MSE C 224 -3.18 39.93 -24.13
N PRO C 225 -9.35 42.22 -24.84
CA PRO C 225 -10.05 42.89 -25.97
C PRO C 225 -9.11 43.22 -27.12
N LEU C 226 -9.61 42.96 -28.34
CA LEU C 226 -8.88 43.27 -29.58
C LEU C 226 -9.27 44.66 -30.06
N ALA C 227 -8.57 45.17 -31.08
CA ALA C 227 -8.77 46.53 -31.58
C ALA C 227 -10.21 46.97 -31.64
N HIS C 228 -10.47 48.14 -31.02
CA HIS C 228 -11.77 48.79 -30.98
C HIS C 228 -12.84 47.98 -30.31
N LYS C 229 -12.46 47.02 -29.48
CA LYS C 229 -13.37 46.16 -28.73
C LYS C 229 -14.38 45.41 -29.64
N LEU C 230 -13.99 45.20 -30.92
CA LEU C 230 -14.83 44.51 -31.89
C LEU C 230 -14.87 43.01 -31.66
N SER C 231 -13.76 42.48 -31.12
CA SER C 231 -13.58 41.08 -30.75
C SER C 231 -12.66 41.03 -29.56
N SER C 232 -12.55 39.84 -28.95
CA SER C 232 -11.66 39.62 -27.84
C SER C 232 -11.03 38.23 -27.89
N LEU C 233 -9.80 38.12 -27.36
CA LEU C 233 -9.06 36.89 -27.28
C LEU C 233 -9.17 36.33 -25.85
N ILE C 234 -9.76 35.13 -25.73
CA ILE C 234 -9.94 34.45 -24.44
C ILE C 234 -8.89 33.36 -24.25
N ILE C 235 -8.19 33.37 -23.10
CA ILE C 235 -7.17 32.35 -22.78
C ILE C 235 -7.58 31.51 -21.58
N LEU C 236 -7.58 30.20 -21.78
CA LEU C 236 -7.90 29.17 -20.81
C LEU C 236 -6.67 28.35 -20.54
N MSE C 237 -6.20 28.37 -19.30
CA MSE C 237 -4.99 27.66 -18.94
C MSE C 237 -5.11 27.02 -17.56
O MSE C 237 -5.49 27.71 -16.62
CB MSE C 237 -3.83 28.63 -18.99
CG MSE C 237 -2.50 27.99 -18.71
SE MSE C 237 -1.09 29.26 -18.94
CE MSE C 237 -1.55 30.58 -17.50
N PRO C 238 -4.74 25.73 -17.42
CA PRO C 238 -4.76 25.12 -16.08
C PRO C 238 -3.66 25.72 -15.19
N HIS C 239 -3.81 25.66 -13.85
CA HIS C 239 -2.78 26.16 -12.94
C HIS C 239 -1.44 25.44 -13.14
N HIS C 240 -1.49 24.09 -13.19
CA HIS C 240 -0.33 23.24 -13.36
C HIS C 240 0.01 22.95 -14.81
N VAL C 241 1.26 22.54 -15.08
CA VAL C 241 1.68 22.08 -16.40
C VAL C 241 1.18 20.63 -16.45
N GLU C 242 0.26 20.37 -17.37
CA GLU C 242 -0.41 19.08 -17.54
C GLU C 242 -0.93 18.99 -18.99
N PRO C 243 -1.29 17.77 -19.50
CA PRO C 243 -1.86 17.68 -20.85
C PRO C 243 -3.22 18.38 -20.89
N LEU C 244 -3.58 19.00 -22.02
CA LEU C 244 -4.84 19.72 -22.05
C LEU C 244 -6.13 18.90 -21.96
N GLU C 245 -6.02 17.58 -22.08
CA GLU C 245 -7.13 16.63 -22.04
C GLU C 245 -8.20 16.95 -20.97
N ARG C 246 -7.75 17.20 -19.73
CA ARG C 246 -8.63 17.50 -18.61
C ARG C 246 -9.44 18.75 -18.86
N LEU C 247 -8.78 19.84 -19.27
CA LEU C 247 -9.43 21.10 -19.56
C LEU C 247 -10.37 20.98 -20.75
N GLU C 248 -9.95 20.24 -21.80
CA GLU C 248 -10.74 20.03 -23.02
C GLU C 248 -12.07 19.32 -22.74
N LYS C 249 -12.07 18.37 -21.77
CA LYS C 249 -13.27 17.67 -21.29
C LYS C 249 -14.26 18.67 -20.72
N LEU C 250 -13.76 19.70 -20.01
CA LEU C 250 -14.55 20.77 -19.39
C LEU C 250 -15.06 21.77 -20.40
N LEU C 251 -14.31 21.99 -21.50
CA LEU C 251 -14.65 22.98 -22.51
C LEU C 251 -15.91 22.67 -23.30
N THR C 252 -16.99 23.42 -23.00
CA THR C 252 -18.29 23.35 -23.67
C THR C 252 -18.82 24.76 -23.84
N LYS C 253 -19.80 24.96 -24.72
CA LYS C 253 -20.42 26.26 -24.96
C LYS C 253 -21.04 26.79 -23.64
N GLU C 254 -21.64 25.88 -22.85
CA GLU C 254 -22.31 26.16 -21.57
C GLU C 254 -21.29 26.50 -20.47
N GLN C 255 -20.19 25.73 -20.39
CA GLN C 255 -19.14 25.95 -19.39
C GLN C 255 -18.47 27.29 -19.63
N LEU C 256 -18.20 27.62 -20.91
CA LEU C 256 -17.62 28.87 -21.31
C LEU C 256 -18.51 30.02 -20.85
N LYS C 257 -19.83 29.91 -21.06
CA LYS C 257 -20.81 30.93 -20.62
C LYS C 257 -20.70 31.13 -19.10
N ILE C 258 -20.60 30.03 -18.33
CA ILE C 258 -20.46 30.05 -16.87
C ILE C 258 -19.20 30.80 -16.45
N TRP C 259 -18.05 30.43 -17.03
CA TRP C 259 -16.74 31.04 -16.74
C TRP C 259 -16.70 32.52 -17.04
N MSE C 260 -17.28 32.93 -18.16
CA MSE C 260 -17.25 34.31 -18.56
C MSE C 260 -18.10 35.24 -17.70
O MSE C 260 -17.70 36.38 -17.45
CB MSE C 260 -17.48 34.48 -20.04
CG MSE C 260 -16.38 33.85 -20.82
SE MSE C 260 -16.57 34.20 -22.68
CE MSE C 260 -15.13 33.32 -23.14
N GLY C 261 -19.20 34.69 -17.18
CA GLY C 261 -20.06 35.40 -16.25
C GLY C 261 -19.36 35.60 -14.92
N LYS C 262 -18.47 34.66 -14.57
CA LYS C 262 -17.70 34.66 -13.32
C LYS C 262 -16.48 35.60 -13.37
N MSE C 263 -16.09 36.04 -14.57
CA MSE C 263 -14.95 36.95 -14.77
C MSE C 263 -15.25 38.36 -14.23
O MSE C 263 -16.40 38.81 -14.27
CB MSE C 263 -14.60 37.09 -16.27
CG MSE C 263 -14.12 35.82 -16.92
SE MSE C 263 -13.28 36.17 -18.66
CE MSE C 263 -14.75 37.08 -19.60
N GLN C 264 -14.21 39.06 -13.77
CA GLN C 264 -14.30 40.44 -13.31
C GLN C 264 -13.01 41.23 -13.64
N LYS C 265 -13.12 42.55 -13.84
CA LYS C 265 -11.98 43.39 -14.19
C LYS C 265 -10.99 43.51 -13.05
N LYS C 266 -9.79 42.94 -13.25
CA LYS C 266 -8.75 42.90 -12.22
C LYS C 266 -7.42 43.32 -12.80
N ALA C 267 -6.49 43.82 -11.93
CA ALA C 267 -5.09 44.10 -12.34
C ALA C 267 -4.47 42.74 -12.65
N VAL C 268 -4.16 42.50 -13.94
CA VAL C 268 -3.53 41.26 -14.38
C VAL C 268 -2.24 41.52 -15.11
N ALA C 269 -1.19 40.77 -14.72
CA ALA C 269 0.09 40.77 -15.41
C ALA C 269 0.07 39.56 -16.37
N ILE C 270 -0.23 39.85 -17.64
CA ILE C 270 -0.28 38.81 -18.69
C ILE C 270 1.11 38.66 -19.30
N SER C 271 1.62 37.41 -19.34
CA SER C 271 2.90 37.08 -19.97
C SER C 271 2.54 35.99 -20.98
N LEU C 272 2.84 36.25 -22.27
CA LEU C 272 2.51 35.33 -23.36
C LEU C 272 3.70 35.08 -24.24
N PRO C 273 3.81 33.87 -24.85
CA PRO C 273 4.90 33.65 -25.80
C PRO C 273 4.69 34.58 -27.03
N LYS C 274 5.78 35.08 -27.59
CA LYS C 274 5.75 35.98 -28.71
C LYS C 274 6.33 35.27 -29.90
N GLY C 275 5.63 35.32 -31.00
CA GLY C 275 6.07 34.68 -32.24
C GLY C 275 4.92 34.15 -33.05
N VAL C 276 5.26 33.58 -34.19
CA VAL C 276 4.35 33.00 -35.16
C VAL C 276 4.26 31.54 -34.90
N VAL C 277 3.02 31.02 -34.75
CA VAL C 277 2.73 29.60 -34.58
C VAL C 277 2.14 29.14 -35.93
N GLU C 278 2.81 28.18 -36.57
CA GLU C 278 2.38 27.63 -37.86
C GLU C 278 1.68 26.29 -37.66
N VAL C 279 0.41 26.17 -38.10
CA VAL C 279 -0.35 24.92 -37.91
C VAL C 279 -1.02 24.52 -39.20
N THR C 280 -0.79 23.27 -39.63
CA THR C 280 -1.46 22.73 -40.80
C THR C 280 -2.19 21.46 -40.45
N HIS C 281 -3.52 21.49 -40.62
CA HIS C 281 -4.41 20.37 -40.39
C HIS C 281 -4.97 19.87 -41.72
N ASP C 282 -5.17 18.52 -41.84
CA ASP C 282 -5.83 17.90 -42.99
C ASP C 282 -7.18 17.47 -42.42
N LEU C 283 -8.20 18.31 -42.65
CA LEU C 283 -9.52 18.09 -42.08
C LEU C 283 -10.28 16.89 -42.62
N GLN C 284 -9.91 16.39 -43.82
CA GLN C 284 -10.56 15.26 -44.52
C GLN C 284 -11.19 14.17 -43.63
N LYS C 285 -10.34 13.45 -42.88
CA LYS C 285 -10.77 12.36 -41.99
C LYS C 285 -11.81 12.76 -40.93
N HIS C 286 -11.61 13.92 -40.29
CA HIS C 286 -12.48 14.42 -39.23
C HIS C 286 -13.86 14.90 -39.74
N LEU C 287 -13.88 15.39 -41.00
CA LEU C 287 -15.09 15.87 -41.69
C LEU C 287 -16.01 14.71 -42.01
N ALA C 288 -15.43 13.52 -42.22
CA ALA C 288 -16.16 12.29 -42.51
C ALA C 288 -17.13 11.93 -41.37
N GLY C 289 -16.62 11.97 -40.13
CA GLY C 289 -17.37 11.68 -38.90
C GLY C 289 -18.36 12.75 -38.52
N LEU C 290 -18.35 13.89 -39.22
CA LEU C 290 -19.30 14.97 -38.99
C LEU C 290 -20.53 14.84 -39.89
N GLY C 291 -20.51 13.87 -40.82
CA GLY C 291 -21.65 13.61 -41.71
C GLY C 291 -21.44 13.74 -43.20
N LEU C 292 -20.36 14.45 -43.61
CA LEU C 292 -20.04 14.57 -45.02
C LEU C 292 -19.23 13.31 -45.35
N THR C 293 -19.98 12.25 -45.75
CA THR C 293 -19.49 10.88 -46.03
C THR C 293 -19.40 10.55 -47.52
N GLU C 294 -20.28 11.17 -48.34
CA GLU C 294 -20.37 10.97 -49.79
C GLU C 294 -19.30 11.72 -50.56
N ALA C 295 -18.98 12.97 -50.14
CA ALA C 295 -17.98 13.79 -50.83
C ALA C 295 -16.56 13.28 -50.62
N ILE C 296 -16.31 12.60 -49.47
CA ILE C 296 -14.99 12.06 -49.09
C ILE C 296 -14.61 10.71 -49.73
N ASP C 297 -15.58 10.00 -50.34
CA ASP C 297 -15.37 8.71 -51.02
C ASP C 297 -15.51 8.88 -52.53
N LYS C 298 -14.53 8.33 -53.28
CA LYS C 298 -14.42 8.37 -54.74
C LYS C 298 -15.62 7.78 -55.47
N ASN C 299 -16.20 6.72 -54.90
CA ASN C 299 -17.33 5.97 -55.48
C ASN C 299 -18.71 6.63 -55.26
N LYS C 300 -18.83 7.57 -54.31
CA LYS C 300 -20.11 8.21 -54.00
C LYS C 300 -20.17 9.71 -54.28
N ALA C 301 -19.01 10.39 -54.41
CA ALA C 301 -18.91 11.84 -54.60
C ALA C 301 -19.47 12.45 -55.88
N ASP C 302 -20.65 13.09 -55.75
CA ASP C 302 -21.30 13.80 -56.84
C ASP C 302 -21.01 15.30 -56.78
N LEU C 303 -20.08 15.75 -57.64
CA LEU C 303 -19.69 17.15 -57.76
C LEU C 303 -19.79 17.53 -59.25
N SER C 304 -20.97 17.21 -59.81
CA SER C 304 -21.36 17.42 -61.21
C SER C 304 -21.57 18.89 -61.55
N ARG C 305 -21.60 19.79 -60.54
CA ARG C 305 -21.74 21.23 -60.73
C ARG C 305 -20.37 21.85 -60.92
N MSE C 306 -19.35 21.21 -60.32
CA MSE C 306 -17.95 21.64 -60.33
C MSE C 306 -17.23 21.36 -61.63
O MSE C 306 -16.67 22.28 -62.22
CB MSE C 306 -17.21 20.93 -59.20
CG MSE C 306 -17.21 21.69 -57.91
SE MSE C 306 -15.81 21.09 -56.75
CE MSE C 306 -14.26 21.77 -57.75
N SER C 307 -17.19 20.08 -62.04
CA SER C 307 -16.45 19.63 -63.22
C SER C 307 -17.29 19.21 -64.43
N GLY C 308 -18.58 19.00 -64.20
CA GLY C 308 -19.53 18.57 -65.24
C GLY C 308 -19.81 17.08 -65.24
N LYS C 309 -18.97 16.30 -64.54
CA LYS C 309 -19.06 14.84 -64.43
C LYS C 309 -18.59 14.36 -63.03
N LYS C 310 -18.82 13.06 -62.70
CA LYS C 310 -18.42 12.41 -61.44
C LYS C 310 -16.94 11.91 -61.52
N ASP C 311 -16.06 12.80 -62.02
CA ASP C 311 -14.63 12.58 -62.18
C ASP C 311 -13.86 13.23 -61.00
N LEU C 312 -14.59 13.56 -59.90
CA LEU C 312 -14.03 14.25 -58.75
C LEU C 312 -14.61 13.83 -57.40
N TYR C 313 -13.74 13.89 -56.36
CA TYR C 313 -14.04 13.63 -54.96
C TYR C 313 -13.22 14.57 -54.07
N LEU C 314 -13.61 14.72 -52.79
CA LEU C 314 -12.88 15.57 -51.85
C LEU C 314 -11.75 14.78 -51.18
N ALA C 315 -10.55 14.82 -51.80
CA ALA C 315 -9.37 14.08 -51.36
C ALA C 315 -8.76 14.60 -50.08
N SER C 316 -8.72 15.94 -49.92
CA SER C 316 -8.12 16.59 -48.75
C SER C 316 -8.65 17.99 -48.51
N VAL C 317 -8.72 18.39 -47.22
CA VAL C 317 -9.10 19.74 -46.82
C VAL C 317 -8.01 20.26 -45.89
N PHE C 318 -7.18 21.15 -46.42
CA PHE C 318 -6.06 21.74 -45.71
C PHE C 318 -6.45 23.04 -45.09
N HIS C 319 -6.32 23.06 -43.77
CA HIS C 319 -6.59 24.24 -42.95
C HIS C 319 -5.25 24.63 -42.37
N ALA C 320 -4.59 25.61 -43.01
CA ALA C 320 -3.25 26.02 -42.61
C ALA C 320 -3.25 27.46 -42.15
N THR C 321 -2.73 27.67 -40.94
CA THR C 321 -2.73 28.97 -40.30
C THR C 321 -1.36 29.31 -39.72
N ALA C 322 -1.03 30.59 -39.79
CA ALA C 322 0.13 31.21 -39.19
C ALA C 322 -0.49 32.24 -38.23
N PHE C 323 -0.51 31.93 -36.93
CA PHE C 323 -1.06 32.82 -35.90
C PHE C 323 0.09 33.51 -35.21
N GLU C 324 0.16 34.86 -35.35
CA GLU C 324 1.24 35.64 -34.76
C GLU C 324 0.87 36.35 -33.49
N TRP C 325 1.63 36.07 -32.43
CA TRP C 325 1.50 36.71 -31.12
C TRP C 325 2.53 37.80 -31.13
N ASP C 326 2.07 39.06 -31.20
CA ASP C 326 2.95 40.25 -31.27
C ASP C 326 2.52 41.33 -30.26
N THR C 327 3.39 42.29 -30.01
CA THR C 327 3.16 43.39 -29.05
C THR C 327 2.18 44.47 -29.54
N GLU C 328 2.08 44.62 -30.87
CA GLU C 328 1.26 45.62 -31.53
C GLU C 328 -0.20 45.58 -31.15
N GLY C 329 -0.75 46.77 -31.05
CA GLY C 329 -2.12 47.08 -30.73
C GLY C 329 -2.30 48.60 -30.68
N ASN C 330 -3.52 49.06 -30.33
CA ASN C 330 -3.82 50.50 -30.25
C ASN C 330 -3.13 51.19 -29.05
N PRO C 331 -2.94 52.53 -29.09
CA PRO C 331 -2.34 53.19 -27.92
C PRO C 331 -3.41 53.36 -26.86
N PHE C 332 -3.05 53.87 -25.70
CA PHE C 332 -3.98 54.15 -24.60
C PHE C 332 -3.39 55.29 -23.78
N ASP C 333 -4.24 56.04 -23.04
CA ASP C 333 -3.84 57.18 -22.23
C ASP C 333 -3.09 56.80 -20.95
N GLN C 334 -2.16 57.70 -20.53
CA GLN C 334 -1.37 57.61 -19.31
C GLN C 334 -2.25 57.72 -18.03
N ASP C 335 -2.64 56.55 -17.47
CA ASP C 335 -3.46 56.48 -16.26
C ASP C 335 -2.91 55.48 -15.22
N ILE C 336 -3.21 55.74 -13.92
CA ILE C 336 -2.80 54.98 -12.74
C ILE C 336 -3.77 53.80 -12.45
N LEU C 342 -3.07 48.85 -10.17
CA LEU C 342 -2.16 47.86 -10.79
C LEU C 342 -0.98 47.49 -9.89
N ARG C 343 -1.01 47.98 -8.62
CA ARG C 343 0.05 47.74 -7.63
C ARG C 343 0.29 46.23 -7.42
N SER C 344 -0.77 45.44 -7.11
CA SER C 344 -0.60 43.98 -6.94
C SER C 344 -1.39 43.10 -7.94
N PRO C 345 -0.82 42.90 -9.15
CA PRO C 345 -1.51 42.12 -10.17
C PRO C 345 -1.52 40.62 -9.88
N LYS C 346 -2.44 39.94 -10.56
CA LYS C 346 -2.59 38.50 -10.57
C LYS C 346 -1.75 38.08 -11.77
N LEU C 347 -1.05 36.96 -11.68
CA LEU C 347 -0.22 36.54 -12.80
C LEU C 347 -0.94 35.64 -13.73
N PHE C 348 -0.91 35.95 -15.02
CA PHE C 348 -1.42 35.04 -16.05
C PHE C 348 -0.18 34.79 -16.91
N TYR C 349 0.69 33.88 -16.42
CA TYR C 349 2.00 33.51 -16.94
C TYR C 349 1.86 32.27 -17.84
N ALA C 350 1.66 32.52 -19.15
CA ALA C 350 1.47 31.43 -20.11
C ALA C 350 2.77 30.79 -20.61
N ASP C 351 3.46 30.05 -19.69
CA ASP C 351 4.70 29.34 -19.99
C ASP C 351 4.44 27.81 -20.05
N HIS C 352 3.17 27.43 -20.21
CA HIS C 352 2.74 26.05 -20.32
C HIS C 352 1.50 25.99 -21.20
N PRO C 353 1.14 24.81 -21.80
CA PRO C 353 0.03 24.77 -22.76
C PRO C 353 -1.28 25.37 -22.27
N PHE C 354 -1.95 26.05 -23.18
CA PHE C 354 -3.22 26.72 -22.97
C PHE C 354 -4.12 26.64 -24.21
N ILE C 355 -5.44 26.84 -24.00
CA ILE C 355 -6.49 26.90 -25.01
C ILE C 355 -6.85 28.40 -25.20
N PHE C 356 -7.03 28.83 -26.43
CA PHE C 356 -7.45 30.19 -26.73
C PHE C 356 -8.60 30.23 -27.75
N LEU C 357 -9.41 31.30 -27.68
CA LEU C 357 -10.54 31.55 -28.57
C LEU C 357 -10.56 33.04 -28.98
N VAL C 358 -10.91 33.29 -30.24
CA VAL C 358 -11.12 34.65 -30.71
C VAL C 358 -12.61 34.73 -30.93
N ARG C 359 -13.32 35.55 -30.16
CA ARG C 359 -14.78 35.62 -30.37
C ARG C 359 -15.28 37.04 -30.59
N ASP C 360 -16.17 37.21 -31.54
CA ASP C 360 -16.73 38.50 -31.95
C ASP C 360 -17.55 39.06 -30.81
N THR C 361 -17.25 40.30 -30.40
CA THR C 361 -17.91 40.95 -29.26
C THR C 361 -19.41 41.07 -29.42
N GLN C 362 -19.85 41.69 -30.52
CA GLN C 362 -21.26 41.94 -30.85
C GLN C 362 -22.12 40.69 -30.94
N SER C 363 -21.69 39.71 -31.76
CA SER C 363 -22.42 38.48 -32.00
C SER C 363 -22.22 37.35 -31.00
N GLY C 364 -21.00 37.18 -30.52
CA GLY C 364 -20.61 36.07 -29.65
C GLY C 364 -19.98 34.98 -30.50
N SER C 365 -20.08 35.19 -31.83
CA SER C 365 -19.56 34.36 -32.91
C SER C 365 -18.05 34.08 -32.76
N LEU C 366 -17.72 32.80 -32.77
CA LEU C 366 -16.36 32.29 -32.64
C LEU C 366 -15.59 32.47 -33.97
N LEU C 367 -14.50 33.24 -33.92
CA LEU C 367 -13.63 33.53 -35.08
C LEU C 367 -12.48 32.54 -35.15
N PHE C 368 -11.98 32.11 -33.98
CA PHE C 368 -10.91 31.12 -33.85
C PHE C 368 -11.04 30.30 -32.61
N ILE C 369 -10.62 29.06 -32.72
CA ILE C 369 -10.52 28.12 -31.62
C ILE C 369 -9.19 27.43 -31.83
N GLY C 370 -8.40 27.36 -30.80
CA GLY C 370 -7.10 26.73 -30.92
C GLY C 370 -6.46 26.49 -29.57
N ARG C 371 -5.24 25.92 -29.60
CA ARG C 371 -4.42 25.63 -28.43
C ARG C 371 -2.99 25.69 -28.84
N LEU C 372 -2.13 26.14 -27.89
CA LEU C 372 -0.68 26.22 -28.05
C LEU C 372 -0.10 25.30 -27.02
N VAL C 373 0.45 24.17 -27.51
CA VAL C 373 1.01 23.06 -26.76
C VAL C 373 2.54 23.06 -26.87
N ARG C 374 3.06 23.40 -28.06
CA ARG C 374 4.49 23.44 -28.32
C ARG C 374 4.86 24.59 -29.25
N PRO C 375 5.38 25.70 -28.72
CA PRO C 375 5.83 26.79 -29.62
C PRO C 375 7.19 26.48 -30.24
N LYS C 376 7.57 27.27 -31.26
CA LYS C 376 8.89 27.17 -31.91
C LYS C 376 10.00 27.53 -30.92
N GLY C 377 11.06 26.74 -30.95
CA GLY C 377 12.22 26.95 -30.10
C GLY C 377 12.98 25.66 -29.92
N ASP C 378 14.14 25.75 -29.26
CA ASP C 378 14.97 24.59 -28.99
C ASP C 378 14.83 24.10 -27.54
N LYS C 379 15.02 22.77 -27.35
CA LYS C 379 14.96 22.05 -26.06
C LYS C 379 16.10 22.55 -25.14
N MSE C 380 15.80 22.84 -23.85
CA MSE C 380 16.81 23.29 -22.89
C MSE C 380 16.84 22.49 -21.60
O MSE C 380 17.90 22.01 -21.19
CB MSE C 380 16.69 24.81 -22.63
CG MSE C 380 15.33 25.26 -22.12
SE MSE C 380 15.22 27.17 -21.76
CE MSE C 380 15.93 27.21 -19.94
N MSE D 1 51.67 41.58 -5.55
CA MSE D 1 51.95 40.19 -5.94
C MSE D 1 52.78 39.47 -4.88
O MSE D 1 53.76 40.02 -4.38
CB MSE D 1 52.65 40.12 -7.32
CG MSE D 1 52.70 38.71 -7.90
SE MSE D 1 54.07 38.42 -9.28
CE MSE D 1 55.66 38.42 -8.15
N LEU D 2 52.41 38.22 -4.59
CA LEU D 2 53.13 37.35 -3.65
C LEU D 2 54.48 37.00 -4.20
N SER D 3 55.47 36.93 -3.30
CA SER D 3 56.83 36.55 -3.61
C SER D 3 56.81 35.05 -3.94
N PRO D 4 57.76 34.54 -4.75
CA PRO D 4 57.76 33.08 -5.02
C PRO D 4 57.78 32.18 -3.77
N LYS D 5 58.49 32.58 -2.67
CA LYS D 5 58.49 31.82 -1.42
C LYS D 5 57.10 31.80 -0.73
N ALA D 6 56.43 32.96 -0.64
CA ALA D 6 55.07 33.04 -0.08
C ALA D 6 54.08 32.20 -0.89
N ALA D 7 54.22 32.21 -2.24
CA ALA D 7 53.41 31.42 -3.17
C ALA D 7 53.55 29.91 -2.92
N THR D 8 54.79 29.43 -2.70
CA THR D 8 55.06 28.03 -2.41
C THR D 8 54.52 27.60 -1.03
N LEU D 9 54.55 28.51 -0.03
CA LEU D 9 53.97 28.31 1.31
C LEU D 9 52.47 28.14 1.17
N ALA D 10 51.84 29.00 0.32
CA ALA D 10 50.42 29.00 0.03
C ALA D 10 49.97 27.64 -0.57
N GLU D 11 50.79 27.05 -1.45
CA GLU D 11 50.52 25.75 -2.07
C GLU D 11 50.61 24.64 -1.05
N ARG D 12 51.78 24.54 -0.38
CA ARG D 12 52.13 23.56 0.63
C ARG D 12 51.05 23.37 1.71
N SER D 13 50.36 24.45 2.11
CA SER D 13 49.36 24.54 3.17
C SER D 13 47.93 24.68 2.64
N ALA D 14 47.79 24.79 1.31
CA ALA D 14 46.56 24.92 0.55
C ALA D 14 45.47 23.97 1.05
N GLY D 15 45.88 22.75 1.40
CA GLY D 15 45.01 21.67 1.85
C GLY D 15 44.53 21.74 3.28
N LEU D 16 45.11 22.66 4.09
CA LEU D 16 44.73 22.82 5.49
C LEU D 16 43.25 23.20 5.62
N ALA D 17 42.84 24.12 4.71
CA ALA D 17 41.49 24.64 4.52
C ALA D 17 40.48 23.49 4.41
N PHE D 18 40.78 22.50 3.52
CA PHE D 18 39.94 21.33 3.30
C PHE D 18 39.88 20.46 4.54
N SER D 19 41.06 20.23 5.14
CA SER D 19 41.21 19.39 6.30
C SER D 19 40.48 19.87 7.53
N LEU D 20 40.62 21.16 7.88
CA LEU D 20 39.92 21.73 9.03
C LEU D 20 38.41 21.70 8.84
N TYR D 21 37.96 22.12 7.64
CA TYR D 21 36.55 22.12 7.27
C TYR D 21 35.98 20.70 7.46
N GLN D 22 36.63 19.69 6.85
CA GLN D 22 36.19 18.29 6.92
C GLN D 22 36.06 17.79 8.32
N ALA D 23 37.05 18.12 9.17
CA ALA D 23 37.12 17.77 10.58
C ALA D 23 35.90 18.31 11.32
N MSE D 24 35.59 19.60 11.09
CA MSE D 24 34.46 20.31 11.70
C MSE D 24 33.09 19.85 11.19
O MSE D 24 32.15 19.74 11.98
CB MSE D 24 34.64 21.81 11.53
CG MSE D 24 35.89 22.31 12.19
SE MSE D 24 35.88 24.21 12.44
CE MSE D 24 35.57 24.29 14.31
N ALA D 25 32.99 19.58 9.87
CA ALA D 25 31.74 19.11 9.25
C ALA D 25 31.29 17.76 9.83
N LYS D 26 32.24 16.93 10.29
CA LYS D 26 31.98 15.62 10.91
C LYS D 26 31.51 15.80 12.36
N ASP D 27 32.03 16.85 13.05
CA ASP D 27 31.67 17.24 14.41
C ASP D 27 30.21 17.74 14.34
N GLN D 28 29.30 16.86 14.77
CA GLN D 28 27.85 17.05 14.68
C GLN D 28 27.23 18.21 15.47
N ALA D 29 27.99 18.79 16.43
CA ALA D 29 27.59 19.99 17.17
C ALA D 29 27.66 21.26 16.24
N VAL D 30 28.49 21.19 15.19
CA VAL D 30 28.75 22.26 14.25
C VAL D 30 27.59 22.41 13.24
N GLU D 31 27.06 23.64 13.12
CA GLU D 31 26.04 24.01 12.15
C GLU D 31 26.78 24.79 11.07
N ASN D 32 26.85 26.11 11.20
CA ASN D 32 27.58 26.93 10.24
C ASN D 32 29.09 26.86 10.45
N ILE D 33 29.83 26.86 9.34
CA ILE D 33 31.30 26.84 9.30
C ILE D 33 31.81 28.09 8.60
N LEU D 34 32.84 28.72 9.19
CA LEU D 34 33.49 29.90 8.62
C LEU D 34 34.95 29.90 8.99
N LEU D 35 35.82 29.67 7.99
CA LEU D 35 37.27 29.58 8.16
C LEU D 35 38.02 30.41 7.17
N SER D 36 39.03 31.13 7.64
CA SER D 36 39.95 31.86 6.79
C SER D 36 41.27 31.08 6.85
N PRO D 37 41.57 30.28 5.78
CA PRO D 37 42.80 29.47 5.75
C PRO D 37 44.09 30.19 6.12
N VAL D 38 44.28 31.44 5.68
CA VAL D 38 45.46 32.26 5.99
C VAL D 38 45.58 32.53 7.48
N VAL D 39 44.48 32.94 8.11
CA VAL D 39 44.41 33.22 9.55
C VAL D 39 44.64 31.93 10.33
N VAL D 40 44.14 30.79 9.83
CA VAL D 40 44.34 29.50 10.48
C VAL D 40 45.82 29.13 10.36
N ALA D 41 46.43 29.32 9.17
CA ALA D 41 47.86 29.07 8.95
C ALA D 41 48.72 30.00 9.80
N SER D 42 48.36 31.30 9.90
CA SER D 42 49.11 32.25 10.72
C SER D 42 49.12 31.83 12.22
N SER D 43 48.06 31.15 12.67
CA SER D 43 47.98 30.68 14.05
C SER D 43 48.99 29.58 14.35
N LEU D 44 49.23 28.69 13.37
CA LEU D 44 50.23 27.63 13.46
C LEU D 44 51.64 28.24 13.45
N GLY D 45 51.83 29.30 12.66
CA GLY D 45 53.05 30.09 12.59
C GLY D 45 53.42 30.68 13.94
N LEU D 46 52.42 31.15 14.73
CA LEU D 46 52.67 31.68 16.08
C LEU D 46 53.13 30.59 17.03
N VAL D 47 52.60 29.37 16.85
CA VAL D 47 52.97 28.20 17.67
C VAL D 47 54.41 27.82 17.35
N SER D 48 54.80 27.83 16.05
CA SER D 48 56.20 27.57 15.62
C SER D 48 57.12 28.64 16.23
N LEU D 49 56.69 29.92 16.12
CA LEU D 49 57.35 31.13 16.61
C LEU D 49 57.61 31.14 18.10
N GLY D 50 56.58 30.86 18.91
CA GLY D 50 56.71 30.84 20.35
C GLY D 50 56.99 29.48 20.95
N GLY D 51 57.17 28.48 20.09
CA GLY D 51 57.42 27.11 20.50
C GLY D 51 58.85 26.59 20.33
N LYS D 52 59.11 25.46 20.97
CA LYS D 52 60.37 24.74 20.93
C LYS D 52 60.07 23.26 20.77
N ALA D 53 61.11 22.48 20.42
CA ALA D 53 61.08 21.02 20.24
C ALA D 53 59.88 20.51 19.42
N THR D 54 59.17 19.49 19.95
CA THR D 54 58.01 18.87 19.33
C THR D 54 56.81 19.84 19.13
N THR D 55 56.56 20.76 20.10
CA THR D 55 55.46 21.75 20.06
C THR D 55 55.51 22.59 18.77
N ALA D 56 56.73 22.98 18.37
CA ALA D 56 57.00 23.78 17.19
C ALA D 56 57.10 22.93 15.92
N SER D 57 57.73 21.74 15.99
CA SER D 57 57.89 20.82 14.86
C SER D 57 56.55 20.32 14.32
N GLN D 58 55.59 20.08 15.23
CA GLN D 58 54.23 19.68 14.90
C GLN D 58 53.53 20.81 14.11
N ALA D 59 53.66 22.09 14.57
CA ALA D 59 53.09 23.26 13.90
C ALA D 59 53.59 23.36 12.47
N LYS D 60 54.91 23.19 12.24
CA LYS D 60 55.51 23.20 10.90
C LYS D 60 55.01 22.02 10.07
N ALA D 61 54.87 20.82 10.70
CA ALA D 61 54.37 19.61 10.03
C ALA D 61 52.91 19.76 9.56
N VAL D 62 52.06 20.43 10.38
CA VAL D 62 50.63 20.66 10.07
C VAL D 62 50.60 21.58 8.85
N LEU D 63 51.51 22.58 8.85
CA LEU D 63 51.72 23.57 7.78
C LEU D 63 52.39 22.94 6.53
N SER D 64 52.88 21.68 6.67
CA SER D 64 53.59 20.88 5.64
C SER D 64 54.87 21.62 5.17
N ALA D 65 55.48 22.37 6.09
CA ALA D 65 56.67 23.19 5.86
C ALA D 65 57.87 22.72 6.70
N GLU D 66 57.88 21.44 7.13
CA GLU D 66 58.93 20.86 7.97
C GLU D 66 60.34 20.91 7.38
N GLN D 67 60.44 20.82 6.05
CA GLN D 67 61.73 20.86 5.34
C GLN D 67 62.22 22.28 5.01
N LEU D 68 61.51 23.31 5.48
CA LEU D 68 61.90 24.71 5.30
C LEU D 68 62.55 25.23 6.58
N ARG D 69 63.36 26.32 6.45
CA ARG D 69 63.93 27.01 7.60
C ARG D 69 62.77 27.78 8.29
N ASP D 70 62.87 28.01 9.61
CA ASP D 70 61.89 28.76 10.38
C ASP D 70 61.68 30.14 9.80
N GLU D 71 62.78 30.83 9.37
CA GLU D 71 62.75 32.17 8.75
C GLU D 71 61.85 32.17 7.53
N GLU D 72 62.00 31.15 6.64
CA GLU D 72 61.23 30.95 5.40
C GLU D 72 59.74 30.84 5.69
N VAL D 73 59.40 30.10 6.79
CA VAL D 73 58.03 29.90 7.27
C VAL D 73 57.40 31.23 7.76
N HIS D 74 58.02 31.91 8.74
CA HIS D 74 57.49 33.17 9.29
C HIS D 74 57.45 34.30 8.27
N ALA D 75 58.42 34.32 7.32
CA ALA D 75 58.47 35.32 6.26
C ALA D 75 57.32 35.11 5.28
N GLY D 76 57.18 33.85 4.84
CA GLY D 76 56.16 33.38 3.91
C GLY D 76 54.74 33.55 4.41
N LEU D 77 54.48 33.18 5.67
CA LEU D 77 53.16 33.32 6.27
C LEU D 77 52.80 34.76 6.53
N GLY D 78 53.78 35.51 7.06
CA GLY D 78 53.65 36.92 7.35
C GLY D 78 53.25 37.67 6.10
N GLU D 79 53.92 37.32 4.99
CA GLU D 79 53.63 37.92 3.71
C GLU D 79 52.21 37.56 3.21
N LEU D 80 51.78 36.29 3.35
CA LEU D 80 50.45 35.81 2.95
C LEU D 80 49.39 36.57 3.74
N LEU D 81 49.63 36.69 5.06
CA LEU D 81 48.74 37.42 5.94
C LEU D 81 48.71 38.90 5.55
N ARG D 82 49.86 39.57 5.43
CA ARG D 82 49.82 40.97 5.07
C ARG D 82 49.29 41.22 3.66
N SER D 83 49.82 40.53 2.63
CA SER D 83 49.43 40.72 1.23
C SER D 83 47.95 40.56 1.00
N LEU D 84 47.42 39.33 1.18
CA LEU D 84 46.01 39.02 1.00
C LEU D 84 45.12 39.82 1.96
N SER D 85 45.55 40.05 3.20
CA SER D 85 44.74 40.83 4.15
C SER D 85 45.12 42.30 4.17
N ASN D 86 45.22 42.91 3.00
CA ASN D 86 45.54 44.32 2.85
C ASN D 86 44.96 44.68 1.54
N SER D 87 45.37 43.94 0.48
CA SER D 87 44.94 44.09 -0.90
C SER D 87 43.44 43.75 -1.01
N THR D 88 43.01 42.62 -0.41
CA THR D 88 41.59 42.28 -0.45
C THR D 88 40.77 43.28 0.41
N ALA D 89 41.29 43.62 1.61
CA ALA D 89 40.70 44.58 2.57
C ALA D 89 40.54 46.00 1.97
N ARG D 90 41.27 46.28 0.89
CA ARG D 90 41.20 47.56 0.25
C ARG D 90 40.36 47.58 -1.07
N ASN D 91 39.71 46.44 -1.37
CA ASN D 91 38.87 46.24 -2.54
C ASN D 91 37.44 46.02 -2.04
N VAL D 92 37.33 45.10 -1.12
CA VAL D 92 36.14 44.60 -0.47
C VAL D 92 36.27 45.02 1.03
N THR D 93 35.45 44.47 1.95
CA THR D 93 35.59 44.78 3.38
C THR D 93 36.19 43.61 4.20
N TRP D 94 37.45 43.80 4.68
CA TRP D 94 38.08 42.81 5.54
C TRP D 94 38.68 43.42 6.78
N LYS D 95 38.03 43.17 7.92
CA LYS D 95 38.52 43.62 9.21
C LYS D 95 39.04 42.42 9.97
N LEU D 96 40.30 42.49 10.40
CA LEU D 96 40.92 41.39 11.11
C LEU D 96 41.73 41.90 12.29
N GLY D 97 41.70 41.10 13.36
CA GLY D 97 42.44 41.33 14.59
C GLY D 97 42.91 40.02 15.19
N SER D 98 44.15 40.01 15.67
CA SER D 98 44.72 38.84 16.32
C SER D 98 45.29 39.23 17.69
N ARG D 99 44.81 38.58 18.74
CA ARG D 99 45.24 38.90 20.10
C ARG D 99 45.55 37.67 20.90
N LEU D 100 46.68 37.71 21.62
CA LEU D 100 47.07 36.61 22.47
C LEU D 100 46.83 37.02 23.88
N TYR D 101 45.90 36.32 24.51
CA TYR D 101 45.51 36.54 25.90
C TYR D 101 46.15 35.46 26.75
N GLY D 102 47.00 35.90 27.68
CA GLY D 102 47.70 35.04 28.64
C GLY D 102 47.32 35.40 30.08
N PRO D 103 47.52 34.47 31.06
CA PRO D 103 47.16 34.80 32.46
C PRO D 103 47.91 36.05 32.95
N SER D 104 47.26 36.80 33.87
CA SER D 104 47.75 38.06 34.47
C SER D 104 49.09 37.96 35.26
N SER D 105 49.56 36.72 35.48
CA SER D 105 50.81 36.38 36.16
C SER D 105 51.98 36.21 35.16
N VAL D 106 51.73 35.59 33.99
CA VAL D 106 52.72 35.33 32.93
C VAL D 106 53.32 36.61 32.30
N SER D 107 54.51 36.51 31.68
CA SER D 107 55.18 37.64 31.05
C SER D 107 55.52 37.31 29.60
N PHE D 108 55.06 38.16 28.66
CA PHE D 108 55.35 37.98 27.24
C PHE D 108 56.76 38.49 26.95
N ALA D 109 57.63 37.60 26.42
CA ALA D 109 59.02 37.87 26.04
C ALA D 109 59.11 38.91 24.92
N GLU D 110 59.88 39.99 25.16
CA GLU D 110 60.13 41.10 24.23
C GLU D 110 60.45 40.62 22.81
N ASP D 111 61.29 39.56 22.70
CA ASP D 111 61.75 38.92 21.47
C ASP D 111 60.57 38.33 20.66
N PHE D 112 59.65 37.60 21.34
CA PHE D 112 58.46 37.01 20.71
C PHE D 112 57.43 38.09 20.37
N VAL D 113 57.22 39.06 21.28
CA VAL D 113 56.27 40.16 21.08
C VAL D 113 56.62 40.92 19.80
N ARG D 114 57.89 41.24 19.61
CA ARG D 114 58.42 41.94 18.44
C ARG D 114 58.20 41.13 17.15
N SER D 115 58.53 39.81 17.17
CA SER D 115 58.40 38.94 16.00
C SER D 115 56.93 38.66 15.60
N SER D 116 56.07 38.38 16.61
CA SER D 116 54.64 38.14 16.45
C SER D 116 53.92 39.36 15.90
N LYS D 117 54.43 40.58 16.22
CA LYS D 117 53.86 41.82 15.74
C LYS D 117 54.33 42.05 14.30
N GLN D 118 55.63 41.79 14.04
CA GLN D 118 56.26 41.94 12.73
C GLN D 118 55.60 41.06 11.66
N HIS D 119 55.58 39.73 11.85
CA HIS D 119 55.04 38.78 10.89
C HIS D 119 53.54 38.58 10.95
N TYR D 120 52.98 38.42 12.15
CA TYR D 120 51.59 38.03 12.33
C TYR D 120 50.65 39.13 12.82
N ASN D 121 51.16 40.37 12.97
CA ASN D 121 50.41 41.53 13.48
C ASN D 121 49.70 41.26 14.82
N CYS D 122 50.24 40.31 15.57
CA CYS D 122 49.71 39.84 16.83
C CYS D 122 49.83 40.82 17.98
N GLU D 123 48.68 41.09 18.61
CA GLU D 123 48.52 41.97 19.78
C GLU D 123 48.56 41.07 21.01
N HIS D 124 49.06 41.58 22.14
CA HIS D 124 49.16 40.79 23.36
C HIS D 124 48.49 41.49 24.51
N SER D 125 47.76 40.72 25.32
CA SER D 125 47.06 41.25 26.48
C SER D 125 47.06 40.29 27.66
N LYS D 126 47.26 40.84 28.86
CA LYS D 126 47.24 40.09 30.10
C LYS D 126 45.88 40.31 30.72
N ILE D 127 45.08 39.25 30.83
CA ILE D 127 43.73 39.34 31.38
C ILE D 127 43.55 38.58 32.69
N ASN D 128 42.91 39.24 33.69
CA ASN D 128 42.60 38.65 35.00
C ASN D 128 41.41 37.71 34.80
N PHE D 129 41.71 36.40 34.63
CA PHE D 129 40.74 35.34 34.38
C PHE D 129 39.81 35.09 35.55
N ARG D 130 40.34 35.13 36.80
CA ARG D 130 39.56 34.91 38.03
C ARG D 130 38.58 36.07 38.35
N ASP D 131 37.60 36.20 37.43
CA ASP D 131 36.45 37.10 37.27
C ASP D 131 36.07 36.89 35.80
N LYS D 132 35.28 35.83 35.55
CA LYS D 132 34.87 35.44 34.20
C LYS D 132 34.14 36.52 33.39
N ARG D 133 33.26 37.32 34.06
CA ARG D 133 32.45 38.36 33.43
C ARG D 133 33.29 39.46 32.78
N SER D 134 34.18 40.10 33.57
CA SER D 134 35.07 41.16 33.08
C SER D 134 36.06 40.66 32.03
N ALA D 135 36.54 39.40 32.19
CA ALA D 135 37.44 38.73 31.25
C ALA D 135 36.76 38.59 29.88
N LEU D 136 35.53 38.04 29.87
CA LEU D 136 34.74 37.84 28.66
C LEU D 136 34.41 39.19 28.03
N GLN D 137 33.96 40.14 28.87
CA GLN D 137 33.56 41.50 28.51
C GLN D 137 34.65 42.18 27.70
N SER D 138 35.90 42.10 28.19
CA SER D 138 37.04 42.73 27.52
C SER D 138 37.43 42.10 26.18
N ILE D 139 37.36 40.74 26.06
CA ILE D 139 37.64 40.00 24.83
C ILE D 139 36.58 40.40 23.79
N ASN D 140 35.30 40.26 24.19
CA ASN D 140 34.15 40.57 23.35
C ASN D 140 34.14 42.05 22.92
N GLU D 141 34.64 42.97 23.81
CA GLU D 141 34.78 44.42 23.58
C GLU D 141 35.88 44.70 22.57
N TRP D 142 36.95 43.90 22.59
CA TRP D 142 38.08 44.01 21.67
C TRP D 142 37.61 43.56 20.27
N ALA D 143 36.87 42.45 20.21
CA ALA D 143 36.34 41.94 18.95
C ALA D 143 35.37 42.96 18.37
N ALA D 144 34.43 43.47 19.20
CA ALA D 144 33.44 44.44 18.76
C ALA D 144 34.12 45.64 18.10
N GLN D 145 35.17 46.21 18.75
CA GLN D 145 35.86 47.36 18.16
C GLN D 145 36.62 47.02 16.87
N THR D 146 37.29 45.86 16.84
CA THR D 146 38.06 45.31 15.73
C THR D 146 37.21 45.21 14.46
N THR D 147 35.93 44.77 14.64
CA THR D 147 34.94 44.52 13.59
C THR D 147 33.85 45.59 13.52
N ASP D 148 34.01 46.69 14.27
CA ASP D 148 33.06 47.80 14.35
C ASP D 148 31.64 47.30 14.59
N GLY D 149 31.54 46.51 15.65
CA GLY D 149 30.30 45.96 16.17
C GLY D 149 29.62 44.86 15.40
N LYS D 150 30.18 44.43 14.25
CA LYS D 150 29.52 43.38 13.45
C LYS D 150 29.62 41.99 14.04
N LEU D 151 30.69 41.77 14.84
CA LEU D 151 30.97 40.58 15.62
C LEU D 151 30.94 41.11 17.08
N PRO D 152 29.73 41.16 17.70
CA PRO D 152 29.65 41.73 19.07
C PRO D 152 30.14 40.82 20.18
N GLU D 153 30.28 39.53 19.90
CA GLU D 153 30.66 38.53 20.90
C GLU D 153 31.47 37.40 20.26
N VAL D 154 32.57 37.03 20.91
CA VAL D 154 33.38 35.92 20.47
C VAL D 154 32.73 34.67 21.10
N THR D 155 32.84 34.54 22.41
CA THR D 155 32.28 33.39 23.11
C THR D 155 31.45 33.84 24.30
N LYS D 156 30.53 32.97 24.74
CA LYS D 156 29.68 33.18 25.91
C LYS D 156 30.42 32.65 27.15
N ASP D 157 31.42 31.75 26.95
CA ASP D 157 32.22 31.13 28.00
C ASP D 157 33.60 30.65 27.53
N VAL D 158 34.57 30.68 28.45
CA VAL D 158 35.94 30.20 28.26
C VAL D 158 36.11 29.04 29.24
N GLU D 159 36.14 27.81 28.69
CA GLU D 159 36.30 26.58 29.46
C GLU D 159 37.65 26.58 30.20
N ARG D 160 38.80 26.56 29.47
CA ARG D 160 40.17 26.55 30.02
C ARG D 160 40.68 27.97 30.28
N THR D 161 41.01 28.27 31.55
CA THR D 161 41.45 29.61 32.01
C THR D 161 42.92 29.69 32.51
N ASP D 162 43.62 28.56 32.56
CA ASP D 162 45.02 28.44 33.01
C ASP D 162 46.10 28.59 31.91
N GLY D 163 45.69 28.70 30.66
CA GLY D 163 46.63 28.81 29.55
C GLY D 163 46.44 30.00 28.64
N ALA D 164 47.13 29.97 27.48
CA ALA D 164 47.10 31.02 26.47
C ALA D 164 45.86 30.91 25.59
N LEU D 165 45.31 32.06 25.23
CA LEU D 165 44.13 32.18 24.41
C LEU D 165 44.42 33.01 23.15
N LEU D 166 44.40 32.36 21.97
CA LEU D 166 44.57 33.14 20.74
C LEU D 166 43.20 33.41 20.17
N VAL D 167 42.92 34.70 19.94
CA VAL D 167 41.64 35.15 19.42
C VAL D 167 41.82 35.88 18.10
N ASN D 168 41.10 35.41 17.08
CA ASN D 168 41.03 36.03 15.77
C ASN D 168 39.59 36.48 15.59
N ALA D 169 39.40 37.78 15.33
CA ALA D 169 38.09 38.37 15.10
C ALA D 169 38.11 38.95 13.71
N MSE D 170 37.06 38.65 12.93
CA MSE D 170 36.93 39.10 11.55
C MSE D 170 35.57 39.61 11.20
O MSE D 170 34.56 39.12 11.73
CB MSE D 170 37.21 37.95 10.58
CG MSE D 170 38.66 37.67 10.37
SE MSE D 170 38.87 35.80 9.98
CE MSE D 170 38.79 35.09 11.93
N PHE D 171 35.54 40.53 10.23
CA PHE D 171 34.35 41.01 9.56
C PHE D 171 34.67 41.01 8.07
N PHE D 172 33.89 40.25 7.29
CA PHE D 172 34.07 40.18 5.85
C PHE D 172 32.76 40.40 5.15
N LYS D 173 32.78 41.31 4.17
CA LYS D 173 31.60 41.66 3.40
C LYS D 173 31.97 41.66 1.92
N PRO D 174 31.67 40.56 1.20
CA PRO D 174 31.96 40.54 -0.24
C PRO D 174 31.23 41.68 -0.99
N HIS D 175 32.02 42.46 -1.73
CA HIS D 175 31.54 43.59 -2.55
C HIS D 175 31.55 43.07 -3.98
N TRP D 176 30.36 42.87 -4.57
CA TRP D 176 30.15 42.28 -5.88
C TRP D 176 30.67 43.12 -7.02
N ASP D 177 31.15 42.46 -8.06
CA ASP D 177 31.62 43.14 -9.27
C ASP D 177 30.41 43.73 -10.00
N GLU D 178 29.25 43.07 -9.87
CA GLU D 178 27.98 43.52 -10.40
C GLU D 178 26.97 43.42 -9.23
N LYS D 179 26.58 44.58 -8.69
CA LYS D 179 25.71 44.70 -7.54
C LYS D 179 24.29 44.19 -7.77
N PHE D 180 23.59 43.87 -6.67
CA PHE D 180 22.18 43.49 -6.68
C PHE D 180 21.40 44.79 -6.62
N HIS D 181 20.21 44.83 -7.23
CA HIS D 181 19.38 46.02 -7.23
C HIS D 181 18.83 46.13 -5.81
N HIS D 182 18.82 47.34 -5.25
CA HIS D 182 18.36 47.52 -3.87
C HIS D 182 16.94 47.11 -3.60
N LYS D 183 16.08 47.03 -4.65
CA LYS D 183 14.68 46.63 -4.52
C LYS D 183 14.47 45.14 -4.76
N MSE D 184 15.52 44.42 -5.23
CA MSE D 184 15.46 43.00 -5.52
C MSE D 184 15.70 42.14 -4.27
O MSE D 184 16.52 41.21 -4.27
CB MSE D 184 16.48 42.67 -6.61
CG MSE D 184 16.02 43.13 -8.00
SE MSE D 184 14.53 42.03 -8.67
CE MSE D 184 15.71 40.66 -9.54
N VAL D 185 14.95 42.47 -3.20
CA VAL D 185 15.05 41.91 -1.85
C VAL D 185 13.63 41.64 -1.29
N ASP D 186 13.39 40.40 -0.82
CA ASP D 186 12.09 40.04 -0.25
C ASP D 186 12.18 38.97 0.82
N ASN D 187 11.07 38.63 1.43
CA ASN D 187 11.05 37.60 2.46
C ASN D 187 10.67 36.27 1.88
N ARG D 188 11.50 35.27 2.12
CA ARG D 188 11.27 33.90 1.65
C ARG D 188 11.55 32.93 2.78
N GLY D 189 11.31 31.65 2.50
CA GLY D 189 11.60 30.58 3.44
C GLY D 189 12.86 29.82 3.05
N PHE D 190 13.78 29.67 4.03
CA PHE D 190 15.01 28.90 3.88
C PHE D 190 14.73 27.56 4.52
N MSE D 191 15.00 26.49 3.77
CA MSE D 191 14.76 25.14 4.24
C MSE D 191 16.01 24.55 4.87
O MSE D 191 16.93 24.11 4.17
CB MSE D 191 14.26 24.24 3.11
CG MSE D 191 12.97 24.73 2.48
SE MSE D 191 12.55 23.70 0.89
CE MSE D 191 14.10 24.17 -0.19
N VAL D 192 16.07 24.59 6.21
CA VAL D 192 17.18 24.07 7.01
C VAL D 192 17.19 22.54 6.83
N THR D 193 15.98 21.93 6.86
CA THR D 193 15.72 20.51 6.60
C THR D 193 14.46 20.40 5.74
N ARG D 194 14.09 19.15 5.36
CA ARG D 194 12.86 18.92 4.58
C ARG D 194 11.61 19.22 5.42
N SER D 195 11.76 19.19 6.77
CA SER D 195 10.69 19.43 7.73
C SER D 195 10.87 20.76 8.49
N TYR D 196 11.97 21.48 8.25
CA TYR D 196 12.19 22.73 9.00
C TYR D 196 12.56 23.94 8.14
N THR D 197 11.60 24.90 8.07
CA THR D 197 11.73 26.14 7.32
C THR D 197 11.84 27.36 8.23
N VAL D 198 12.73 28.28 7.86
CA VAL D 198 13.00 29.49 8.58
C VAL D 198 12.79 30.70 7.63
N GLY D 199 12.19 31.75 8.16
CA GLY D 199 11.96 32.99 7.42
C GLY D 199 13.24 33.78 7.24
N VAL D 200 13.62 34.03 6.01
CA VAL D 200 14.81 34.81 5.68
C VAL D 200 14.49 35.91 4.70
N THR D 201 15.43 36.84 4.56
CA THR D 201 15.39 37.90 3.58
C THR D 201 16.29 37.38 2.48
N MSE D 202 15.78 37.40 1.26
CA MSE D 202 16.55 36.96 0.12
C MSE D 202 16.78 38.09 -0.82
O MSE D 202 15.94 38.98 -0.92
CB MSE D 202 15.84 35.81 -0.58
CG MSE D 202 16.78 34.68 -0.93
SE MSE D 202 15.85 32.98 -1.00
CE MSE D 202 17.20 31.92 -1.88
N MSE D 203 17.96 38.09 -1.47
CA MSE D 203 18.37 39.05 -2.49
C MSE D 203 18.51 38.33 -3.85
O MSE D 203 19.00 37.21 -3.91
CB MSE D 203 19.61 39.85 -2.09
CG MSE D 203 20.86 39.02 -1.94
SE MSE D 203 22.35 40.12 -1.33
CE MSE D 203 23.75 38.73 -1.48
N HIS D 204 18.08 38.99 -4.93
CA HIS D 204 18.03 38.38 -6.27
C HIS D 204 18.70 39.17 -7.38
N ARG D 205 19.37 38.48 -8.29
CA ARG D 205 20.02 39.11 -9.46
C ARG D 205 20.24 38.06 -10.57
N THR D 206 19.96 38.46 -11.80
CA THR D 206 20.26 37.65 -13.00
C THR D 206 21.41 38.33 -13.72
N GLY D 207 22.40 37.53 -14.12
CA GLY D 207 23.56 38.00 -14.87
C GLY D 207 24.33 36.85 -15.44
N LEU D 208 25.45 37.15 -16.11
CA LEU D 208 26.35 36.15 -16.67
C LEU D 208 27.28 35.79 -15.57
N TYR D 209 27.32 34.50 -15.24
CA TYR D 209 28.18 33.96 -14.20
C TYR D 209 28.77 32.64 -14.68
N ASN D 210 29.96 32.30 -14.16
CA ASN D 210 30.56 30.99 -14.43
C ASN D 210 29.75 29.99 -13.64
N TYR D 211 29.21 29.01 -14.35
CA TYR D 211 28.26 28.07 -13.79
C TYR D 211 28.46 26.67 -14.27
N TYR D 212 28.19 25.71 -13.37
CA TYR D 212 28.19 24.30 -13.67
C TYR D 212 27.15 23.51 -12.90
N ASP D 213 26.38 22.72 -13.65
CA ASP D 213 25.31 21.89 -13.15
C ASP D 213 25.71 20.41 -13.36
N ASP D 214 26.10 19.72 -12.27
CA ASP D 214 26.47 18.31 -12.33
C ASP D 214 25.20 17.47 -12.15
N GLU D 215 24.67 16.96 -13.28
CA GLU D 215 23.44 16.16 -13.27
C GLU D 215 23.66 14.81 -12.59
N LYS D 216 24.89 14.26 -12.72
CA LYS D 216 25.31 12.99 -12.12
C LYS D 216 25.35 13.10 -10.60
N GLU D 217 26.04 14.13 -10.07
CA GLU D 217 26.16 14.33 -8.63
C GLU D 217 25.08 15.23 -8.01
N LYS D 218 24.08 15.64 -8.80
CA LYS D 218 22.96 16.47 -8.38
C LYS D 218 23.38 17.69 -7.55
N LEU D 219 24.25 18.53 -8.13
CA LEU D 219 24.76 19.75 -7.50
C LEU D 219 24.97 20.88 -8.50
N GLN D 220 25.00 22.11 -8.00
CA GLN D 220 25.25 23.33 -8.79
C GLN D 220 26.42 24.08 -8.19
N ILE D 221 27.23 24.68 -9.07
CA ILE D 221 28.38 25.49 -8.71
C ILE D 221 28.39 26.77 -9.49
N VAL D 222 28.42 27.89 -8.75
CA VAL D 222 28.49 29.22 -9.36
C VAL D 222 29.71 30.01 -8.86
N GLU D 223 30.23 30.90 -9.72
CA GLU D 223 31.34 31.76 -9.36
C GLU D 223 30.84 33.18 -9.46
N MSE D 224 30.89 33.90 -8.35
CA MSE D 224 30.44 35.29 -8.28
C MSE D 224 31.64 36.20 -8.09
O MSE D 224 32.17 36.30 -6.96
CB MSE D 224 29.43 35.48 -7.13
CG MSE D 224 28.22 34.58 -7.24
SE MSE D 224 27.07 34.79 -5.69
CE MSE D 224 26.33 36.64 -6.03
N PRO D 225 32.16 36.82 -9.16
CA PRO D 225 33.28 37.73 -9.00
C PRO D 225 32.98 38.89 -8.04
N LEU D 226 33.94 39.18 -7.18
CA LEU D 226 33.86 40.34 -6.30
C LEU D 226 34.49 41.55 -7.07
N ALA D 227 34.51 42.72 -6.45
CA ALA D 227 34.96 43.98 -7.07
C ALA D 227 36.22 43.86 -7.91
N HIS D 228 36.11 44.26 -9.18
CA HIS D 228 37.18 44.30 -10.20
C HIS D 228 37.77 42.93 -10.51
N LYS D 229 36.99 41.86 -10.21
CA LYS D 229 37.41 40.46 -10.46
C LYS D 229 38.72 40.10 -9.74
N LEU D 230 39.03 40.80 -8.63
CA LEU D 230 40.25 40.59 -7.82
C LEU D 230 40.20 39.37 -6.93
N SER D 231 38.99 38.94 -6.63
CA SER D 231 38.67 37.73 -5.88
C SER D 231 37.29 37.28 -6.33
N SER D 232 36.91 36.03 -5.99
CA SER D 232 35.56 35.54 -6.34
C SER D 232 34.99 34.62 -5.27
N LEU D 233 33.66 34.64 -5.15
CA LEU D 233 32.91 33.82 -4.19
C LEU D 233 32.29 32.63 -4.93
N ILE D 234 32.72 31.40 -4.56
CA ILE D 234 32.24 30.16 -5.14
C ILE D 234 31.15 29.51 -4.27
N ILE D 235 29.97 29.18 -4.85
CA ILE D 235 28.89 28.54 -4.12
C ILE D 235 28.60 27.16 -4.68
N LEU D 236 28.63 26.17 -3.79
CA LEU D 236 28.39 24.77 -4.05
C LEU D 236 27.15 24.34 -3.32
N MSE D 237 26.15 23.88 -4.07
CA MSE D 237 24.89 23.52 -3.45
C MSE D 237 24.27 22.31 -4.13
O MSE D 237 24.25 22.28 -5.35
CB MSE D 237 23.96 24.74 -3.52
CG MSE D 237 22.66 24.52 -2.84
SE MSE D 237 21.60 26.12 -2.89
CE MSE D 237 21.35 26.32 -4.87
N PRO D 238 23.75 21.32 -3.38
CA PRO D 238 23.07 20.19 -4.04
C PRO D 238 21.74 20.64 -4.64
N HIS D 239 21.20 19.90 -5.64
CA HIS D 239 19.93 20.31 -6.28
C HIS D 239 18.82 20.42 -5.26
N HIS D 240 18.57 19.34 -4.49
CA HIS D 240 17.56 19.46 -3.46
C HIS D 240 18.08 19.55 -2.05
N VAL D 241 17.14 19.80 -1.11
CA VAL D 241 17.43 19.98 0.30
C VAL D 241 17.80 18.63 0.85
N GLU D 242 19.02 18.57 1.38
CA GLU D 242 19.60 17.39 1.98
C GLU D 242 20.75 17.84 2.90
N PRO D 243 21.22 16.99 3.85
CA PRO D 243 22.38 17.37 4.67
C PRO D 243 23.63 17.47 3.78
N LEU D 244 24.55 18.40 4.12
CA LEU D 244 25.73 18.59 3.27
C LEU D 244 26.75 17.44 3.21
N GLU D 245 26.61 16.46 4.10
CA GLU D 245 27.48 15.28 4.21
C GLU D 245 27.88 14.67 2.87
N ARG D 246 26.90 14.42 1.99
CA ARG D 246 27.14 13.81 0.68
C ARG D 246 28.05 14.68 -0.20
N LEU D 247 27.77 15.98 -0.26
CA LEU D 247 28.53 16.94 -1.03
C LEU D 247 29.93 17.07 -0.45
N GLU D 248 30.04 17.11 0.90
CA GLU D 248 31.31 17.26 1.60
C GLU D 248 32.26 16.14 1.31
N LYS D 249 31.72 14.91 1.14
CA LYS D 249 32.50 13.71 0.74
C LYS D 249 33.18 13.96 -0.62
N LEU D 250 32.46 14.63 -1.54
CA LEU D 250 32.93 14.96 -2.88
C LEU D 250 33.94 16.11 -2.90
N LEU D 251 33.81 17.06 -1.96
CA LEU D 251 34.66 18.25 -1.87
C LEU D 251 36.12 17.97 -1.56
N THR D 252 36.99 18.10 -2.57
CA THR D 252 38.46 17.96 -2.47
C THR D 252 39.08 19.09 -3.31
N LYS D 253 40.38 19.37 -3.09
CA LYS D 253 41.14 20.37 -3.86
C LYS D 253 41.09 20.02 -5.37
N GLU D 254 41.20 18.72 -5.68
CA GLU D 254 41.19 18.15 -7.02
C GLU D 254 39.81 18.23 -7.68
N GLN D 255 38.74 17.87 -6.91
CA GLN D 255 37.36 17.90 -7.41
C GLN D 255 36.94 19.31 -7.73
N LEU D 256 37.33 20.27 -6.85
CA LEU D 256 37.07 21.68 -7.05
C LEU D 256 37.72 22.15 -8.36
N LYS D 257 38.98 21.76 -8.61
CA LYS D 257 39.68 22.10 -9.84
C LYS D 257 38.91 21.56 -11.06
N ILE D 258 38.39 20.30 -10.98
CA ILE D 258 37.60 19.65 -12.03
C ILE D 258 36.34 20.46 -12.34
N TRP D 259 35.55 20.79 -11.28
CA TRP D 259 34.30 21.53 -11.37
C TRP D 259 34.51 22.89 -11.98
N MSE D 260 35.59 23.59 -11.59
CA MSE D 260 35.85 24.93 -12.08
C MSE D 260 36.24 25.00 -13.53
O MSE D 260 35.84 25.93 -14.22
CB MSE D 260 36.74 25.71 -11.15
CG MSE D 260 36.08 25.94 -9.82
SE MSE D 260 37.13 27.07 -8.64
CE MSE D 260 38.81 25.91 -8.36
N GLY D 261 36.92 23.97 -14.01
CA GLY D 261 37.26 23.84 -15.42
C GLY D 261 36.05 23.55 -16.27
N LYS D 262 35.03 22.87 -15.66
CA LYS D 262 33.76 22.50 -16.29
C LYS D 262 32.77 23.66 -16.36
N MSE D 263 33.01 24.74 -15.58
CA MSE D 263 32.17 25.93 -15.53
C MSE D 263 32.25 26.73 -16.83
O MSE D 263 33.31 26.77 -17.47
CB MSE D 263 32.58 26.86 -14.38
CG MSE D 263 32.36 26.28 -13.00
SE MSE D 263 32.47 27.66 -11.62
CE MSE D 263 34.26 28.42 -11.98
N GLN D 264 31.16 27.41 -17.18
CA GLN D 264 31.10 28.28 -18.34
C GLN D 264 30.18 29.47 -18.07
N LYS D 265 30.42 30.61 -18.77
CA LYS D 265 29.60 31.80 -18.58
C LYS D 265 28.16 31.60 -19.09
N LYS D 266 27.21 31.61 -18.14
CA LYS D 266 25.81 31.39 -18.45
C LYS D 266 24.92 32.41 -17.76
N ALA D 267 23.72 32.64 -18.31
CA ALA D 267 22.73 33.51 -17.68
C ALA D 267 22.24 32.75 -16.44
N VAL D 268 22.50 33.34 -15.26
CA VAL D 268 22.10 32.67 -14.01
C VAL D 268 21.34 33.64 -13.15
N ALA D 269 20.20 33.18 -12.62
CA ALA D 269 19.38 33.92 -11.68
C ALA D 269 19.76 33.45 -10.26
N ILE D 270 20.60 34.25 -9.59
CA ILE D 270 21.11 33.93 -8.24
C ILE D 270 20.20 34.53 -7.20
N SER D 271 19.76 33.72 -6.23
CA SER D 271 18.92 34.14 -5.12
C SER D 271 19.66 33.67 -3.88
N LEU D 272 20.05 34.62 -3.01
CA LEU D 272 20.84 34.32 -1.80
C LEU D 272 20.23 34.93 -0.58
N PRO D 273 20.39 34.26 0.60
CA PRO D 273 19.94 34.92 1.85
C PRO D 273 20.76 36.21 2.10
N LYS D 274 20.11 37.22 2.63
CA LYS D 274 20.72 38.52 2.91
C LYS D 274 20.79 38.71 4.42
N GLY D 275 21.99 39.07 4.90
CA GLY D 275 22.26 39.30 6.32
C GLY D 275 23.65 38.93 6.78
N VAL D 276 23.90 39.17 8.09
CA VAL D 276 25.19 38.88 8.74
C VAL D 276 25.10 37.51 9.39
N VAL D 277 26.07 36.64 9.07
CA VAL D 277 26.20 35.30 9.65
C VAL D 277 27.39 35.38 10.63
N GLU D 278 27.12 35.16 11.92
CA GLU D 278 28.13 35.20 12.98
C GLU D 278 28.53 33.78 13.36
N VAL D 279 29.84 33.44 13.24
CA VAL D 279 30.33 32.10 13.56
C VAL D 279 31.56 32.17 14.42
N THR D 280 31.56 31.46 15.57
CA THR D 280 32.73 31.38 16.45
C THR D 280 33.11 29.93 16.68
N HIS D 281 34.31 29.57 16.25
CA HIS D 281 34.90 28.24 16.40
C HIS D 281 36.06 28.27 17.38
N ASP D 282 36.25 27.21 18.16
CA ASP D 282 37.44 27.03 18.97
C ASP D 282 38.16 25.91 18.23
N LEU D 283 39.21 26.26 17.49
CA LEU D 283 39.94 25.34 16.66
C LEU D 283 40.80 24.34 17.42
N GLN D 284 41.08 24.63 18.73
CA GLN D 284 41.89 23.82 19.65
C GLN D 284 41.83 22.30 19.43
N LYS D 285 40.64 21.70 19.54
CA LYS D 285 40.48 20.25 19.37
C LYS D 285 40.81 19.72 17.97
N HIS D 286 40.37 20.44 16.93
CA HIS D 286 40.55 20.07 15.53
C HIS D 286 41.97 20.13 15.01
N LEU D 287 42.74 21.16 15.41
CA LEU D 287 44.16 21.32 15.08
C LEU D 287 44.99 20.17 15.70
N ALA D 288 44.61 19.73 16.92
CA ALA D 288 45.25 18.59 17.61
C ALA D 288 45.07 17.31 16.77
N GLY D 289 43.89 17.16 16.16
CA GLY D 289 43.58 16.04 15.27
C GLY D 289 44.39 16.07 13.98
N LEU D 290 44.89 17.26 13.57
CA LEU D 290 45.71 17.47 12.36
C LEU D 290 47.21 17.32 12.62
N GLY D 291 47.58 17.02 13.87
CA GLY D 291 48.97 16.86 14.26
C GLY D 291 49.45 17.75 15.40
N LEU D 292 48.72 18.86 15.71
CA LEU D 292 49.13 19.79 16.78
C LEU D 292 48.72 19.29 18.20
N THR D 293 49.35 18.20 18.62
CA THR D 293 49.03 17.53 19.87
C THR D 293 49.67 18.11 21.12
N GLU D 294 50.99 18.36 21.07
CA GLU D 294 51.78 18.85 22.21
C GLU D 294 51.43 20.24 22.69
N ALA D 295 51.13 21.16 21.78
CA ALA D 295 50.83 22.54 22.11
C ALA D 295 49.57 22.74 22.97
N ILE D 296 48.57 21.88 22.77
CA ILE D 296 47.29 21.96 23.48
C ILE D 296 47.27 21.20 24.82
N ASP D 297 48.36 20.48 25.12
CA ASP D 297 48.50 19.70 26.34
C ASP D 297 49.36 20.44 27.35
N LYS D 298 48.79 20.74 28.54
CA LYS D 298 49.45 21.43 29.64
C LYS D 298 50.76 20.76 30.07
N ASN D 299 50.79 19.42 30.07
CA ASN D 299 51.91 18.59 30.49
C ASN D 299 53.03 18.44 29.44
N LYS D 300 52.75 18.70 28.16
CA LYS D 300 53.71 18.53 27.07
C LYS D 300 54.07 19.81 26.35
N ALA D 301 53.28 20.89 26.51
CA ALA D 301 53.51 22.16 25.83
C ALA D 301 54.79 22.91 26.16
N ASP D 302 55.55 23.21 25.11
CA ASP D 302 56.79 23.97 25.19
C ASP D 302 56.60 25.28 24.39
N LEU D 303 55.98 26.27 25.04
CA LEU D 303 55.77 27.60 24.49
C LEU D 303 56.72 28.57 25.25
N SER D 304 57.96 28.11 25.48
CA SER D 304 58.98 28.85 26.22
C SER D 304 59.61 30.01 25.45
N ARG D 305 59.45 30.08 24.10
CA ARG D 305 59.97 31.21 23.30
C ARG D 305 59.02 32.39 23.49
N MSE D 306 57.76 32.09 23.93
CA MSE D 306 56.64 33.01 24.20
C MSE D 306 56.78 33.74 25.52
O MSE D 306 56.65 34.96 25.59
CB MSE D 306 55.32 32.23 24.25
CG MSE D 306 54.58 32.17 22.94
SE MSE D 306 52.66 31.80 23.19
CE MSE D 306 52.15 33.46 24.12
N SER D 307 56.96 32.99 26.62
CA SER D 307 56.98 33.53 27.98
C SER D 307 58.32 33.44 28.71
N GLY D 308 59.26 32.66 28.17
CA GLY D 308 60.59 32.46 28.75
C GLY D 308 60.72 31.19 29.56
N LYS D 309 59.57 30.55 29.90
CA LYS D 309 59.47 29.32 30.69
C LYS D 309 58.28 28.46 30.21
N LYS D 310 58.22 27.20 30.70
CA LYS D 310 57.16 26.23 30.37
C LYS D 310 55.94 26.44 31.31
N ASP D 311 55.47 27.71 31.39
CA ASP D 311 54.35 28.15 32.22
C ASP D 311 53.12 28.43 31.34
N LEU D 312 53.13 27.92 30.08
CA LEU D 312 52.06 28.17 29.12
C LEU D 312 51.73 26.98 28.20
N TYR D 313 50.45 26.88 27.80
CA TYR D 313 49.92 25.91 26.85
C TYR D 313 48.84 26.59 25.97
N LEU D 314 48.49 25.98 24.82
CA LEU D 314 47.47 26.55 23.93
C LEU D 314 46.08 26.07 24.40
N ALA D 315 45.47 26.90 25.28
CA ALA D 315 44.18 26.62 25.91
C ALA D 315 43.00 26.69 24.98
N SER D 316 42.99 27.65 24.02
CA SER D 316 41.92 27.87 23.04
C SER D 316 42.35 28.74 21.87
N VAL D 317 41.85 28.39 20.66
CA VAL D 317 42.12 29.12 19.42
C VAL D 317 40.75 29.53 18.90
N PHE D 318 40.36 30.78 19.16
CA PHE D 318 39.07 31.27 18.71
C PHE D 318 39.13 31.91 17.34
N HIS D 319 38.45 31.28 16.38
CA HIS D 319 38.33 31.78 15.01
C HIS D 319 36.88 32.30 14.92
N ALA D 320 36.71 33.64 15.01
CA ALA D 320 35.38 34.24 15.02
C ALA D 320 35.17 35.21 13.88
N THR D 321 34.10 34.96 13.11
CA THR D 321 33.79 35.71 11.89
C THR D 321 32.34 36.16 11.80
N ALA D 322 32.14 37.37 11.25
CA ALA D 322 30.86 37.99 10.92
C ALA D 322 30.93 38.18 9.43
N PHE D 323 30.24 37.30 8.68
CA PHE D 323 30.21 37.33 7.22
C PHE D 323 28.88 37.96 6.77
N GLU D 324 28.95 39.14 6.13
CA GLU D 324 27.75 39.83 5.68
C GLU D 324 27.43 39.66 4.19
N TRP D 325 26.21 39.15 3.92
CA TRP D 325 25.67 38.99 2.57
C TRP D 325 24.78 40.18 2.35
N ASP D 326 25.22 41.10 1.49
CA ASP D 326 24.51 42.37 1.19
C ASP D 326 24.38 42.63 -0.34
N THR D 327 23.50 43.53 -0.74
CA THR D 327 23.24 43.88 -2.15
C THR D 327 24.39 44.65 -2.81
N GLU D 328 25.14 45.43 -2.00
CA GLU D 328 26.24 46.30 -2.42
C GLU D 328 27.33 45.64 -3.25
N GLY D 329 27.78 46.39 -4.22
CA GLY D 329 28.81 46.05 -5.19
C GLY D 329 28.93 47.17 -6.21
N ASN D 330 29.80 47.00 -7.22
CA ASN D 330 30.02 48.02 -8.27
C ASN D 330 28.78 48.21 -9.17
N PRO D 331 28.61 49.38 -9.83
CA PRO D 331 27.43 49.56 -10.72
C PRO D 331 27.36 48.63 -11.92
N PHE D 332 28.37 48.69 -12.79
CA PHE D 332 28.61 47.93 -14.02
C PHE D 332 27.39 47.22 -14.64
N GLU D 341 19.70 41.10 -25.77
CA GLU D 341 19.14 40.08 -24.89
C GLU D 341 20.25 39.36 -24.12
N LEU D 342 19.83 38.54 -23.15
CA LEU D 342 20.70 37.87 -22.22
C LEU D 342 20.33 36.37 -22.00
N ARG D 343 19.32 35.77 -22.71
CA ARG D 343 19.03 34.32 -22.59
C ARG D 343 18.40 33.80 -21.27
N SER D 344 17.44 32.87 -21.40
CA SER D 344 16.64 32.30 -20.31
C SER D 344 17.50 31.73 -19.19
N PRO D 345 17.50 32.36 -17.99
CA PRO D 345 18.45 31.94 -16.93
C PRO D 345 18.20 30.62 -16.27
N LYS D 346 19.26 30.09 -15.69
CA LYS D 346 19.26 28.88 -14.89
C LYS D 346 19.06 29.41 -13.45
N LEU D 347 18.33 28.69 -12.61
CA LEU D 347 18.14 29.19 -11.25
C LEU D 347 19.19 28.67 -10.30
N PHE D 348 19.80 29.56 -9.52
CA PHE D 348 20.68 29.17 -8.44
C PHE D 348 19.99 29.77 -7.19
N TYR D 349 18.96 29.06 -6.69
CA TYR D 349 18.07 29.48 -5.63
C TYR D 349 18.54 28.91 -4.27
N ALA D 350 19.39 29.65 -3.55
CA ALA D 350 19.99 29.21 -2.28
C ALA D 350 19.08 29.35 -1.07
N ASP D 351 17.99 28.56 -1.06
CA ASP D 351 17.00 28.51 0.02
C ASP D 351 17.16 27.23 0.81
N HIS D 352 18.37 26.60 0.72
CA HIS D 352 18.75 25.39 1.44
C HIS D 352 20.27 25.36 1.66
N PRO D 353 20.81 24.55 2.61
CA PRO D 353 22.25 24.63 2.89
C PRO D 353 23.16 24.46 1.69
N PHE D 354 24.24 25.26 1.72
CA PHE D 354 25.27 25.32 0.69
C PHE D 354 26.64 25.54 1.30
N ILE D 355 27.68 25.20 0.52
CA ILE D 355 29.09 25.37 0.83
C ILE D 355 29.59 26.53 0.01
N PHE D 356 30.44 27.37 0.59
CA PHE D 356 30.97 28.51 -0.14
C PHE D 356 32.44 28.72 0.09
N LEU D 357 33.10 29.46 -0.83
CA LEU D 357 34.54 29.74 -0.74
C LEU D 357 34.88 31.08 -1.33
N VAL D 358 35.83 31.79 -0.71
CA VAL D 358 36.33 33.05 -1.26
C VAL D 358 37.76 32.79 -1.70
N ARG D 359 38.01 32.90 -3.00
CA ARG D 359 39.30 32.66 -3.63
C ARG D 359 39.92 33.99 -4.13
N ASP D 360 41.24 34.18 -3.93
CA ASP D 360 41.95 35.37 -4.42
C ASP D 360 42.28 35.07 -5.87
N THR D 361 41.85 35.93 -6.81
CA THR D 361 42.08 35.71 -8.24
C THR D 361 43.55 35.61 -8.63
N GLN D 362 44.37 36.59 -8.19
CA GLN D 362 45.79 36.69 -8.50
C GLN D 362 46.64 35.49 -8.02
N SER D 363 46.50 35.13 -6.74
CA SER D 363 47.25 34.03 -6.13
C SER D 363 46.65 32.63 -6.28
N GLY D 364 45.32 32.52 -6.22
CA GLY D 364 44.58 31.26 -6.22
C GLY D 364 44.26 30.89 -4.78
N SER D 365 44.91 31.63 -3.87
CA SER D 365 44.84 31.51 -2.42
C SER D 365 43.40 31.59 -1.89
N LEU D 366 42.95 30.54 -1.21
CA LEU D 366 41.64 30.49 -0.60
C LEU D 366 41.61 31.39 0.64
N LEU D 367 40.76 32.41 0.61
CA LEU D 367 40.59 33.41 1.65
C LEU D 367 39.59 32.92 2.66
N PHE D 368 38.55 32.20 2.20
CA PHE D 368 37.50 31.64 3.05
C PHE D 368 36.96 30.35 2.54
N ILE D 369 36.59 29.50 3.47
CA ILE D 369 35.90 28.25 3.22
C ILE D 369 34.81 28.13 4.32
N GLY D 370 33.66 27.62 3.96
CA GLY D 370 32.59 27.46 4.93
C GLY D 370 31.29 26.98 4.35
N ARG D 371 30.27 27.00 5.17
CA ARG D 371 28.92 26.58 4.80
C ARG D 371 27.86 27.31 5.59
N LEU D 372 26.72 27.55 4.97
CA LEU D 372 25.57 28.17 5.62
C LEU D 372 24.51 27.09 5.63
N VAL D 373 24.23 26.60 6.85
CA VAL D 373 23.33 25.50 7.15
C VAL D 373 22.04 26.04 7.80
N ARG D 374 22.18 27.06 8.66
CA ARG D 374 21.07 27.66 9.37
C ARG D 374 21.26 29.17 9.54
N PRO D 375 20.58 29.98 8.72
CA PRO D 375 20.69 31.44 8.89
C PRO D 375 19.78 31.95 10.02
N LYS D 376 20.00 33.22 10.44
CA LYS D 376 19.21 33.92 11.46
C LYS D 376 17.75 34.07 10.93
N GLY D 377 16.79 33.75 11.78
CA GLY D 377 15.37 33.83 11.45
C GLY D 377 14.54 32.95 12.34
N ASP D 378 13.21 33.10 12.24
CA ASP D 378 12.25 32.34 13.04
C ASP D 378 11.61 31.19 12.24
N LYS D 379 11.23 30.09 12.95
CA LYS D 379 10.58 28.88 12.42
C LYS D 379 9.22 29.29 11.80
N MSE D 380 9.08 29.10 10.46
CA MSE D 380 7.92 29.49 9.64
C MSE D 380 6.90 28.35 9.47
O MSE D 380 5.90 28.28 10.19
CB MSE D 380 8.39 29.99 8.26
CG MSE D 380 7.84 31.36 7.87
SE MSE D 380 8.43 32.00 6.10
CE MSE D 380 7.42 33.72 6.02
N PRO E 3 -3.47 -17.85 32.14
CA PRO E 3 -3.54 -18.90 31.11
C PRO E 3 -2.41 -18.85 30.09
N GLY E 4 -1.98 -20.02 29.64
CA GLY E 4 -0.92 -20.13 28.66
C GLY E 4 -1.37 -19.69 27.27
N PRO E 5 -0.47 -19.72 26.28
CA PRO E 5 -0.89 -19.31 24.92
C PRO E 5 -1.77 -20.36 24.23
N PRO E 6 -2.52 -20.01 23.16
CA PRO E 6 -3.30 -21.06 22.47
C PRO E 6 -2.41 -22.20 21.96
N GLY E 7 -2.98 -23.40 21.84
CA GLY E 7 -2.24 -24.55 21.36
C GLY E 7 -1.96 -24.47 19.88
N PRO E 8 -1.26 -25.48 19.32
CA PRO E 8 -0.99 -25.44 17.86
C PRO E 8 -2.24 -25.73 17.03
N PRO E 9 -2.22 -25.45 15.72
CA PRO E 9 -3.36 -25.87 14.89
C PRO E 9 -3.52 -27.40 14.93
N GLY E 10 -4.73 -27.87 14.69
CA GLY E 10 -4.98 -29.30 14.66
C GLY E 10 -4.50 -29.93 13.36
N PRO E 11 -4.69 -31.25 13.20
CA PRO E 11 -4.25 -31.89 11.95
C PRO E 11 -5.13 -31.48 10.77
N ARG E 12 -4.60 -31.63 9.53
CA ARG E 12 -5.34 -31.37 8.30
C ARG E 12 -6.54 -32.35 8.25
N GLY E 13 -7.65 -31.87 7.75
CA GLY E 13 -8.85 -32.69 7.64
C GLY E 13 -8.71 -33.85 6.69
N PRO E 14 -9.74 -34.72 6.62
CA PRO E 14 -9.67 -35.88 5.72
C PRO E 14 -9.88 -35.49 4.25
N PRO E 15 -9.56 -36.35 3.26
CA PRO E 15 -9.82 -35.95 1.85
C PRO E 15 -11.30 -36.07 1.51
N GLY E 16 -11.71 -35.48 0.40
CA GLY E 16 -13.09 -35.60 -0.05
C GLY E 16 -13.34 -36.92 -0.75
N PRO E 17 -14.61 -37.33 -0.98
CA PRO E 17 -14.85 -38.61 -1.68
C PRO E 17 -14.54 -38.54 -3.17
N PRO F 3 1.12 -16.49 32.10
CA PRO F 3 1.63 -17.71 32.75
C PRO F 3 0.82 -18.95 32.43
N GLY F 4 1.52 -20.07 32.31
CA GLY F 4 0.93 -21.36 32.00
C GLY F 4 1.45 -21.92 30.68
N PRO F 5 1.40 -23.26 30.54
CA PRO F 5 1.88 -23.88 29.31
C PRO F 5 0.93 -23.68 28.11
N PRO F 6 1.38 -23.90 26.85
CA PRO F 6 0.45 -23.79 25.73
C PRO F 6 -0.70 -24.80 25.83
N GLY F 7 -1.81 -24.49 25.20
CA GLY F 7 -2.96 -25.38 25.22
C GLY F 7 -2.79 -26.54 24.26
N PRO F 8 -3.82 -27.44 24.22
CA PRO F 8 -3.73 -28.59 23.32
C PRO F 8 -3.84 -28.19 21.85
N PRO F 9 -3.49 -29.08 20.90
CA PRO F 9 -3.74 -28.74 19.49
C PRO F 9 -5.25 -28.52 19.26
N GLY F 10 -5.60 -27.82 18.20
CA GLY F 10 -7.01 -27.63 17.90
C GLY F 10 -7.63 -28.87 17.29
N PRO F 11 -8.93 -28.85 16.97
CA PRO F 11 -9.55 -30.05 16.37
C PRO F 11 -9.09 -30.31 14.94
N ARG F 12 -9.37 -31.53 14.41
CA ARG F 12 -9.05 -31.88 13.04
C ARG F 12 -9.77 -30.90 12.07
N GLY F 13 -9.10 -30.51 11.00
CA GLY F 13 -9.67 -29.62 9.99
C GLY F 13 -10.89 -30.21 9.31
N PRO F 14 -11.67 -29.41 8.54
CA PRO F 14 -12.84 -29.97 7.83
C PRO F 14 -12.45 -30.89 6.66
N PRO F 15 -13.37 -31.71 6.11
CA PRO F 15 -12.96 -32.57 4.99
C PRO F 15 -12.75 -31.81 3.70
N GLY F 16 -12.01 -32.43 2.79
CA GLY F 16 -11.72 -31.87 1.49
C GLY F 16 -12.90 -31.94 0.55
N PRO F 17 -12.84 -31.24 -0.59
CA PRO F 17 -13.95 -31.32 -1.57
C PRO F 17 -13.97 -32.66 -2.32
N PRO F 18 -15.15 -33.12 -2.81
CA PRO F 18 -15.19 -34.40 -3.56
C PRO F 18 -14.55 -34.30 -4.96
N PRO G 2 -2.24 -22.22 34.60
CA PRO G 2 -3.32 -22.86 33.85
C PRO G 2 -3.00 -22.99 32.35
N PRO G 3 -3.20 -24.21 31.74
CA PRO G 3 -2.91 -24.36 30.30
C PRO G 3 -3.71 -23.38 29.44
N GLY G 4 -3.14 -23.02 28.29
CA GLY G 4 -3.80 -22.13 27.35
C GLY G 4 -4.99 -22.79 26.67
N PRO G 5 -5.80 -22.04 25.90
CA PRO G 5 -6.91 -22.70 25.20
C PRO G 5 -6.46 -23.62 24.07
N PRO G 6 -7.29 -24.56 23.57
CA PRO G 6 -6.86 -25.35 22.37
C PRO G 6 -6.57 -24.41 21.17
N GLY G 7 -5.69 -24.85 20.30
CA GLY G 7 -5.36 -24.08 19.12
C GLY G 7 -6.47 -24.07 18.08
N PRO G 8 -6.24 -23.44 16.90
CA PRO G 8 -7.29 -23.39 15.89
C PRO G 8 -7.52 -24.77 15.26
N PRO G 9 -8.68 -24.96 14.56
CA PRO G 9 -8.86 -26.23 13.82
C PRO G 9 -7.84 -26.32 12.72
N GLY G 10 -7.52 -27.53 12.29
CA GLY G 10 -6.55 -27.75 11.23
C GLY G 10 -7.08 -27.31 9.88
N PRO G 11 -6.22 -27.19 8.84
CA PRO G 11 -6.73 -26.80 7.51
C PRO G 11 -7.67 -27.85 6.92
N ARG G 12 -8.47 -27.43 5.92
CA ARG G 12 -9.39 -28.32 5.21
C ARG G 12 -8.57 -29.42 4.51
N GLY G 13 -9.12 -30.63 4.49
CA GLY G 13 -8.49 -31.77 3.85
C GLY G 13 -8.33 -31.59 2.35
N PRO G 14 -7.52 -32.47 1.71
CA PRO G 14 -7.32 -32.35 0.26
C PRO G 14 -8.52 -32.89 -0.55
N PRO G 15 -8.64 -32.61 -1.85
CA PRO G 15 -9.74 -33.20 -2.64
C PRO G 15 -9.63 -34.72 -2.84
N GLY G 16 -10.72 -35.30 -3.35
CA GLY G 16 -10.80 -36.72 -3.66
C GLY G 16 -10.08 -37.11 -4.93
N PRO H 2 10.49 61.53 -15.22
CA PRO H 2 9.64 60.52 -14.55
C PRO H 2 10.06 59.06 -14.87
N PRO H 3 10.22 58.19 -13.87
CA PRO H 3 10.61 56.81 -14.19
C PRO H 3 9.55 56.07 -14.99
N GLY H 4 9.98 55.11 -15.79
CA GLY H 4 9.06 54.26 -16.54
C GLY H 4 8.30 53.28 -15.66
N PRO H 5 7.42 52.48 -16.25
CA PRO H 5 6.61 51.55 -15.44
C PRO H 5 7.41 50.38 -14.88
N PRO H 6 6.88 49.60 -13.91
CA PRO H 6 7.65 48.42 -13.45
C PRO H 6 7.96 47.44 -14.58
N GLY H 7 8.96 46.63 -14.38
CA GLY H 7 9.33 45.59 -15.32
C GLY H 7 8.36 44.42 -15.28
N PRO H 8 8.59 43.40 -16.15
CA PRO H 8 7.70 42.22 -16.13
C PRO H 8 7.88 41.41 -14.84
N PRO H 9 6.97 40.46 -14.54
CA PRO H 9 7.23 39.57 -13.39
C PRO H 9 8.52 38.77 -13.63
N GLY H 10 9.13 38.27 -12.58
CA GLY H 10 10.34 37.47 -12.72
C GLY H 10 10.04 36.09 -13.29
N PRO H 11 11.09 35.27 -13.57
CA PRO H 11 10.85 33.88 -14.01
C PRO H 11 10.12 33.03 -12.95
N ARG H 12 9.62 31.85 -13.37
CA ARG H 12 8.94 30.90 -12.49
C ARG H 12 9.95 30.42 -11.44
N GLY H 13 9.48 30.22 -10.23
CA GLY H 13 10.33 29.70 -9.16
C GLY H 13 10.84 28.29 -9.44
N PRO H 14 11.79 27.79 -8.60
CA PRO H 14 12.31 26.43 -8.82
C PRO H 14 11.28 25.35 -8.41
N PRO H 15 11.42 24.08 -8.85
CA PRO H 15 10.43 23.05 -8.43
C PRO H 15 10.56 22.68 -6.97
N GLY H 16 9.52 22.05 -6.44
CA GLY H 16 9.53 21.60 -5.06
C GLY H 16 10.37 20.36 -4.87
N PRO H 17 10.60 19.97 -3.61
CA PRO H 17 11.42 18.77 -3.35
C PRO H 17 10.71 17.47 -3.71
N PRO H 18 11.46 16.37 -4.02
CA PRO H 18 10.79 15.08 -4.32
C PRO H 18 10.36 14.36 -3.04
N PRO I 2 13.99 57.53 -17.45
CA PRO I 2 14.68 56.64 -16.50
C PRO I 2 13.95 55.32 -16.34
N PRO I 3 14.69 54.17 -16.38
CA PRO I 3 14.01 52.85 -16.27
C PRO I 3 13.11 52.70 -15.06
N GLY I 4 12.06 51.92 -15.21
CA GLY I 4 11.13 51.67 -14.12
C GLY I 4 11.70 50.74 -13.07
N PRO I 5 11.00 50.53 -11.95
CA PRO I 5 11.51 49.61 -10.92
C PRO I 5 11.40 48.14 -11.31
N PRO I 6 12.06 47.19 -10.61
CA PRO I 6 11.87 45.77 -10.94
C PRO I 6 10.41 45.34 -10.86
N GLY I 7 10.07 44.37 -11.69
CA GLY I 7 8.70 43.87 -11.74
C GLY I 7 8.31 43.06 -10.54
N PRO I 8 7.10 42.47 -10.56
CA PRO I 8 6.70 41.63 -9.41
C PRO I 8 7.42 40.28 -9.43
N PRO I 9 7.40 39.51 -8.34
CA PRO I 9 8.02 38.17 -8.40
C PRO I 9 7.28 37.31 -9.43
N GLY I 10 7.98 36.33 -9.97
CA GLY I 10 7.41 35.41 -10.94
C GLY I 10 6.50 34.41 -10.27
N PRO I 11 5.90 33.50 -11.03
CA PRO I 11 5.01 32.52 -10.40
C PRO I 11 5.77 31.48 -9.54
N ARG I 12 5.02 30.78 -8.68
CA ARG I 12 5.58 29.71 -7.83
C ARG I 12 6.02 28.56 -8.73
N GLY I 13 7.10 27.91 -8.37
CA GLY I 13 7.62 26.78 -9.13
C GLY I 13 6.67 25.61 -9.18
N PRO I 14 6.90 24.60 -10.05
CA PRO I 14 5.97 23.46 -10.09
C PRO I 14 6.16 22.51 -8.91
N PRO I 15 5.24 21.59 -8.62
CA PRO I 15 5.50 20.67 -7.49
C PRO I 15 6.60 19.63 -7.80
N GLY I 16 7.10 18.98 -6.77
CA GLY I 16 8.11 17.95 -6.94
C GLY I 16 7.53 16.66 -7.52
N PRO I 17 8.39 15.68 -7.84
CA PRO I 17 7.86 14.41 -8.39
C PRO I 17 7.12 13.54 -7.36
N PRO J 2 10.60 54.04 -20.08
CA PRO J 2 11.08 52.66 -20.35
C PRO J 2 10.77 51.71 -19.19
N PRO J 3 10.19 50.51 -19.44
CA PRO J 3 9.89 49.59 -18.31
C PRO J 3 11.12 49.10 -17.56
N GLY J 4 10.93 48.79 -16.32
CA GLY J 4 12.02 48.32 -15.49
C GLY J 4 12.45 46.91 -15.79
N PRO J 5 13.42 46.41 -15.00
CA PRO J 5 13.92 45.04 -15.21
C PRO J 5 12.92 43.99 -14.72
N PRO J 6 13.07 42.70 -15.12
CA PRO J 6 12.17 41.66 -14.55
C PRO J 6 12.23 41.58 -13.01
N GLY J 7 11.19 41.02 -12.42
CA GLY J 7 11.17 40.85 -10.97
C GLY J 7 12.02 39.68 -10.54
N PRO J 8 12.05 39.34 -9.24
CA PRO J 8 12.82 38.16 -8.82
C PRO J 8 12.12 36.87 -9.24
N PRO J 9 12.83 35.71 -9.29
CA PRO J 9 12.12 34.44 -9.56
C PRO J 9 11.06 34.19 -8.50
N GLY J 10 10.06 33.39 -8.83
CA GLY J 10 9.01 33.10 -7.88
C GLY J 10 9.45 32.18 -6.75
N PRO J 11 8.55 31.87 -5.81
CA PRO J 11 8.93 30.95 -4.72
C PRO J 11 9.12 29.50 -5.20
N ARG J 12 9.79 28.66 -4.37
CA ARG J 12 9.95 27.26 -4.70
C ARG J 12 8.55 26.58 -4.73
N GLY J 13 8.37 25.61 -5.62
CA GLY J 13 7.11 24.88 -5.71
C GLY J 13 6.88 23.97 -4.51
N PRO J 14 5.69 23.36 -4.41
CA PRO J 14 5.45 22.46 -3.26
C PRO J 14 6.06 21.06 -3.48
N PRO J 15 6.16 20.19 -2.46
CA PRO J 15 6.70 18.84 -2.71
C PRO J 15 5.73 17.94 -3.51
N GLY J 16 6.22 16.80 -3.98
CA GLY J 16 5.39 15.84 -4.71
C GLY J 16 4.47 15.02 -3.82
#